data_7NTM
#
_entry.id   7NTM
#
_cell.length_a   1.00
_cell.length_b   1.00
_cell.length_c   1.00
_cell.angle_alpha   90.00
_cell.angle_beta   90.00
_cell.angle_gamma   90.00
#
_symmetry.space_group_name_H-M   'P 1'
#
loop_
_entity.id
_entity.type
_entity.pdbx_description
1 polymer 'Alcohol dehydrogenase 1'
2 non-polymer 'ZINC ION'
#
_entity_poly.entity_id   1
_entity_poly.type   'polypeptide(L)'
_entity_poly.pdbx_seq_one_letter_code
;SIPETQKGVIFYESHGKLEYKDIPVPKPKANELLINVKYSGVCHTDLHAWHGDWPLPVKLPLVGGHEGAGVVVGMGENVK
GWKIGDYAGIKWLNGSCMACEYCELGNESNCPHADLSGYTHDGSFQQYATADAVQAAHIPQGTDLAQVAPILCAGITVYK
ALKSANLMAGHWVAISGAAGGLGSLAVQYAKAMGYRVLGIDGGEGKEELFRSIGGEVFIDFTKEKDIVGAVLKATDGGAH
GVINVSVSEAAIEASTRYVRANGTTVLVGMPAGAKCCSDVFNQVVKSISIVGSYVGNRADTREALDFFARGLVKSPIKVV
GLSTLPEIYEKMEKGQIVGRYVVDTSK
;
_entity_poly.pdbx_strand_id   A,B,D,C
#
# COMPACT_ATOMS: atom_id res chain seq x y z
N SER A 1 -32.97 -12.94 37.82
CA SER A 1 -32.59 -13.16 36.40
C SER A 1 -31.15 -13.68 36.33
N ILE A 2 -30.18 -12.82 36.62
CA ILE A 2 -28.76 -13.30 36.66
C ILE A 2 -28.62 -14.19 37.89
N PRO A 3 -28.28 -15.49 37.74
CA PRO A 3 -28.21 -16.40 38.87
C PRO A 3 -26.91 -16.28 39.66
N GLU A 4 -26.82 -16.98 40.80
CA GLU A 4 -25.57 -16.97 41.61
C GLU A 4 -24.73 -18.19 41.25
N THR A 5 -25.38 -19.25 40.77
CA THR A 5 -24.66 -20.51 40.45
C THR A 5 -24.78 -20.82 38.96
N GLN A 6 -23.69 -21.28 38.34
CA GLN A 6 -23.74 -21.71 36.92
C GLN A 6 -23.05 -23.07 36.83
N LYS A 7 -22.82 -23.56 35.61
CA LYS A 7 -22.11 -24.85 35.43
C LYS A 7 -21.13 -24.73 34.27
N GLY A 8 -19.97 -25.37 34.39
CA GLY A 8 -18.95 -25.31 33.32
C GLY A 8 -17.90 -26.39 33.51
N VAL A 9 -17.07 -26.61 32.48
CA VAL A 9 -15.98 -27.62 32.58
C VAL A 9 -14.73 -26.92 33.10
N ILE A 10 -14.24 -27.32 34.28
CA ILE A 10 -13.07 -26.66 34.90
C ILE A 10 -11.99 -27.71 35.22
N PHE A 11 -10.72 -27.40 34.90
CA PHE A 11 -9.62 -28.32 35.28
C PHE A 11 -8.75 -27.60 36.31
N TYR A 12 -8.69 -28.14 37.53
CA TYR A 12 -7.92 -27.48 38.62
C TYR A 12 -6.43 -27.68 38.40
N GLU A 13 -6.02 -28.90 38.01
CA GLU A 13 -4.59 -29.21 37.76
C GLU A 13 -4.37 -29.34 36.25
N SER A 14 -3.21 -28.89 35.77
CA SER A 14 -2.88 -29.03 34.33
C SER A 14 -2.81 -30.52 33.97
N HIS A 15 -3.46 -30.91 32.86
CA HIS A 15 -3.51 -32.34 32.45
C HIS A 15 -4.25 -33.16 33.51
N GLY A 16 -5.28 -32.56 34.14
CA GLY A 16 -6.07 -33.28 35.15
C GLY A 16 -7.40 -33.76 34.59
N LYS A 17 -8.32 -34.19 35.45
CA LYS A 17 -9.65 -34.64 34.99
C LYS A 17 -10.56 -33.42 34.80
N LEU A 18 -10.93 -33.11 33.56
CA LEU A 18 -11.85 -31.97 33.29
C LEU A 18 -13.19 -32.30 33.94
N GLU A 19 -13.68 -31.43 34.84
CA GLU A 19 -14.92 -31.74 35.59
C GLU A 19 -16.04 -30.77 35.25
N TYR A 20 -17.27 -31.27 35.12
CA TYR A 20 -18.44 -30.40 34.86
C TYR A 20 -19.17 -30.20 36.19
N LYS A 21 -18.81 -29.15 36.94
CA LYS A 21 -19.41 -28.95 38.29
C LYS A 21 -20.03 -27.56 38.42
N ASP A 22 -20.80 -27.33 39.47
CA ASP A 22 -21.45 -26.02 39.69
C ASP A 22 -20.39 -25.01 40.16
N ILE A 23 -20.27 -23.88 39.45
CA ILE A 23 -19.23 -22.86 39.79
C ILE A 23 -19.93 -21.54 40.09
N PRO A 24 -19.30 -20.61 40.85
CA PRO A 24 -19.88 -19.30 41.09
C PRO A 24 -19.95 -18.45 39.81
N VAL A 25 -21.01 -17.65 39.66
CA VAL A 25 -21.17 -16.81 38.44
C VAL A 25 -20.25 -15.60 38.53
N PRO A 26 -19.55 -15.21 37.45
CA PRO A 26 -18.61 -14.09 37.49
C PRO A 26 -19.32 -12.73 37.57
N LYS A 27 -18.74 -11.77 38.29
CA LYS A 27 -19.33 -10.40 38.35
C LYS A 27 -18.56 -9.49 37.39
N PRO A 28 -19.23 -8.71 36.52
CA PRO A 28 -18.54 -7.89 35.53
C PRO A 28 -17.74 -6.73 36.14
N LYS A 29 -16.68 -6.29 35.46
CA LYS A 29 -15.90 -5.12 35.92
C LYS A 29 -16.41 -3.86 35.22
N ALA A 30 -15.75 -2.72 35.43
CA ALA A 30 -16.24 -1.43 34.86
C ALA A 30 -16.30 -1.49 33.34
N ASN A 31 -15.31 -2.10 32.69
CA ASN A 31 -15.26 -2.12 31.21
C ASN A 31 -15.62 -3.51 30.69
N GLU A 32 -16.34 -4.30 31.48
CA GLU A 32 -16.60 -5.70 31.06
C GLU A 32 -18.10 -5.96 30.89
N LEU A 33 -18.47 -6.84 29.95
CA LEU A 33 -19.89 -7.22 29.75
C LEU A 33 -20.09 -8.63 30.29
N LEU A 34 -21.21 -8.89 30.96
CA LEU A 34 -21.51 -10.28 31.39
C LEU A 34 -22.35 -10.92 30.29
N ILE A 35 -21.83 -11.97 29.65
CA ILE A 35 -22.54 -12.59 28.50
C ILE A 35 -23.06 -13.98 28.88
N ASN A 36 -24.34 -14.26 28.60
CA ASN A 36 -24.86 -15.62 28.84
C ASN A 36 -24.50 -16.45 27.59
N VAL A 37 -23.38 -17.17 27.64
CA VAL A 37 -22.93 -17.98 26.48
C VAL A 37 -24.02 -18.99 26.13
N LYS A 38 -24.45 -19.01 24.87
CA LYS A 38 -25.47 -19.98 24.42
C LYS A 38 -24.76 -21.14 23.73
N TYR A 39 -23.86 -20.83 22.80
CA TYR A 39 -23.11 -21.88 22.07
C TYR A 39 -21.61 -21.56 22.09
N SER A 40 -20.78 -22.58 22.29
CA SER A 40 -19.31 -22.37 22.33
C SER A 40 -18.62 -23.40 21.42
N GLY A 41 -17.70 -22.93 20.58
CA GLY A 41 -16.95 -23.85 19.70
C GLY A 41 -15.77 -24.49 20.44
N VAL A 42 -15.45 -25.74 20.10
CA VAL A 42 -14.29 -26.43 20.73
C VAL A 42 -13.14 -26.44 19.73
N CYS A 43 -11.94 -26.03 20.16
CA CYS A 43 -10.77 -25.96 19.25
C CYS A 43 -9.61 -26.78 19.83
N HIS A 44 -8.55 -27.00 19.05
CA HIS A 44 -7.37 -27.76 19.53
C HIS A 44 -6.56 -26.90 20.49
N THR A 45 -6.74 -25.57 20.44
CA THR A 45 -6.04 -24.67 21.38
C THR A 45 -6.52 -24.99 22.79
N ASP A 46 -7.75 -25.45 22.95
CA ASP A 46 -8.29 -25.83 24.27
C ASP A 46 -7.47 -27.01 24.82
N LEU A 47 -7.22 -28.02 24.00
CA LEU A 47 -6.38 -29.17 24.42
C LEU A 47 -4.98 -28.66 24.77
N HIS A 48 -4.45 -27.71 23.99
CA HIS A 48 -3.11 -27.15 24.30
C HIS A 48 -3.12 -26.51 25.69
N ALA A 49 -4.15 -25.71 26.00
CA ALA A 49 -4.24 -25.03 27.31
C ALA A 49 -4.37 -26.08 28.42
N TRP A 50 -5.07 -27.18 28.13
CA TRP A 50 -5.25 -28.26 29.13
C TRP A 50 -3.92 -28.93 29.44
N HIS A 51 -3.09 -29.15 28.42
CA HIS A 51 -1.80 -29.86 28.63
C HIS A 51 -0.76 -28.91 29.22
N GLY A 52 -0.59 -27.73 28.63
CA GLY A 52 0.44 -26.77 29.08
C GLY A 52 1.61 -26.79 28.14
N ASP A 53 1.37 -27.06 26.86
CA ASP A 53 2.47 -27.18 25.86
C ASP A 53 3.01 -25.80 25.52
N TRP A 54 2.13 -24.79 25.43
CA TRP A 54 2.58 -23.42 25.05
C TRP A 54 3.37 -22.79 26.19
N PRO A 55 4.28 -21.82 25.92
CA PRO A 55 5.15 -21.26 26.96
C PRO A 55 4.49 -20.45 28.09
N LEU A 56 3.38 -19.77 27.82
CA LEU A 56 2.75 -18.89 28.83
C LEU A 56 2.16 -19.72 29.98
N PRO A 57 2.24 -19.25 31.24
CA PRO A 57 1.64 -19.97 32.37
C PRO A 57 0.11 -19.85 32.36
N VAL A 58 -0.59 -20.93 32.72
CA VAL A 58 -2.08 -20.94 32.66
C VAL A 58 -2.65 -20.66 34.05
N LYS A 59 -3.62 -19.73 34.15
CA LYS A 59 -4.26 -19.42 35.46
C LYS A 59 -5.14 -20.62 35.86
N LEU A 60 -4.95 -21.15 37.07
CA LEU A 60 -5.70 -22.35 37.51
C LEU A 60 -6.39 -22.07 38.85
N PRO A 61 -7.62 -22.55 39.11
CA PRO A 61 -8.36 -23.38 38.14
C PRO A 61 -8.98 -22.51 37.04
N LEU A 62 -9.22 -23.08 35.86
CA LEU A 62 -9.71 -22.25 34.73
C LEU A 62 -10.76 -22.98 33.89
N VAL A 63 -11.77 -22.26 33.41
CA VAL A 63 -12.75 -22.86 32.46
C VAL A 63 -12.25 -22.46 31.07
N GLY A 64 -12.09 -23.40 30.14
CA GLY A 64 -11.50 -23.09 28.83
C GLY A 64 -12.48 -22.54 27.82
N GLY A 65 -12.11 -22.51 26.55
CA GLY A 65 -12.97 -21.97 25.49
C GLY A 65 -12.54 -20.59 25.07
N HIS A 66 -12.53 -20.32 23.75
CA HIS A 66 -12.17 -18.97 23.24
C HIS A 66 -13.07 -18.62 22.06
N GLU A 67 -14.10 -19.41 21.79
CA GLU A 67 -15.05 -19.08 20.70
C GLU A 67 -16.48 -19.30 21.21
N GLY A 68 -17.04 -18.32 21.92
CA GLY A 68 -18.39 -18.46 22.49
C GLY A 68 -19.31 -17.32 22.09
N ALA A 69 -20.53 -17.64 21.67
CA ALA A 69 -21.53 -16.61 21.30
C ALA A 69 -22.68 -16.64 22.30
N GLY A 70 -23.23 -15.47 22.62
CA GLY A 70 -24.33 -15.41 23.61
C GLY A 70 -24.96 -14.03 23.68
N VAL A 71 -25.76 -13.78 24.74
CA VAL A 71 -26.49 -12.49 24.85
C VAL A 71 -25.89 -11.67 26.00
N VAL A 72 -25.73 -10.36 25.79
CA VAL A 72 -25.22 -9.47 26.86
C VAL A 72 -26.31 -9.36 27.93
N VAL A 73 -26.12 -10.02 29.07
CA VAL A 73 -27.13 -10.01 30.16
C VAL A 73 -26.72 -8.95 31.18
N GLY A 74 -25.42 -8.65 31.29
CA GLY A 74 -24.92 -7.66 32.24
C GLY A 74 -23.92 -6.73 31.59
N MET A 75 -23.73 -5.53 32.16
CA MET A 75 -22.82 -4.53 31.57
C MET A 75 -22.11 -3.79 32.70
N GLY A 76 -20.90 -3.30 32.47
CA GLY A 76 -20.17 -2.52 33.49
C GLY A 76 -20.62 -1.07 33.51
N GLU A 77 -20.06 -0.27 34.41
CA GLU A 77 -20.49 1.15 34.56
C GLU A 77 -19.63 2.07 33.70
N ASN A 78 -19.01 1.53 32.65
CA ASN A 78 -18.13 2.34 31.76
C ASN A 78 -18.35 1.89 30.31
N VAL A 79 -19.01 0.73 30.11
CA VAL A 79 -19.27 0.22 28.74
C VAL A 79 -19.99 1.29 27.93
N LYS A 80 -19.55 1.56 26.70
CA LYS A 80 -20.12 2.71 25.93
C LYS A 80 -21.20 2.28 24.94
N GLY A 81 -20.85 1.57 23.87
CA GLY A 81 -21.84 1.27 22.82
C GLY A 81 -22.41 -0.14 22.88
N TRP A 82 -22.75 -0.62 24.08
CA TRP A 82 -23.40 -1.95 24.18
C TRP A 82 -24.76 -1.79 24.87
N LYS A 83 -25.69 -2.71 24.60
CA LYS A 83 -27.03 -2.67 25.25
C LYS A 83 -27.37 -4.07 25.76
N ILE A 84 -28.28 -4.15 26.75
CA ILE A 84 -28.69 -5.48 27.29
C ILE A 84 -29.60 -6.15 26.25
N GLY A 85 -29.19 -7.31 25.75
CA GLY A 85 -29.99 -8.02 24.71
C GLY A 85 -29.20 -8.14 23.43
N ASP A 86 -28.04 -7.50 23.36
CA ASP A 86 -27.20 -7.53 22.13
C ASP A 86 -26.43 -8.85 22.08
N TYR A 87 -26.16 -9.36 20.87
CA TYR A 87 -25.39 -10.61 20.71
C TYR A 87 -23.89 -10.29 20.78
N ALA A 88 -23.17 -10.97 21.68
CA ALA A 88 -21.72 -10.70 21.85
C ALA A 88 -20.93 -11.98 21.59
N GLY A 89 -19.71 -11.84 21.06
CA GLY A 89 -18.86 -13.01 20.77
C GLY A 89 -17.54 -12.94 21.51
N ILE A 90 -17.24 -13.93 22.35
CA ILE A 90 -15.93 -13.98 23.07
C ILE A 90 -14.90 -14.58 22.12
N LYS A 91 -13.75 -13.92 21.98
CA LYS A 91 -12.68 -14.40 21.07
C LYS A 91 -11.43 -14.76 21.87
N TRP A 92 -10.33 -15.08 21.20
CA TRP A 92 -9.07 -15.48 21.88
C TRP A 92 -8.57 -14.32 22.75
N LEU A 93 -8.32 -13.16 22.13
CA LEU A 93 -7.91 -11.96 22.90
C LEU A 93 -9.12 -11.44 23.69
N ASN A 94 -9.12 -11.63 25.00
CA ASN A 94 -10.25 -11.17 25.86
C ASN A 94 -9.89 -9.81 26.46
N GLY A 95 -9.17 -8.97 25.70
CA GLY A 95 -8.83 -7.63 26.17
C GLY A 95 -7.34 -7.39 26.25
N SER A 96 -6.94 -6.12 26.33
CA SER A 96 -5.51 -5.75 26.42
C SER A 96 -5.40 -4.32 26.95
N CYS A 97 -4.18 -3.79 27.02
CA CYS A 97 -3.94 -2.40 27.51
C CYS A 97 -3.98 -1.43 26.32
N MET A 98 -4.84 -0.41 26.41
CA MET A 98 -4.97 0.60 25.32
C MET A 98 -4.01 1.77 25.60
N ALA A 99 -2.69 1.49 25.60
CA ALA A 99 -1.71 2.56 25.86
C ALA A 99 -0.33 2.24 25.26
N CYS A 100 -0.24 1.39 24.23
CA CYS A 100 1.09 1.11 23.64
C CYS A 100 1.06 1.06 22.11
N GLU A 101 2.24 1.23 21.49
CA GLU A 101 2.38 1.31 20.01
C GLU A 101 1.71 0.10 19.37
N TYR A 102 1.94 -1.11 19.90
CA TYR A 102 1.29 -2.32 19.33
C TYR A 102 -0.22 -2.13 19.24
N CYS A 103 -0.87 -1.94 20.40
CA CYS A 103 -2.35 -1.76 20.45
C CYS A 103 -2.76 -0.53 19.63
N GLU A 104 -2.10 0.61 19.83
CA GLU A 104 -2.44 1.86 19.10
C GLU A 104 -2.38 1.59 17.60
N LEU A 105 -1.52 0.67 17.16
CA LEU A 105 -1.37 0.36 15.71
C LEU A 105 -2.42 -0.67 15.27
N GLY A 106 -3.06 -1.36 16.22
CA GLY A 106 -4.11 -2.33 15.89
C GLY A 106 -3.70 -3.75 16.24
N ASN A 107 -2.40 -4.00 16.40
CA ASN A 107 -1.89 -5.35 16.74
C ASN A 107 -1.98 -5.54 18.26
N GLU A 108 -3.20 -5.51 18.81
CA GLU A 108 -3.39 -5.61 20.28
C GLU A 108 -3.10 -7.03 20.76
N SER A 109 -2.89 -7.97 19.85
CA SER A 109 -2.51 -9.36 20.24
C SER A 109 -1.06 -9.36 20.69
N ASN A 110 -0.25 -8.44 20.15
CA ASN A 110 1.20 -8.37 20.51
C ASN A 110 1.38 -7.45 21.72
N CYS A 111 0.29 -7.14 22.42
CA CYS A 111 0.36 -6.29 23.64
C CYS A 111 1.11 -7.05 24.73
N PRO A 112 2.02 -6.40 25.48
CA PRO A 112 2.73 -7.05 26.58
C PRO A 112 1.76 -7.65 27.60
N HIS A 113 0.68 -6.93 27.93
CA HIS A 113 -0.30 -7.39 28.94
C HIS A 113 -1.63 -7.70 28.26
N ALA A 114 -1.71 -8.82 27.54
CA ALA A 114 -2.94 -9.21 26.82
C ALA A 114 -3.65 -10.34 27.57
N ASP A 115 -4.97 -10.27 27.68
CA ASP A 115 -5.74 -11.36 28.35
C ASP A 115 -6.24 -12.33 27.28
N LEU A 116 -6.07 -13.63 27.52
CA LEU A 116 -6.49 -14.67 26.54
C LEU A 116 -7.61 -15.51 27.16
N SER A 117 -8.69 -15.74 26.41
CA SER A 117 -9.85 -16.51 26.93
C SER A 117 -9.50 -18.00 26.99
N GLY A 118 -9.77 -18.65 28.12
CA GLY A 118 -9.50 -20.08 28.26
C GLY A 118 -8.03 -20.37 28.45
N TYR A 119 -7.24 -19.35 28.82
CA TYR A 119 -5.79 -19.52 29.07
C TYR A 119 -5.41 -18.68 30.28
N THR A 120 -5.59 -17.36 30.18
CA THR A 120 -5.26 -16.45 31.30
C THR A 120 -6.56 -15.92 31.89
N HIS A 121 -7.64 -15.92 31.10
CA HIS A 121 -8.96 -15.46 31.59
C HIS A 121 -9.95 -16.62 31.47
N ASP A 122 -10.92 -16.71 32.37
CA ASP A 122 -11.97 -17.77 32.28
C ASP A 122 -12.65 -17.68 30.92
N GLY A 123 -12.76 -18.81 30.21
CA GLY A 123 -13.29 -18.77 28.83
C GLY A 123 -14.79 -18.94 28.69
N SER A 124 -15.23 -19.59 27.62
CA SER A 124 -16.68 -19.68 27.32
C SER A 124 -17.20 -21.12 27.44
N PHE A 125 -16.50 -21.99 28.16
CA PHE A 125 -17.02 -23.37 28.40
C PHE A 125 -17.91 -23.35 29.63
N GLN A 126 -18.54 -22.21 29.91
CA GLN A 126 -19.49 -22.08 31.06
C GLN A 126 -20.76 -21.42 30.53
N GLN A 127 -21.69 -21.09 31.44
CA GLN A 127 -22.97 -20.47 31.01
C GLN A 127 -22.82 -18.96 30.99
N TYR A 128 -22.23 -18.37 32.04
CA TYR A 128 -22.05 -16.90 32.10
C TYR A 128 -20.56 -16.57 32.07
N ALA A 129 -20.12 -15.75 31.11
CA ALA A 129 -18.70 -15.39 30.98
C ALA A 129 -18.55 -13.87 30.83
N THR A 130 -17.51 -13.30 31.44
CA THR A 130 -17.26 -11.84 31.31
C THR A 130 -16.24 -11.60 30.19
N ALA A 131 -16.30 -10.43 29.56
CA ALA A 131 -15.37 -10.11 28.44
C ALA A 131 -15.18 -8.61 28.35
N ASP A 132 -14.00 -8.16 27.90
CA ASP A 132 -13.75 -6.71 27.70
C ASP A 132 -14.71 -6.21 26.61
N ALA A 133 -15.44 -5.13 26.89
CA ALA A 133 -16.44 -4.61 25.94
C ALA A 133 -15.78 -4.19 24.62
N VAL A 134 -14.57 -3.66 24.68
CA VAL A 134 -13.88 -3.15 23.44
C VAL A 134 -13.51 -4.33 22.54
N GLN A 135 -13.12 -5.46 23.13
CA GLN A 135 -12.64 -6.61 22.32
C GLN A 135 -13.80 -7.54 21.93
N ALA A 136 -14.96 -7.38 22.58
CA ALA A 136 -16.12 -8.28 22.31
C ALA A 136 -16.64 -8.05 20.89
N ALA A 137 -16.91 -9.14 20.16
CA ALA A 137 -17.41 -9.04 18.77
C ALA A 137 -18.90 -8.74 18.77
N HIS A 138 -19.34 -7.79 17.94
CA HIS A 138 -20.78 -7.45 17.82
C HIS A 138 -21.44 -8.39 16.80
N ILE A 139 -22.12 -9.43 17.27
CA ILE A 139 -22.84 -10.36 16.36
C ILE A 139 -24.20 -9.75 16.02
N PRO A 140 -24.58 -9.69 14.72
CA PRO A 140 -25.87 -9.10 14.32
C PRO A 140 -27.09 -9.85 14.88
N GLN A 141 -28.20 -9.14 15.09
CA GLN A 141 -29.41 -9.78 15.69
C GLN A 141 -30.14 -10.62 14.64
N GLY A 142 -30.69 -11.76 15.06
CA GLY A 142 -31.43 -12.65 14.13
C GLY A 142 -30.52 -13.70 13.55
N THR A 143 -29.31 -13.84 14.08
CA THR A 143 -28.33 -14.82 13.53
C THR A 143 -28.32 -16.07 14.40
N ASP A 144 -28.17 -17.25 13.80
CA ASP A 144 -28.04 -18.49 14.61
C ASP A 144 -26.69 -18.42 15.33
N LEU A 145 -26.71 -18.44 16.67
CA LEU A 145 -25.44 -18.29 17.44
C LEU A 145 -24.65 -19.60 17.41
N ALA A 146 -25.25 -20.69 16.93
CA ALA A 146 -24.56 -21.99 16.83
C ALA A 146 -23.70 -22.02 15.56
N GLN A 147 -24.10 -21.27 14.54
CA GLN A 147 -23.37 -21.29 13.24
C GLN A 147 -22.30 -20.19 13.23
N VAL A 148 -22.42 -19.20 14.12
CA VAL A 148 -21.47 -18.05 14.13
C VAL A 148 -20.34 -18.36 15.12
N ALA A 149 -20.50 -19.39 15.95
CA ALA A 149 -19.49 -19.73 16.97
C ALA A 149 -18.20 -20.19 16.30
N PRO A 150 -18.25 -21.08 15.28
CA PRO A 150 -17.07 -21.51 14.56
C PRO A 150 -16.32 -20.39 13.83
N ILE A 151 -17.04 -19.35 13.41
CA ILE A 151 -16.41 -18.24 12.63
C ILE A 151 -15.72 -17.25 13.56
N LEU A 152 -15.90 -17.40 14.87
CA LEU A 152 -15.32 -16.45 15.86
C LEU A 152 -13.81 -16.70 16.03
N CYS A 153 -13.30 -17.77 15.45
CA CYS A 153 -11.83 -18.04 15.48
C CYS A 153 -11.37 -18.40 14.07
N ALA A 154 -11.74 -19.59 13.60
CA ALA A 154 -11.34 -20.07 12.25
C ALA A 154 -11.58 -19.01 11.18
N GLY A 155 -12.81 -18.52 11.07
CA GLY A 155 -13.15 -17.51 10.04
C GLY A 155 -12.21 -16.33 10.06
N ILE A 156 -12.10 -15.67 11.22
CA ILE A 156 -11.27 -14.43 11.28
C ILE A 156 -9.83 -14.78 10.90
N THR A 157 -9.32 -15.91 11.40
CA THR A 157 -7.93 -16.32 11.10
C THR A 157 -7.73 -16.44 9.59
N VAL A 158 -8.56 -17.23 8.90
CA VAL A 158 -8.36 -17.45 7.45
C VAL A 158 -8.53 -16.14 6.69
N TYR A 159 -9.47 -15.29 7.12
CA TYR A 159 -9.72 -14.00 6.43
C TYR A 159 -8.47 -13.14 6.51
N LYS A 160 -7.91 -13.02 7.72
CA LYS A 160 -6.68 -12.19 7.92
C LYS A 160 -5.53 -12.81 7.14
N ALA A 161 -5.48 -14.14 7.05
CA ALA A 161 -4.41 -14.83 6.29
C ALA A 161 -4.45 -14.46 4.82
N LEU A 162 -5.66 -14.39 4.23
CA LEU A 162 -5.80 -13.99 2.81
C LEU A 162 -5.40 -12.51 2.65
N LYS A 163 -5.79 -11.69 3.63
CA LYS A 163 -5.41 -10.25 3.58
C LYS A 163 -3.88 -10.13 3.68
N SER A 164 -3.23 -11.05 4.40
CA SER A 164 -1.75 -11.04 4.56
C SER A 164 -1.10 -11.53 3.27
N ALA A 165 -1.76 -12.45 2.56
CA ALA A 165 -1.25 -12.94 1.26
C ALA A 165 -1.18 -11.78 0.28
N ASN A 166 -2.09 -10.82 0.41
CA ASN A 166 -2.02 -9.60 -0.46
C ASN A 166 -2.27 -9.98 -1.91
N LEU A 167 -3.45 -10.51 -2.21
CA LEU A 167 -3.77 -10.96 -3.58
C LEU A 167 -4.72 -9.95 -4.23
N MET A 168 -4.85 -9.99 -5.55
CA MET A 168 -5.82 -9.11 -6.25
C MET A 168 -6.95 -9.99 -6.78
N ALA A 169 -8.11 -9.40 -7.08
CA ALA A 169 -9.24 -10.18 -7.63
C ALA A 169 -8.82 -10.77 -8.99
N GLY A 170 -8.94 -12.09 -9.13
CA GLY A 170 -8.54 -12.76 -10.38
C GLY A 170 -7.22 -13.48 -10.22
N HIS A 171 -6.62 -13.39 -9.03
CA HIS A 171 -5.31 -14.05 -8.77
C HIS A 171 -5.54 -15.48 -8.30
N TRP A 172 -4.52 -16.34 -8.44
CA TRP A 172 -4.64 -17.75 -8.03
C TRP A 172 -4.20 -17.90 -6.57
N VAL A 173 -5.00 -18.57 -5.75
CA VAL A 173 -4.60 -18.84 -4.33
C VAL A 173 -4.64 -20.35 -4.12
N ALA A 174 -3.51 -20.94 -3.70
CA ALA A 174 -3.46 -22.38 -3.41
C ALA A 174 -3.72 -22.61 -1.92
N ILE A 175 -4.72 -23.41 -1.59
CA ILE A 175 -5.02 -23.72 -0.16
C ILE A 175 -4.69 -25.19 0.10
N SER A 176 -3.65 -25.46 0.90
CA SER A 176 -3.29 -26.85 1.26
C SER A 176 -4.31 -27.37 2.27
N GLY A 177 -4.89 -28.55 2.04
CA GLY A 177 -5.95 -29.05 2.93
C GLY A 177 -7.21 -28.23 2.74
N ALA A 178 -7.72 -28.16 1.51
CA ALA A 178 -8.87 -27.29 1.20
C ALA A 178 -10.20 -27.93 1.61
N ALA A 179 -10.21 -29.23 1.88
CA ALA A 179 -11.46 -29.94 2.24
C ALA A 179 -11.46 -30.24 3.74
N GLY A 180 -10.69 -29.48 4.53
CA GLY A 180 -10.66 -29.66 5.99
C GLY A 180 -11.48 -28.61 6.71
N GLY A 181 -11.37 -28.53 8.03
CA GLY A 181 -12.15 -27.56 8.81
C GLY A 181 -11.74 -26.12 8.55
N LEU A 182 -10.43 -25.84 8.63
CA LEU A 182 -9.93 -24.47 8.42
C LEU A 182 -9.74 -24.22 6.92
N GLY A 183 -9.67 -25.29 6.13
CA GLY A 183 -9.50 -25.15 4.67
C GLY A 183 -10.78 -24.77 3.96
N SER A 184 -11.92 -25.36 4.37
CA SER A 184 -13.23 -25.08 3.73
C SER A 184 -13.56 -23.59 3.87
N LEU A 185 -13.44 -23.06 5.10
CA LEU A 185 -13.73 -21.64 5.35
C LEU A 185 -12.80 -20.78 4.48
N ALA A 186 -11.53 -21.16 4.40
CA ALA A 186 -10.56 -20.41 3.56
C ALA A 186 -11.04 -20.36 2.12
N VAL A 187 -11.38 -21.52 1.55
CA VAL A 187 -11.89 -21.59 0.15
C VAL A 187 -13.06 -20.62 0.01
N GLN A 188 -14.05 -20.71 0.89
CA GLN A 188 -15.27 -19.86 0.78
C GLN A 188 -14.89 -18.38 0.82
N TYR A 189 -14.05 -17.98 1.78
CA TYR A 189 -13.67 -16.55 1.95
C TYR A 189 -12.93 -16.07 0.69
N ALA A 190 -12.03 -16.89 0.16
CA ALA A 190 -11.25 -16.51 -1.04
C ALA A 190 -12.16 -16.36 -2.25
N LYS A 191 -13.17 -17.24 -2.36
CA LYS A 191 -14.15 -17.15 -3.48
C LYS A 191 -14.96 -15.86 -3.33
N ALA A 192 -15.30 -15.49 -2.10
CA ALA A 192 -16.09 -14.26 -1.85
C ALA A 192 -15.22 -13.02 -2.02
N MET A 193 -13.89 -13.18 -1.99
CA MET A 193 -12.96 -12.03 -2.13
C MET A 193 -12.57 -11.85 -3.60
N GLY A 194 -12.96 -12.77 -4.48
CA GLY A 194 -12.70 -12.62 -5.93
C GLY A 194 -11.45 -13.34 -6.39
N TYR A 195 -10.96 -14.30 -5.60
CA TYR A 195 -9.72 -15.03 -5.94
C TYR A 195 -10.05 -16.37 -6.59
N ARG A 196 -9.18 -16.88 -7.46
CA ARG A 196 -9.37 -18.22 -8.06
C ARG A 196 -8.79 -19.25 -7.10
N VAL A 197 -9.60 -20.20 -6.63
CA VAL A 197 -9.14 -21.14 -5.57
C VAL A 197 -8.61 -22.44 -6.16
N LEU A 198 -7.40 -22.85 -5.74
CA LEU A 198 -6.84 -24.16 -6.15
C LEU A 198 -6.67 -24.97 -4.87
N GLY A 199 -7.34 -26.12 -4.76
CA GLY A 199 -7.30 -26.89 -3.51
C GLY A 199 -6.44 -28.13 -3.61
N ILE A 200 -5.54 -28.33 -2.65
CA ILE A 200 -4.69 -29.56 -2.64
C ILE A 200 -5.06 -30.40 -1.41
N ASP A 201 -5.95 -31.37 -1.59
CA ASP A 201 -6.32 -32.30 -0.48
C ASP A 201 -6.44 -33.71 -1.03
N GLY A 202 -6.54 -34.72 -0.16
CA GLY A 202 -6.62 -36.12 -0.62
C GLY A 202 -7.50 -36.94 0.30
N GLY A 203 -8.49 -37.63 -0.26
CA GLY A 203 -9.42 -38.45 0.54
C GLY A 203 -10.66 -38.81 -0.25
N GLU A 204 -11.68 -39.32 0.43
CA GLU A 204 -12.95 -39.72 -0.25
C GLU A 204 -14.00 -38.64 -0.05
N GLY A 205 -14.61 -38.16 -1.14
CA GLY A 205 -15.66 -37.13 -1.05
C GLY A 205 -15.09 -35.75 -0.80
N LYS A 206 -13.77 -35.60 -0.90
CA LYS A 206 -13.10 -34.30 -0.63
C LYS A 206 -13.20 -33.44 -1.89
N GLU A 207 -12.92 -34.02 -3.06
CA GLU A 207 -13.01 -33.28 -4.34
C GLU A 207 -14.43 -32.75 -4.51
N GLU A 208 -15.43 -33.62 -4.26
CA GLU A 208 -16.85 -33.22 -4.40
C GLU A 208 -17.15 -32.04 -3.46
N LEU A 209 -16.73 -32.16 -2.20
CA LEU A 209 -17.00 -31.08 -1.20
C LEU A 209 -16.34 -29.78 -1.66
N PHE A 210 -15.13 -29.86 -2.21
CA PHE A 210 -14.41 -28.66 -2.70
C PHE A 210 -15.21 -28.01 -3.83
N ARG A 211 -15.62 -28.82 -4.80
CA ARG A 211 -16.38 -28.28 -5.97
C ARG A 211 -17.73 -27.73 -5.51
N SER A 212 -18.24 -28.23 -4.37
CA SER A 212 -19.57 -27.78 -3.81
C SER A 212 -19.38 -26.60 -2.87
N ILE A 213 -18.16 -26.06 -2.78
CA ILE A 213 -17.89 -24.91 -1.86
C ILE A 213 -17.23 -23.90 -2.84
N GLY A 214 -17.65 -23.91 -4.10
CA GLY A 214 -17.10 -23.00 -5.13
C GLY A 214 -15.62 -23.26 -5.39
N GLY A 215 -15.27 -24.51 -5.65
CA GLY A 215 -13.86 -24.88 -5.93
C GLY A 215 -13.55 -24.81 -7.42
N GLU A 216 -12.37 -24.28 -7.76
CA GLU A 216 -11.95 -24.15 -9.19
C GLU A 216 -11.20 -25.42 -9.61
N VAL A 217 -9.94 -25.56 -9.16
CA VAL A 217 -9.11 -26.74 -9.51
C VAL A 217 -8.76 -27.51 -8.23
N PHE A 218 -8.93 -28.83 -8.23
CA PHE A 218 -8.59 -29.67 -7.06
C PHE A 218 -7.43 -30.60 -7.40
N ILE A 219 -6.35 -30.58 -6.60
CA ILE A 219 -5.21 -31.50 -6.82
C ILE A 219 -5.29 -32.61 -5.76
N ASP A 220 -5.61 -33.84 -6.16
CA ASP A 220 -5.62 -34.97 -5.20
C ASP A 220 -4.19 -35.47 -5.02
N PHE A 221 -3.61 -35.26 -3.84
CA PHE A 221 -2.19 -35.63 -3.61
C PHE A 221 -2.04 -37.15 -3.45
N THR A 222 -3.15 -37.87 -3.31
CA THR A 222 -3.08 -39.36 -3.22
C THR A 222 -2.93 -39.93 -4.63
N LYS A 223 -3.48 -39.24 -5.63
CA LYS A 223 -3.43 -39.75 -7.03
C LYS A 223 -2.34 -39.00 -7.81
N GLU A 224 -1.87 -37.87 -7.28
CA GLU A 224 -0.80 -37.09 -7.94
C GLU A 224 0.55 -37.42 -7.30
N LYS A 225 1.55 -37.75 -8.12
CA LYS A 225 2.90 -38.07 -7.60
C LYS A 225 3.69 -36.77 -7.46
N ASP A 226 3.58 -35.86 -8.43
CA ASP A 226 4.25 -34.54 -8.33
C ASP A 226 3.20 -33.45 -8.15
N ILE A 227 3.15 -32.84 -6.97
CA ILE A 227 2.14 -31.78 -6.68
C ILE A 227 2.64 -30.45 -7.25
N VAL A 228 3.95 -30.18 -7.12
CA VAL A 228 4.51 -28.88 -7.57
C VAL A 228 4.24 -28.72 -9.07
N GLY A 229 4.56 -29.74 -9.87
CA GLY A 229 4.30 -29.69 -11.32
C GLY A 229 2.85 -29.45 -11.64
N ALA A 230 1.95 -30.16 -10.94
CA ALA A 230 0.49 -30.01 -11.15
C ALA A 230 0.07 -28.56 -10.88
N VAL A 231 0.52 -27.99 -9.76
CA VAL A 231 0.14 -26.59 -9.39
C VAL A 231 0.73 -25.63 -10.42
N LEU A 232 1.92 -25.92 -10.93
CA LEU A 232 2.60 -25.00 -11.88
C LEU A 232 1.96 -25.10 -13.26
N LYS A 233 1.23 -26.20 -13.53
CA LYS A 233 0.54 -26.36 -14.83
C LYS A 233 -0.87 -25.78 -14.76
N ALA A 234 -1.51 -25.87 -13.58
CA ALA A 234 -2.92 -25.42 -13.47
C ALA A 234 -3.00 -23.91 -13.29
N THR A 235 -1.92 -23.26 -12.87
CA THR A 235 -1.98 -21.81 -12.58
C THR A 235 -1.11 -21.03 -13.57
N ASP A 236 -0.84 -21.58 -14.76
CA ASP A 236 0.00 -20.92 -15.78
C ASP A 236 1.26 -20.40 -15.09
N GLY A 237 1.88 -21.24 -14.27
CA GLY A 237 3.01 -20.79 -13.44
C GLY A 237 2.70 -21.13 -12.01
N GLY A 238 3.17 -20.35 -11.04
CA GLY A 238 2.81 -20.63 -9.64
C GLY A 238 1.56 -19.91 -9.20
N ALA A 239 1.05 -20.26 -8.02
CA ALA A 239 -0.11 -19.53 -7.46
C ALA A 239 0.41 -18.24 -6.84
N HIS A 240 -0.28 -17.12 -7.04
CA HIS A 240 0.18 -15.81 -6.51
C HIS A 240 0.29 -15.90 -4.98
N GLY A 241 -0.66 -16.58 -4.33
CA GLY A 241 -0.62 -16.74 -2.87
C GLY A 241 -0.80 -18.20 -2.47
N VAL A 242 -0.14 -18.62 -1.40
CA VAL A 242 -0.31 -20.02 -0.89
C VAL A 242 -0.65 -19.96 0.59
N ILE A 243 -1.87 -20.35 0.95
CA ILE A 243 -2.28 -20.40 2.39
C ILE A 243 -1.96 -21.80 2.91
N ASN A 244 -1.07 -21.90 3.89
CA ASN A 244 -0.67 -23.23 4.44
C ASN A 244 -1.50 -23.56 5.68
N VAL A 245 -2.57 -24.35 5.53
CA VAL A 245 -3.37 -24.79 6.71
C VAL A 245 -2.83 -26.16 7.13
N SER A 246 -2.02 -26.79 6.27
CA SER A 246 -1.37 -28.07 6.64
C SER A 246 -0.11 -27.76 7.46
N VAL A 247 0.10 -28.48 8.56
CA VAL A 247 1.24 -28.18 9.47
C VAL A 247 2.46 -29.04 9.09
N SER A 248 2.31 -29.92 8.09
CA SER A 248 3.41 -30.83 7.67
C SER A 248 4.55 -30.02 7.05
N GLU A 249 5.79 -30.31 7.45
CA GLU A 249 6.97 -29.57 6.94
C GLU A 249 7.13 -29.81 5.43
N ALA A 250 6.88 -31.06 4.99
CA ALA A 250 6.98 -31.39 3.55
C ALA A 250 6.04 -30.50 2.75
N ALA A 251 4.79 -30.34 3.24
CA ALA A 251 3.79 -29.50 2.55
C ALA A 251 4.32 -28.07 2.41
N ILE A 252 4.89 -27.50 3.47
CA ILE A 252 5.35 -26.08 3.44
C ILE A 252 6.55 -25.95 2.48
N GLU A 253 7.40 -26.97 2.40
CA GLU A 253 8.52 -26.93 1.42
C GLU A 253 7.95 -26.89 0.00
N ALA A 254 7.01 -27.80 -0.29
CA ALA A 254 6.38 -27.81 -1.63
C ALA A 254 5.68 -26.47 -1.88
N SER A 255 5.16 -25.83 -0.82
CA SER A 255 4.44 -24.54 -0.95
C SER A 255 5.41 -23.46 -1.43
N THR A 256 6.61 -23.41 -0.84
CA THR A 256 7.63 -22.43 -1.28
C THR A 256 8.02 -22.70 -2.74
N ARG A 257 7.98 -23.97 -3.15
CA ARG A 257 8.40 -24.32 -4.54
C ARG A 257 7.32 -23.97 -5.58
N TYR A 258 6.03 -24.19 -5.28
CA TYR A 258 4.98 -23.97 -6.32
C TYR A 258 4.31 -22.60 -6.17
N VAL A 259 4.96 -21.66 -5.47
CA VAL A 259 4.41 -20.27 -5.39
C VAL A 259 4.96 -19.48 -6.58
N ARG A 260 4.21 -18.47 -7.05
CA ARG A 260 4.63 -17.67 -8.22
C ARG A 260 5.76 -16.73 -7.84
N ALA A 261 6.56 -16.30 -8.81
CA ALA A 261 7.64 -15.32 -8.54
C ALA A 261 7.01 -14.03 -8.00
N ASN A 262 7.60 -13.45 -6.95
CA ASN A 262 7.05 -12.23 -6.31
C ASN A 262 5.74 -12.58 -5.59
N GLY A 263 5.61 -13.82 -5.11
CA GLY A 263 4.37 -14.26 -4.44
C GLY A 263 4.55 -14.38 -2.94
N THR A 264 3.47 -14.68 -2.21
CA THR A 264 3.54 -14.74 -0.73
C THR A 264 3.03 -16.09 -0.22
N THR A 265 3.76 -16.71 0.71
CA THR A 265 3.29 -17.97 1.34
C THR A 265 2.89 -17.62 2.78
N VAL A 266 1.63 -17.83 3.14
CA VAL A 266 1.15 -17.44 4.50
C VAL A 266 1.14 -18.65 5.43
N LEU A 267 1.78 -18.52 6.60
CA LEU A 267 1.79 -19.62 7.60
C LEU A 267 0.73 -19.35 8.65
N VAL A 268 -0.15 -20.32 8.92
CA VAL A 268 -1.27 -20.11 9.88
C VAL A 268 -1.11 -21.08 11.06
N GLY A 269 -0.81 -22.35 10.77
CA GLY A 269 -0.67 -23.37 11.83
C GLY A 269 0.59 -23.16 12.65
N MET A 270 0.58 -23.61 13.91
CA MET A 270 1.74 -23.36 14.82
C MET A 270 2.11 -24.66 15.56
N PRO A 271 2.63 -25.69 14.87
CA PRO A 271 3.10 -26.90 15.56
C PRO A 271 4.44 -26.57 16.23
N ALA A 272 4.43 -26.27 17.53
CA ALA A 272 5.67 -25.86 18.25
C ALA A 272 6.76 -26.92 18.09
N GLY A 273 7.83 -26.60 17.36
CA GLY A 273 8.92 -27.56 17.12
C GLY A 273 9.17 -27.74 15.64
N ALA A 274 8.23 -27.29 14.79
CA ALA A 274 8.36 -27.45 13.33
C ALA A 274 9.28 -26.36 12.76
N LYS A 275 9.92 -26.64 11.63
CA LYS A 275 10.85 -25.66 11.00
C LYS A 275 10.57 -25.61 9.49
N CYS A 276 10.46 -24.42 8.93
CA CYS A 276 10.25 -24.26 7.47
C CYS A 276 11.63 -24.22 6.78
N CYS A 277 12.36 -25.33 6.80
CA CYS A 277 13.72 -25.38 6.20
C CYS A 277 13.61 -25.37 4.68
N SER A 278 13.91 -24.22 4.06
CA SER A 278 13.77 -24.09 2.59
C SER A 278 15.05 -23.51 1.98
N ASP A 279 15.20 -23.64 0.66
CA ASP A 279 16.38 -23.06 -0.03
C ASP A 279 16.26 -21.53 -0.05
N VAL A 280 17.28 -20.84 0.44
CA VAL A 280 17.25 -19.34 0.49
C VAL A 280 17.50 -18.81 -0.93
N PHE A 281 18.33 -19.49 -1.72
CA PHE A 281 18.65 -19.05 -3.10
C PHE A 281 17.35 -18.85 -3.89
N ASN A 282 16.48 -19.85 -3.89
CA ASN A 282 15.20 -19.77 -4.63
C ASN A 282 14.41 -18.54 -4.19
N GLN A 283 14.20 -18.37 -2.87
CA GLN A 283 13.39 -17.24 -2.38
C GLN A 283 14.01 -15.91 -2.79
N VAL A 284 15.33 -15.79 -2.74
CA VAL A 284 16.01 -14.50 -3.04
C VAL A 284 15.89 -14.21 -4.54
N VAL A 285 16.02 -15.24 -5.39
CA VAL A 285 16.00 -15.02 -6.86
C VAL A 285 14.58 -14.72 -7.33
N LYS A 286 13.59 -15.47 -6.84
CA LYS A 286 12.19 -15.29 -7.29
C LYS A 286 11.49 -14.24 -6.43
N SER A 287 12.20 -13.67 -5.46
CA SER A 287 11.64 -12.59 -4.60
C SER A 287 10.37 -13.06 -3.90
N ILE A 288 10.42 -14.23 -3.28
CA ILE A 288 9.22 -14.81 -2.59
C ILE A 288 9.17 -14.27 -1.16
N SER A 289 7.98 -14.11 -0.60
CA SER A 289 7.82 -13.61 0.79
C SER A 289 7.12 -14.67 1.63
N ILE A 290 7.68 -15.01 2.80
CA ILE A 290 7.01 -15.97 3.72
C ILE A 290 6.46 -15.16 4.91
N VAL A 291 5.14 -15.09 5.04
CA VAL A 291 4.53 -14.25 6.11
C VAL A 291 3.83 -15.15 7.13
N GLY A 292 4.01 -14.86 8.43
CA GLY A 292 3.28 -15.61 9.47
C GLY A 292 2.07 -14.81 9.93
N SER A 293 0.92 -15.47 10.08
CA SER A 293 -0.33 -14.75 10.46
C SER A 293 -0.89 -15.32 11.76
N TYR A 294 -1.35 -14.45 12.66
CA TYR A 294 -1.94 -14.89 13.94
C TYR A 294 -3.41 -14.47 13.94
N VAL A 295 -3.99 -14.28 15.12
CA VAL A 295 -5.43 -13.90 15.25
C VAL A 295 -5.71 -12.53 14.63
N GLY A 296 -6.93 -12.30 14.16
CA GLY A 296 -7.29 -11.02 13.51
C GLY A 296 -7.64 -9.94 14.51
N ASN A 297 -7.80 -8.71 14.05
CA ASN A 297 -8.10 -7.56 14.95
C ASN A 297 -9.60 -7.26 14.95
N ARG A 298 -9.99 -6.16 15.58
CA ARG A 298 -11.44 -5.79 15.67
C ARG A 298 -12.01 -5.55 14.28
N ALA A 299 -11.31 -4.78 13.45
CA ALA A 299 -11.79 -4.49 12.07
C ALA A 299 -11.93 -5.80 11.30
N ASP A 300 -10.90 -6.66 11.36
CA ASP A 300 -10.94 -7.97 10.65
C ASP A 300 -12.17 -8.75 11.12
N THR A 301 -12.40 -8.81 12.43
CA THR A 301 -13.58 -9.53 12.99
C THR A 301 -14.84 -9.00 12.32
N ARG A 302 -15.06 -7.68 12.39
CA ARG A 302 -16.26 -7.06 11.77
C ARG A 302 -16.41 -7.52 10.32
N GLU A 303 -15.35 -7.36 9.50
CA GLU A 303 -15.43 -7.69 8.06
C GLU A 303 -15.80 -9.17 7.83
N ALA A 304 -15.14 -10.08 8.55
CA ALA A 304 -15.40 -11.53 8.39
C ALA A 304 -16.86 -11.84 8.76
N LEU A 305 -17.33 -11.26 9.86
CA LEU A 305 -18.72 -11.50 10.31
C LEU A 305 -19.71 -10.94 9.28
N ASP A 306 -19.35 -9.84 8.62
CA ASP A 306 -20.21 -9.25 7.56
C ASP A 306 -20.34 -10.24 6.40
N PHE A 307 -19.23 -10.87 6.00
CA PHE A 307 -19.33 -11.92 4.94
C PHE A 307 -20.30 -13.02 5.38
N PHE A 308 -20.15 -13.46 6.63
CA PHE A 308 -21.05 -14.54 7.16
C PHE A 308 -22.51 -14.09 7.12
N ALA A 309 -22.78 -12.82 7.44
CA ALA A 309 -24.16 -12.29 7.46
C ALA A 309 -24.70 -12.23 6.03
N ARG A 310 -23.87 -11.84 5.07
CA ARG A 310 -24.31 -11.82 3.64
C ARG A 310 -24.65 -13.26 3.22
N GLY A 311 -23.96 -14.25 3.78
CA GLY A 311 -24.32 -15.66 3.49
C GLY A 311 -23.37 -16.28 2.49
N LEU A 312 -22.12 -15.82 2.47
CA LEU A 312 -21.13 -16.33 1.49
C LEU A 312 -20.22 -17.35 2.18
N VAL A 313 -20.21 -17.35 3.51
CA VAL A 313 -19.34 -18.30 4.28
C VAL A 313 -20.25 -19.17 5.16
N LYS A 314 -20.07 -20.49 5.11
CA LYS A 314 -20.92 -21.42 5.90
C LYS A 314 -20.06 -22.52 6.51
N SER A 315 -20.43 -23.01 7.70
CA SER A 315 -19.68 -24.10 8.36
C SER A 315 -20.65 -25.18 8.82
N PRO A 316 -20.62 -26.40 8.22
CA PRO A 316 -21.46 -27.50 8.69
C PRO A 316 -20.97 -27.95 10.07
N ILE A 317 -21.77 -27.75 11.12
CA ILE A 317 -21.29 -28.05 12.50
C ILE A 317 -22.12 -29.15 13.16
N LYS A 318 -21.62 -29.73 14.24
CA LYS A 318 -22.37 -30.77 14.99
C LYS A 318 -22.54 -30.28 16.43
N VAL A 319 -23.78 -30.14 16.90
CA VAL A 319 -24.01 -29.55 18.25
C VAL A 319 -24.12 -30.67 19.30
N VAL A 320 -23.32 -30.56 20.37
CA VAL A 320 -23.41 -31.54 21.50
C VAL A 320 -23.59 -30.73 22.79
N GLY A 321 -23.84 -31.39 23.92
CA GLY A 321 -24.07 -30.69 25.19
C GLY A 321 -22.79 -30.35 25.91
N LEU A 322 -22.86 -29.42 26.88
CA LEU A 322 -21.66 -29.01 27.65
C LEU A 322 -21.31 -30.12 28.66
N SER A 323 -22.27 -30.98 28.97
CA SER A 323 -22.05 -32.08 29.95
C SER A 323 -21.18 -33.17 29.34
N THR A 324 -21.00 -33.16 28.03
CA THR A 324 -20.24 -34.23 27.34
C THR A 324 -18.88 -33.71 26.88
N LEU A 325 -18.52 -32.49 27.28
CA LEU A 325 -17.25 -31.85 26.80
C LEU A 325 -16.04 -32.64 27.29
N PRO A 326 -16.02 -33.21 28.51
CA PRO A 326 -14.90 -34.04 28.96
C PRO A 326 -14.54 -35.16 27.97
N GLU A 327 -15.53 -35.94 27.55
CA GLU A 327 -15.29 -37.05 26.59
C GLU A 327 -14.82 -36.48 25.24
N ILE A 328 -15.38 -35.34 24.83
CA ILE A 328 -14.96 -34.69 23.56
C ILE A 328 -13.47 -34.34 23.67
N TYR A 329 -13.05 -33.80 24.81
CA TYR A 329 -11.63 -33.44 25.05
C TYR A 329 -10.78 -34.69 24.90
N GLU A 330 -11.23 -35.81 25.48
CA GLU A 330 -10.47 -37.09 25.39
C GLU A 330 -10.34 -37.53 23.93
N LYS A 331 -11.42 -37.46 23.17
CA LYS A 331 -11.38 -37.84 21.73
C LYS A 331 -10.47 -36.87 20.96
N MET A 332 -10.45 -35.60 21.35
CA MET A 332 -9.58 -34.58 20.69
C MET A 332 -8.12 -34.93 20.98
N GLU A 333 -7.83 -35.39 22.20
CA GLU A 333 -6.45 -35.79 22.56
C GLU A 333 -6.09 -37.07 21.80
N LYS A 334 -7.08 -37.93 21.54
CA LYS A 334 -6.84 -39.18 20.78
C LYS A 334 -6.75 -38.86 19.29
N GLY A 335 -7.19 -37.67 18.87
CA GLY A 335 -7.16 -37.26 17.46
C GLY A 335 -8.08 -38.11 16.62
N GLN A 336 -9.38 -38.13 16.96
CA GLN A 336 -10.33 -39.00 16.24
C GLN A 336 -11.58 -38.23 15.83
N ILE A 337 -12.04 -37.30 16.68
CA ILE A 337 -13.31 -36.56 16.41
C ILE A 337 -13.14 -35.72 15.14
N VAL A 338 -14.10 -35.83 14.21
CA VAL A 338 -14.02 -35.06 12.93
C VAL A 338 -15.15 -34.03 12.91
N GLY A 339 -14.91 -32.87 12.28
CA GLY A 339 -15.99 -31.87 12.13
C GLY A 339 -15.85 -30.74 13.12
N ARG A 340 -16.44 -29.58 12.81
CA ARG A 340 -16.42 -28.46 13.79
C ARG A 340 -17.44 -28.78 14.88
N TYR A 341 -16.98 -28.92 16.13
CA TYR A 341 -17.88 -29.29 17.25
C TYR A 341 -18.34 -28.01 17.97
N VAL A 342 -19.65 -27.83 18.11
CA VAL A 342 -20.19 -26.66 18.86
C VAL A 342 -20.91 -27.21 20.11
N VAL A 343 -20.63 -26.65 21.28
CA VAL A 343 -21.23 -27.20 22.54
C VAL A 343 -22.38 -26.31 22.99
N ASP A 344 -23.56 -26.89 23.23
CA ASP A 344 -24.70 -26.11 23.78
C ASP A 344 -24.51 -26.00 25.29
N THR A 345 -24.34 -24.79 25.80
CA THR A 345 -24.09 -24.59 27.25
C THR A 345 -25.40 -24.76 28.03
N SER A 346 -26.54 -24.66 27.35
CA SER A 346 -27.87 -24.77 28.02
C SER A 346 -28.01 -26.16 28.65
N LYS A 347 -27.75 -27.21 27.88
CA LYS A 347 -27.86 -28.59 28.40
C LYS A 347 -26.48 -29.06 28.87
N SER B 1 37.04 6.46 -35.74
CA SER B 1 36.61 6.70 -34.34
C SER B 1 36.28 5.37 -33.66
N ILE B 2 35.19 4.71 -34.08
CA ILE B 2 34.88 3.36 -33.52
C ILE B 2 35.90 2.38 -34.09
N PRO B 3 36.82 1.82 -33.29
CA PRO B 3 37.86 0.94 -33.82
C PRO B 3 37.32 -0.42 -34.27
N GLU B 4 38.18 -1.27 -34.82
CA GLU B 4 37.76 -2.63 -35.25
C GLU B 4 38.33 -3.66 -34.26
N THR B 5 39.35 -3.26 -33.50
CA THR B 5 39.98 -4.18 -32.51
C THR B 5 39.89 -3.57 -31.11
N GLN B 6 39.64 -4.39 -30.10
CA GLN B 6 39.60 -3.91 -28.69
C GLN B 6 40.35 -4.93 -27.83
N LYS B 7 40.38 -4.71 -26.51
CA LYS B 7 41.04 -5.67 -25.60
C LYS B 7 40.11 -5.93 -24.41
N GLY B 8 40.08 -7.17 -23.92
CA GLY B 8 39.21 -7.53 -22.77
C GLY B 8 39.62 -8.85 -22.17
N VAL B 9 39.06 -9.20 -21.00
CA VAL B 9 39.38 -10.49 -20.33
C VAL B 9 38.34 -11.52 -20.75
N ILE B 10 38.77 -12.56 -21.47
CA ILE B 10 37.82 -13.60 -21.99
C ILE B 10 38.27 -14.97 -21.50
N PHE B 11 37.32 -15.82 -21.10
CA PHE B 11 37.65 -17.22 -20.69
C PHE B 11 36.95 -18.18 -21.65
N TYR B 12 37.73 -18.94 -22.43
CA TYR B 12 37.15 -19.87 -23.43
C TYR B 12 36.50 -21.06 -22.74
N GLU B 13 37.17 -21.64 -21.73
CA GLU B 13 36.63 -22.80 -21.00
C GLU B 13 36.19 -22.36 -19.60
N SER B 14 35.24 -23.07 -19.00
CA SER B 14 34.78 -22.74 -17.63
C SER B 14 35.86 -23.15 -16.63
N HIS B 15 36.26 -22.22 -15.74
CA HIS B 15 37.34 -22.51 -14.76
C HIS B 15 38.68 -22.58 -15.49
N GLY B 16 38.82 -21.84 -16.60
CA GLY B 16 40.07 -21.84 -17.36
C GLY B 16 40.91 -20.61 -17.04
N LYS B 17 42.01 -20.41 -17.79
CA LYS B 17 42.90 -19.24 -17.56
C LYS B 17 42.29 -18.00 -18.20
N LEU B 18 41.95 -16.99 -17.39
CA LEU B 18 41.39 -15.73 -17.94
C LEU B 18 42.49 -15.01 -18.72
N GLU B 19 42.21 -14.65 -19.98
CA GLU B 19 43.27 -14.07 -20.85
C GLU B 19 42.93 -12.63 -21.23
N TYR B 20 43.96 -11.79 -21.43
CA TYR B 20 43.74 -10.38 -21.87
C TYR B 20 44.25 -10.27 -23.30
N LYS B 21 43.43 -10.66 -24.29
CA LYS B 21 43.88 -10.65 -25.71
C LYS B 21 43.01 -9.72 -26.55
N ASP B 22 43.45 -9.39 -27.76
CA ASP B 22 42.67 -8.50 -28.65
C ASP B 22 41.48 -9.27 -29.23
N ILE B 23 40.28 -8.73 -29.08
CA ILE B 23 39.04 -9.43 -29.55
C ILE B 23 38.29 -8.53 -30.53
N PRO B 24 37.47 -9.08 -31.45
CA PRO B 24 36.69 -8.25 -32.37
C PRO B 24 35.73 -7.33 -31.61
N VAL B 25 35.46 -6.13 -32.16
CA VAL B 25 34.57 -5.15 -31.48
C VAL B 25 33.12 -5.47 -31.83
N PRO B 26 32.18 -5.43 -30.86
CA PRO B 26 30.78 -5.79 -31.12
C PRO B 26 30.05 -4.75 -31.99
N LYS B 27 29.19 -5.21 -32.90
CA LYS B 27 28.37 -4.27 -33.72
C LYS B 27 26.98 -4.15 -33.11
N PRO B 28 26.45 -2.93 -32.88
CA PRO B 28 25.16 -2.76 -32.20
C PRO B 28 23.98 -3.34 -32.99
N LYS B 29 22.94 -3.80 -32.29
CA LYS B 29 21.72 -4.30 -32.98
C LYS B 29 20.75 -3.12 -33.15
N ALA B 30 19.48 -3.39 -33.43
CA ALA B 30 18.52 -2.29 -33.72
C ALA B 30 18.13 -1.56 -32.43
N ASN B 31 18.05 -2.27 -31.31
CA ASN B 31 17.59 -1.66 -30.04
C ASN B 31 18.75 -1.61 -29.05
N GLU B 32 19.99 -1.66 -29.53
CA GLU B 32 21.15 -1.73 -28.61
C GLU B 32 22.05 -0.50 -28.78
N LEU B 33 22.73 -0.08 -27.70
CA LEU B 33 23.67 1.06 -27.77
C LEU B 33 25.10 0.50 -27.70
N LEU B 34 26.04 1.11 -28.41
CA LEU B 34 27.47 0.69 -28.29
C LEU B 34 28.15 1.61 -27.28
N ILE B 35 28.48 1.10 -26.10
CA ILE B 35 29.07 1.97 -25.03
C ILE B 35 30.57 1.74 -24.95
N ASN B 36 31.35 2.81 -24.83
CA ASN B 36 32.82 2.66 -24.61
C ASN B 36 33.03 2.61 -23.10
N VAL B 37 33.10 1.41 -22.53
CA VAL B 37 33.25 1.26 -21.05
C VAL B 37 34.53 1.99 -20.64
N LYS B 38 34.43 2.91 -19.69
CA LYS B 38 35.60 3.65 -19.18
C LYS B 38 36.05 3.01 -17.87
N TYR B 39 35.10 2.73 -16.98
CA TYR B 39 35.41 2.08 -15.68
C TYR B 39 34.40 0.96 -15.43
N SER B 40 34.88 -0.19 -14.94
CA SER B 40 33.98 -1.35 -14.66
C SER B 40 34.27 -1.90 -13.27
N GLY B 41 33.22 -2.23 -12.51
CA GLY B 41 33.39 -2.78 -11.15
C GLY B 41 33.54 -4.29 -11.17
N VAL B 42 34.33 -4.83 -10.24
CA VAL B 42 34.52 -6.30 -10.14
C VAL B 42 33.69 -6.81 -8.96
N CYS B 43 32.78 -7.77 -9.21
CA CYS B 43 31.90 -8.31 -8.14
C CYS B 43 32.24 -9.77 -7.90
N HIS B 44 31.68 -10.38 -6.85
CA HIS B 44 31.92 -11.82 -6.56
C HIS B 44 31.09 -12.66 -7.51
N THR B 45 30.12 -12.06 -8.20
CA THR B 45 29.25 -12.79 -9.16
C THR B 45 30.09 -13.20 -10.38
N ASP B 46 31.15 -12.46 -10.67
CA ASP B 46 32.04 -12.77 -11.82
C ASP B 46 32.77 -14.08 -11.54
N LEU B 47 33.21 -14.30 -10.30
CA LEU B 47 33.88 -15.57 -9.93
C LEU B 47 32.89 -16.72 -10.14
N HIS B 48 31.61 -16.48 -9.86
CA HIS B 48 30.58 -17.53 -10.03
C HIS B 48 30.39 -17.82 -11.52
N ALA B 49 30.36 -16.78 -12.34
CA ALA B 49 30.23 -16.97 -13.81
C ALA B 49 31.46 -17.72 -14.33
N TRP B 50 32.59 -17.59 -13.65
CA TRP B 50 33.86 -18.25 -14.08
C TRP B 50 33.83 -19.72 -13.68
N HIS B 51 33.27 -20.04 -12.50
CA HIS B 51 33.29 -21.44 -12.01
C HIS B 51 32.15 -22.24 -12.62
N GLY B 52 30.98 -21.64 -12.78
CA GLY B 52 29.81 -22.37 -13.30
C GLY B 52 29.02 -22.98 -12.15
N ASP B 53 28.98 -22.28 -11.01
CA ASP B 53 28.30 -22.82 -9.81
C ASP B 53 26.79 -22.65 -9.94
N TRP B 54 26.34 -21.51 -10.48
CA TRP B 54 24.89 -21.24 -10.62
C TRP B 54 24.28 -22.21 -11.63
N PRO B 55 22.94 -22.40 -11.66
CA PRO B 55 22.32 -23.41 -12.54
C PRO B 55 22.26 -23.10 -14.04
N LEU B 56 22.15 -21.83 -14.42
CA LEU B 56 21.97 -21.47 -15.85
C LEU B 56 23.27 -21.71 -16.63
N PRO B 57 23.21 -22.17 -17.90
CA PRO B 57 24.41 -22.40 -18.71
C PRO B 57 25.06 -21.09 -19.17
N VAL B 58 26.39 -21.06 -19.26
CA VAL B 58 27.12 -19.81 -19.61
C VAL B 58 27.51 -19.83 -21.09
N LYS B 59 27.44 -18.68 -21.77
CA LYS B 59 27.80 -18.60 -23.21
C LYS B 59 29.31 -18.43 -23.34
N LEU B 60 29.99 -19.40 -23.96
CA LEU B 60 31.47 -19.36 -24.10
C LEU B 60 31.83 -19.23 -25.58
N PRO B 61 32.87 -18.45 -25.95
CA PRO B 61 33.65 -17.67 -24.99
C PRO B 61 32.92 -16.36 -24.61
N LEU B 62 33.17 -15.84 -23.41
CA LEU B 62 32.42 -14.64 -22.96
C LEU B 62 33.33 -13.72 -22.12
N VAL B 63 33.11 -12.40 -22.20
CA VAL B 63 33.86 -11.44 -21.34
C VAL B 63 32.93 -11.09 -20.17
N GLY B 64 33.38 -11.30 -18.93
CA GLY B 64 32.50 -11.09 -17.77
C GLY B 64 32.31 -9.63 -17.41
N GLY B 65 31.67 -9.36 -16.28
CA GLY B 65 31.41 -7.98 -15.84
C GLY B 65 29.94 -7.63 -15.96
N HIS B 66 29.36 -7.01 -14.93
CA HIS B 66 27.93 -6.62 -14.95
C HIS B 66 27.76 -5.19 -14.42
N GLU B 67 28.84 -4.55 -13.95
CA GLU B 67 28.74 -3.15 -13.49
C GLU B 67 29.78 -2.29 -14.21
N GLY B 68 29.39 -1.70 -15.35
CA GLY B 68 30.31 -0.90 -16.17
C GLY B 68 29.70 0.42 -16.61
N ALA B 69 30.46 1.51 -16.49
CA ALA B 69 29.97 2.84 -16.91
C ALA B 69 30.83 3.36 -18.06
N GLY B 70 30.24 4.14 -18.98
CA GLY B 70 31.00 4.63 -20.15
C GLY B 70 30.18 5.60 -20.99
N VAL B 71 30.68 5.94 -22.18
CA VAL B 71 29.99 6.94 -23.06
C VAL B 71 29.34 6.21 -24.24
N VAL B 72 28.12 6.61 -24.60
CA VAL B 72 27.42 6.00 -25.78
C VAL B 72 28.15 6.48 -27.04
N VAL B 73 28.82 5.57 -27.74
CA VAL B 73 29.61 5.95 -28.94
C VAL B 73 28.80 5.63 -30.20
N GLY B 74 27.89 4.65 -30.10
CA GLY B 74 27.03 4.28 -31.23
C GLY B 74 25.69 3.75 -30.77
N MET B 75 24.64 3.96 -31.56
CA MET B 75 23.28 3.45 -31.20
C MET B 75 22.64 2.80 -32.43
N GLY B 76 21.62 1.97 -32.21
CA GLY B 76 20.94 1.28 -33.32
C GLY B 76 20.00 2.20 -34.06
N GLU B 77 19.20 1.65 -34.98
CA GLU B 77 18.29 2.48 -35.81
C GLU B 77 16.88 2.47 -35.20
N ASN B 78 16.77 2.23 -33.89
CA ASN B 78 15.45 2.18 -33.22
C ASN B 78 15.55 2.87 -31.85
N VAL B 79 16.74 2.92 -31.26
CA VAL B 79 16.94 3.64 -29.95
C VAL B 79 16.18 4.97 -29.90
N LYS B 80 15.33 5.18 -28.91
CA LYS B 80 14.47 6.40 -28.91
C LYS B 80 14.98 7.63 -28.14
N GLY B 81 15.31 7.49 -26.86
CA GLY B 81 15.68 8.69 -26.07
C GLY B 81 17.13 8.72 -25.66
N TRP B 82 18.04 8.29 -26.54
CA TRP B 82 19.49 8.34 -26.24
C TRP B 82 20.19 9.25 -27.26
N LYS B 83 21.34 9.81 -26.89
CA LYS B 83 22.12 10.67 -27.82
C LYS B 83 23.59 10.24 -27.76
N ILE B 84 24.37 10.56 -28.78
CA ILE B 84 25.82 10.21 -28.81
C ILE B 84 26.55 11.15 -27.85
N GLY B 85 27.23 10.61 -26.84
CA GLY B 85 27.95 11.43 -25.85
C GLY B 85 27.33 11.30 -24.47
N ASP B 86 26.19 10.61 -24.38
CA ASP B 86 25.48 10.44 -23.09
C ASP B 86 26.18 9.35 -22.28
N TYR B 87 26.14 9.45 -20.95
CA TYR B 87 26.78 8.44 -20.08
C TYR B 87 25.79 7.29 -19.83
N ALA B 88 26.23 6.05 -20.05
CA ALA B 88 25.34 4.88 -19.90
C ALA B 88 25.96 3.87 -18.94
N GLY B 89 25.12 3.09 -18.25
CA GLY B 89 25.63 2.08 -17.30
C GLY B 89 25.08 0.70 -17.60
N ILE B 90 25.97 -0.28 -17.78
CA ILE B 90 25.53 -1.69 -18.04
C ILE B 90 25.29 -2.36 -16.68
N LYS B 91 24.15 -3.05 -16.53
CA LYS B 91 23.81 -3.69 -15.24
C LYS B 91 23.70 -5.21 -15.43
N TRP B 92 23.22 -5.93 -14.42
CA TRP B 92 23.09 -7.41 -14.49
C TRP B 92 22.09 -7.77 -15.60
N LEU B 93 20.86 -7.26 -15.52
CA LEU B 93 19.85 -7.50 -16.57
C LEU B 93 20.20 -6.66 -17.79
N ASN B 94 20.63 -7.29 -18.88
CA ASN B 94 21.04 -6.56 -20.10
C ASN B 94 19.92 -6.66 -21.14
N GLY B 95 18.67 -6.72 -20.69
CA GLY B 95 17.53 -6.74 -21.63
C GLY B 95 16.57 -7.88 -21.35
N SER B 96 15.40 -7.85 -22.00
CA SER B 96 14.38 -8.91 -21.80
C SER B 96 13.29 -8.75 -22.87
N CYS B 97 12.43 -9.77 -23.01
CA CYS B 97 11.29 -9.67 -23.97
C CYS B 97 10.23 -8.78 -23.31
N MET B 98 9.98 -7.60 -23.88
CA MET B 98 8.96 -6.66 -23.33
C MET B 98 7.56 -7.10 -23.79
N ALA B 99 7.22 -8.37 -23.55
CA ALA B 99 5.90 -8.91 -23.95
C ALA B 99 5.58 -10.17 -23.13
N CYS B 100 5.15 -10.00 -21.88
CA CYS B 100 4.82 -11.14 -20.99
C CYS B 100 4.17 -10.56 -19.72
N GLU B 101 4.01 -11.39 -18.68
CA GLU B 101 3.40 -10.93 -17.42
C GLU B 101 4.38 -10.21 -16.50
N TYR B 102 5.61 -10.72 -16.38
CA TYR B 102 6.60 -10.12 -15.46
C TYR B 102 7.19 -8.83 -16.03
N CYS B 103 7.64 -8.88 -17.28
CA CYS B 103 8.28 -7.69 -17.90
C CYS B 103 7.30 -6.51 -17.96
N GLU B 104 6.01 -6.77 -17.73
CA GLU B 104 4.97 -5.70 -17.83
C GLU B 104 4.67 -5.14 -16.44
N LEU B 105 4.96 -5.89 -15.38
CA LEU B 105 4.66 -5.45 -13.99
C LEU B 105 5.91 -4.79 -13.39
N GLY B 106 7.05 -4.86 -14.09
CA GLY B 106 8.30 -4.24 -13.61
C GLY B 106 9.33 -5.27 -13.24
N ASN B 107 8.90 -6.49 -12.89
CA ASN B 107 9.84 -7.58 -12.50
C ASN B 107 10.43 -8.19 -13.77
N GLU B 108 11.15 -7.40 -14.56
CA GLU B 108 11.70 -7.88 -15.85
C GLU B 108 12.88 -8.82 -15.61
N SER B 109 13.25 -9.03 -14.34
CA SER B 109 14.35 -9.97 -14.00
C SER B 109 13.80 -11.39 -13.97
N ASN B 110 12.51 -11.54 -13.71
CA ASN B 110 11.88 -12.88 -13.63
C ASN B 110 11.35 -13.25 -15.01
N CYS B 111 11.82 -12.57 -16.05
CA CYS B 111 11.40 -12.85 -17.45
C CYS B 111 11.96 -14.21 -17.88
N PRO B 112 11.18 -15.05 -18.60
CA PRO B 112 11.68 -16.33 -19.10
C PRO B 112 12.91 -16.13 -20.00
N HIS B 113 12.88 -15.13 -20.88
CA HIS B 113 13.99 -14.89 -21.83
C HIS B 113 14.74 -13.61 -21.44
N ALA B 114 15.52 -13.66 -20.36
CA ALA B 114 16.27 -12.47 -19.88
C ALA B 114 17.75 -12.61 -20.24
N ASP B 115 18.37 -11.53 -20.71
CA ASP B 115 19.82 -11.55 -21.02
C ASP B 115 20.58 -10.99 -19.82
N LEU B 116 21.56 -11.73 -19.31
CA LEU B 116 22.36 -11.27 -18.14
C LEU B 116 23.76 -10.89 -18.62
N SER B 117 24.32 -9.80 -18.10
CA SER B 117 25.65 -9.32 -18.55
C SER B 117 26.75 -10.14 -17.87
N GLY B 118 27.72 -10.63 -18.64
CA GLY B 118 28.84 -11.40 -18.08
C GLY B 118 28.44 -12.84 -17.82
N TYR B 119 27.22 -13.22 -18.21
CA TYR B 119 26.74 -14.62 -18.03
C TYR B 119 26.19 -15.13 -19.36
N THR B 120 25.17 -14.45 -19.90
CA THR B 120 24.55 -14.87 -21.17
C THR B 120 24.95 -13.90 -22.29
N HIS B 121 25.30 -12.66 -21.92
CA HIS B 121 25.72 -11.64 -22.92
C HIS B 121 27.14 -11.18 -22.57
N ASP B 122 27.93 -10.77 -23.57
CA ASP B 122 29.30 -10.24 -23.30
C ASP B 122 29.18 -9.09 -22.31
N GLY B 123 30.02 -9.06 -21.28
CA GLY B 123 29.87 -8.05 -20.21
C GLY B 123 30.63 -6.77 -20.44
N SER B 124 31.20 -6.19 -19.37
CA SER B 124 31.86 -4.87 -19.47
C SER B 124 33.35 -4.95 -19.13
N PHE B 125 33.92 -6.16 -19.07
CA PHE B 125 35.38 -6.29 -18.83
C PHE B 125 35.87 -6.24 -20.28
N GLN B 126 35.57 -5.14 -20.96
CA GLN B 126 35.94 -4.89 -22.38
C GLN B 126 35.90 -3.38 -22.61
N GLN B 127 36.56 -2.90 -23.67
CA GLN B 127 36.58 -1.44 -23.93
C GLN B 127 35.25 -1.01 -24.56
N TYR B 128 34.72 -1.82 -25.47
CA TYR B 128 33.42 -1.50 -26.13
C TYR B 128 32.42 -2.63 -25.85
N ALA B 129 31.25 -2.28 -25.30
CA ALA B 129 30.22 -3.28 -24.96
C ALA B 129 28.85 -2.81 -25.45
N THR B 130 28.01 -3.74 -25.90
CA THR B 130 26.65 -3.38 -26.38
C THR B 130 25.64 -3.68 -25.26
N ALA B 131 24.53 -2.94 -25.23
CA ALA B 131 23.50 -3.13 -24.18
C ALA B 131 22.13 -2.72 -24.71
N ASP B 132 21.06 -3.32 -24.18
CA ASP B 132 19.69 -2.91 -24.58
C ASP B 132 19.48 -1.46 -24.14
N ALA B 133 18.93 -0.62 -25.02
CA ALA B 133 18.78 0.82 -24.71
C ALA B 133 17.71 1.03 -23.64
N VAL B 134 16.79 0.08 -23.47
CA VAL B 134 15.66 0.26 -22.51
C VAL B 134 16.14 -0.10 -21.10
N GLN B 135 17.13 -0.98 -20.98
CA GLN B 135 17.58 -1.45 -19.64
C GLN B 135 18.84 -0.70 -19.20
N ALA B 136 19.45 0.07 -20.10
CA ALA B 136 20.70 0.80 -19.78
C ALA B 136 20.37 1.95 -18.81
N ALA B 137 21.24 2.18 -17.82
CA ALA B 137 20.99 3.23 -16.82
C ALA B 137 21.47 4.59 -17.35
N HIS B 138 20.69 5.64 -17.15
CA HIS B 138 21.08 7.00 -17.58
C HIS B 138 21.89 7.67 -16.45
N ILE B 139 23.22 7.71 -16.59
CA ILE B 139 24.09 8.37 -15.58
C ILE B 139 24.18 9.86 -15.91
N PRO B 140 23.91 10.77 -14.95
CA PRO B 140 23.94 12.21 -15.22
C PRO B 140 25.30 12.68 -15.74
N GLN B 141 25.35 13.81 -16.45
CA GLN B 141 26.61 14.31 -17.04
C GLN B 141 27.43 15.07 -16.00
N GLY B 142 28.75 14.91 -16.02
CA GLY B 142 29.63 15.63 -15.07
C GLY B 142 29.93 14.77 -13.85
N THR B 143 29.58 13.48 -13.91
CA THR B 143 29.78 12.58 -12.76
C THR B 143 31.05 11.76 -12.96
N ASP B 144 31.79 11.47 -11.88
CA ASP B 144 32.98 10.58 -12.00
C ASP B 144 32.46 9.17 -12.32
N LEU B 145 32.85 8.62 -13.48
CA LEU B 145 32.30 7.30 -13.89
C LEU B 145 32.99 6.18 -13.11
N ALA B 146 33.99 6.53 -12.30
CA ALA B 146 34.72 5.51 -11.51
C ALA B 146 34.05 5.32 -10.15
N GLN B 147 33.29 6.33 -9.70
CA GLN B 147 32.64 6.26 -8.37
C GLN B 147 31.20 5.79 -8.53
N VAL B 148 30.66 5.84 -9.76
CA VAL B 148 29.25 5.45 -10.02
C VAL B 148 29.22 3.98 -10.47
N ALA B 149 30.39 3.38 -10.70
CA ALA B 149 30.46 1.99 -11.19
C ALA B 149 30.03 1.03 -10.07
N PRO B 150 30.53 1.20 -8.83
CA PRO B 150 30.13 0.35 -7.72
C PRO B 150 28.64 0.46 -7.35
N ILE B 151 28.00 1.58 -7.69
CA ILE B 151 26.57 1.82 -7.29
C ILE B 151 25.64 1.23 -8.35
N LEU B 152 26.18 0.61 -9.40
CA LEU B 152 25.34 0.07 -10.50
C LEU B 152 24.89 -1.35 -10.15
N CYS B 153 25.39 -1.91 -9.06
CA CYS B 153 24.94 -3.25 -8.59
C CYS B 153 24.66 -3.15 -7.09
N ALA B 154 25.71 -3.06 -6.28
CA ALA B 154 25.56 -2.96 -4.81
C ALA B 154 24.49 -1.92 -4.44
N GLY B 155 24.65 -0.69 -4.92
CA GLY B 155 23.70 0.40 -4.58
C GLY B 155 22.27 0.01 -4.85
N ILE B 156 21.95 -0.34 -6.10
CA ILE B 156 20.53 -0.63 -6.45
C ILE B 156 20.02 -1.78 -5.58
N THR B 157 20.85 -2.82 -5.38
CA THR B 157 20.44 -3.99 -4.57
C THR B 157 20.03 -3.50 -3.17
N VAL B 158 20.93 -2.81 -2.47
CA VAL B 158 20.64 -2.37 -1.06
C VAL B 158 19.40 -1.47 -1.05
N TYR B 159 19.26 -0.60 -2.05
CA TYR B 159 18.12 0.35 -2.09
C TYR B 159 16.80 -0.41 -2.20
N LYS B 160 16.73 -1.39 -3.12
CA LYS B 160 15.48 -2.17 -3.31
C LYS B 160 15.24 -3.02 -2.05
N ALA B 161 16.32 -3.45 -1.40
CA ALA B 161 16.20 -4.27 -0.17
C ALA B 161 15.59 -3.42 0.95
N LEU B 162 15.96 -2.14 1.01
CA LEU B 162 15.44 -1.23 2.06
C LEU B 162 14.02 -0.80 1.69
N LYS B 163 13.65 -0.92 0.40
CA LYS B 163 12.27 -0.57 -0.03
C LYS B 163 11.38 -1.80 0.14
N SER B 164 11.97 -2.98 0.27
CA SER B 164 11.19 -4.23 0.43
C SER B 164 10.91 -4.50 1.90
N ALA B 165 11.52 -3.72 2.79
CA ALA B 165 11.34 -3.92 4.25
C ALA B 165 10.08 -3.19 4.71
N ASN B 166 9.51 -2.35 3.85
CA ASN B 166 8.26 -1.61 4.18
C ASN B 166 8.48 -0.87 5.50
N LEU B 167 9.46 0.04 5.53
CA LEU B 167 9.80 0.79 6.77
C LEU B 167 9.31 2.23 6.63
N MET B 168 9.09 2.93 7.75
CA MET B 168 8.67 4.35 7.71
C MET B 168 9.82 5.19 8.28
N ALA B 169 9.80 6.51 8.05
CA ALA B 169 10.87 7.39 8.54
C ALA B 169 10.81 7.46 10.07
N GLY B 170 11.94 7.19 10.74
CA GLY B 170 11.96 7.19 12.22
C GLY B 170 11.97 5.78 12.75
N HIS B 171 11.86 4.79 11.85
CA HIS B 171 11.84 3.36 12.27
C HIS B 171 13.27 2.85 12.39
N TRP B 172 13.47 1.76 13.14
CA TRP B 172 14.82 1.19 13.36
C TRP B 172 15.12 0.15 12.28
N VAL B 173 16.31 0.20 11.68
CA VAL B 173 16.72 -0.83 10.67
C VAL B 173 18.06 -1.42 11.12
N ALA B 174 18.12 -2.73 11.33
CA ALA B 174 19.38 -3.39 11.73
C ALA B 174 20.08 -3.93 10.47
N ILE B 175 21.34 -3.54 10.25
CA ILE B 175 22.11 -4.03 9.08
C ILE B 175 23.26 -4.91 9.58
N SER B 176 23.22 -6.21 9.29
CA SER B 176 24.33 -7.12 9.67
C SER B 176 25.51 -6.89 8.73
N GLY B 177 26.72 -6.74 9.27
CA GLY B 177 27.88 -6.41 8.43
C GLY B 177 27.74 -4.99 7.92
N ALA B 178 27.63 -4.01 8.82
CA ALA B 178 27.37 -2.62 8.42
C ALA B 178 28.67 -1.91 7.99
N ALA B 179 29.82 -2.52 8.23
CA ALA B 179 31.11 -1.88 7.90
C ALA B 179 31.77 -2.64 6.76
N GLY B 180 30.98 -3.36 5.96
CA GLY B 180 31.53 -4.10 4.79
C GLY B 180 31.29 -3.33 3.51
N GLY B 181 31.37 -4.00 2.36
CA GLY B 181 31.18 -3.33 1.07
C GLY B 181 29.73 -3.02 0.81
N LEU B 182 28.84 -4.00 0.96
CA LEU B 182 27.39 -3.79 0.73
C LEU B 182 26.79 -3.12 1.97
N GLY B 183 27.22 -3.54 3.16
CA GLY B 183 26.68 -2.98 4.41
C GLY B 183 26.85 -1.47 4.50
N SER B 184 28.00 -0.96 4.08
CA SER B 184 28.29 0.50 4.17
C SER B 184 27.29 1.28 3.31
N LEU B 185 27.10 0.83 2.07
CA LEU B 185 26.15 1.51 1.15
C LEU B 185 24.75 1.43 1.76
N ALA B 186 24.41 0.27 2.33
CA ALA B 186 23.10 0.10 2.98
C ALA B 186 22.91 1.17 4.07
N VAL B 187 23.89 1.30 4.97
CA VAL B 187 23.80 2.30 6.06
C VAL B 187 23.55 3.68 5.44
N GLN B 188 24.35 4.07 4.45
CA GLN B 188 24.21 5.43 3.87
C GLN B 188 22.81 5.63 3.29
N TYR B 189 22.32 4.67 2.51
CA TYR B 189 20.99 4.79 1.85
C TYR B 189 19.89 4.89 2.92
N ALA B 190 20.00 4.09 3.98
CA ALA B 190 18.97 4.08 5.05
C ALA B 190 18.98 5.42 5.79
N LYS B 191 20.16 6.01 5.99
CA LYS B 191 20.25 7.34 6.66
C LYS B 191 19.63 8.40 5.76
N ALA B 192 19.80 8.25 4.44
CA ALA B 192 19.25 9.24 3.48
C ALA B 192 17.74 9.03 3.32
N MET B 193 17.23 7.88 3.73
CA MET B 193 15.78 7.57 3.57
C MET B 193 15.02 7.93 4.86
N GLY B 194 15.75 8.32 5.92
CA GLY B 194 15.08 8.78 7.16
C GLY B 194 14.94 7.69 8.20
N TYR B 195 15.73 6.62 8.10
CA TYR B 195 15.63 5.49 9.05
C TYR B 195 16.74 5.58 10.09
N ARG B 196 16.51 5.04 11.29
CA ARG B 196 17.56 5.01 12.34
C ARG B 196 18.39 3.75 12.14
N VAL B 197 19.70 3.87 11.90
CA VAL B 197 20.52 2.68 11.54
C VAL B 197 21.18 2.04 12.76
N LEU B 198 21.10 0.72 12.88
CA LEU B 198 21.80 -0.01 13.96
C LEU B 198 22.73 -1.01 13.28
N GLY B 199 24.04 -0.88 13.47
CA GLY B 199 24.99 -1.75 12.75
C GLY B 199 25.54 -2.86 13.62
N ILE B 200 25.61 -4.08 13.08
CA ILE B 200 26.19 -5.23 13.83
C ILE B 200 27.38 -5.77 13.05
N ASP B 201 28.59 -5.26 13.34
CA ASP B 201 29.82 -5.78 12.69
C ASP B 201 30.92 -5.86 13.75
N GLY B 202 31.97 -6.66 13.51
CA GLY B 202 33.07 -6.81 14.48
C GLY B 202 34.43 -6.77 13.80
N GLY B 203 35.34 -5.94 14.31
CA GLY B 203 36.68 -5.80 13.72
C GLY B 203 37.39 -4.57 14.24
N GLU B 204 38.49 -4.18 13.59
CA GLU B 204 39.28 -2.99 14.03
C GLU B 204 38.96 -1.82 13.11
N GLY B 205 38.61 -0.67 13.68
CA GLY B 205 38.32 0.54 12.87
C GLY B 205 36.98 0.44 12.17
N LYS B 206 36.14 -0.51 12.60
CA LYS B 206 34.81 -0.69 11.95
C LYS B 206 33.78 0.19 12.67
N GLU B 207 33.85 0.27 14.00
CA GLU B 207 32.94 1.16 14.77
C GLU B 207 33.12 2.59 14.29
N GLU B 208 34.37 3.01 14.11
CA GLU B 208 34.67 4.41 13.68
C GLU B 208 34.11 4.63 12.27
N LEU B 209 34.32 3.68 11.35
CA LEU B 209 33.85 3.83 9.96
C LEU B 209 32.32 3.87 9.95
N PHE B 210 31.69 3.22 10.94
CA PHE B 210 30.20 3.18 11.01
C PHE B 210 29.69 4.53 11.52
N ARG B 211 30.38 5.10 12.51
CA ARG B 211 29.94 6.39 13.10
C ARG B 211 30.25 7.51 12.11
N SER B 212 31.19 7.27 11.19
CA SER B 212 31.62 8.27 10.19
C SER B 212 30.66 8.28 8.99
N ILE B 213 29.86 7.23 8.85
CA ILE B 213 28.87 7.12 7.73
C ILE B 213 27.48 7.46 8.30
N GLY B 214 27.44 8.31 9.33
CA GLY B 214 26.18 8.71 9.98
C GLY B 214 25.56 7.55 10.75
N GLY B 215 26.40 6.71 11.38
CA GLY B 215 25.87 5.56 12.14
C GLY B 215 25.36 5.98 13.50
N GLU B 216 24.24 5.40 13.94
CA GLU B 216 23.64 5.72 15.26
C GLU B 216 23.88 4.82 16.48
N VAL B 217 23.94 3.50 16.27
CA VAL B 217 24.16 2.53 17.38
C VAL B 217 24.97 1.45 16.66
N PHE B 218 26.02 0.94 17.31
CA PHE B 218 26.89 -0.11 16.73
C PHE B 218 27.04 -1.25 17.74
N ILE B 219 26.74 -2.49 17.32
CA ILE B 219 26.91 -3.67 18.21
C ILE B 219 28.14 -4.46 17.75
N ASP B 220 29.20 -4.47 18.55
CA ASP B 220 30.41 -5.27 18.21
C ASP B 220 30.16 -6.73 18.60
N PHE B 221 30.03 -7.62 17.61
CA PHE B 221 29.69 -9.03 17.89
C PHE B 221 30.92 -9.75 18.47
N THR B 222 32.08 -9.09 18.45
CA THR B 222 33.32 -9.71 18.99
C THR B 222 33.41 -9.41 20.49
N LYS B 223 32.81 -8.31 20.94
CA LYS B 223 32.89 -7.91 22.37
C LYS B 223 31.54 -8.18 23.04
N GLU B 224 30.52 -8.56 22.24
CA GLU B 224 29.17 -8.86 22.80
C GLU B 224 28.91 -10.36 22.70
N LYS B 225 28.46 -10.98 23.79
CA LYS B 225 28.20 -12.45 23.81
C LYS B 225 26.75 -12.71 23.41
N ASP B 226 25.83 -11.81 23.77
CA ASP B 226 24.40 -11.95 23.38
C ASP B 226 24.03 -10.78 22.47
N ILE B 227 23.85 -11.03 21.17
CA ILE B 227 23.53 -9.94 20.20
C ILE B 227 22.03 -9.65 20.24
N VAL B 228 21.21 -10.69 20.36
CA VAL B 228 19.73 -10.51 20.35
C VAL B 228 19.36 -9.56 21.49
N GLY B 229 19.82 -9.82 22.72
CA GLY B 229 19.54 -8.95 23.87
C GLY B 229 19.96 -7.52 23.60
N ALA B 230 21.19 -7.33 23.09
CA ALA B 230 21.72 -5.98 22.81
C ALA B 230 20.77 -5.24 21.86
N VAL B 231 20.37 -5.90 20.77
CA VAL B 231 19.50 -5.24 19.75
C VAL B 231 18.15 -4.92 20.40
N LEU B 232 17.59 -5.85 21.17
CA LEU B 232 16.25 -5.63 21.77
C LEU B 232 16.29 -4.59 22.88
N LYS B 233 17.49 -4.16 23.28
CA LYS B 233 17.64 -3.15 24.36
C LYS B 233 17.85 -1.80 23.66
N ALA B 234 18.58 -1.79 22.55
CA ALA B 234 18.90 -0.50 21.87
C ALA B 234 17.72 -0.08 21.00
N THR B 235 17.30 -0.94 20.07
CA THR B 235 16.16 -0.63 19.17
C THR B 235 14.88 -0.87 19.95
N ASP B 236 14.80 -0.34 21.18
CA ASP B 236 13.62 -0.59 22.05
C ASP B 236 13.35 -2.09 21.95
N GLY B 237 12.11 -2.47 21.63
CA GLY B 237 11.75 -3.90 21.59
C GLY B 237 11.97 -4.61 20.27
N GLY B 238 13.01 -4.25 19.54
CA GLY B 238 13.33 -4.93 18.27
C GLY B 238 13.44 -3.96 17.12
N ALA B 239 14.11 -4.38 16.04
CA ALA B 239 14.26 -3.51 14.84
C ALA B 239 13.07 -3.74 13.91
N HIS B 240 12.44 -2.67 13.44
CA HIS B 240 11.27 -2.79 12.54
C HIS B 240 11.67 -3.59 11.29
N GLY B 241 12.89 -3.38 10.81
CA GLY B 241 13.39 -4.11 9.63
C GLY B 241 14.82 -4.58 9.83
N VAL B 242 15.18 -5.72 9.24
CA VAL B 242 16.56 -6.26 9.35
C VAL B 242 17.07 -6.62 7.96
N ILE B 243 18.10 -5.92 7.48
CA ILE B 243 18.71 -6.23 6.16
C ILE B 243 19.87 -7.21 6.41
N ASN B 244 19.77 -8.42 5.88
CA ASN B 244 20.81 -9.46 6.12
C ASN B 244 21.84 -9.42 4.98
N VAL B 245 22.97 -8.73 5.20
CA VAL B 245 24.06 -8.71 4.17
C VAL B 245 25.05 -9.81 4.55
N SER B 246 24.87 -10.42 5.72
CA SER B 246 25.73 -11.57 6.14
C SER B 246 25.13 -12.85 5.58
N VAL B 247 25.96 -13.74 5.03
CA VAL B 247 25.45 -14.98 4.39
C VAL B 247 25.46 -16.12 5.41
N SER B 248 25.94 -15.86 6.63
CA SER B 248 26.06 -16.92 7.66
C SER B 248 24.68 -17.37 8.13
N GLU B 249 24.49 -18.68 8.32
CA GLU B 249 23.19 -19.22 8.80
C GLU B 249 22.92 -18.70 10.21
N ALA B 250 23.92 -18.74 11.07
CA ALA B 250 23.77 -18.27 12.47
C ALA B 250 23.24 -16.83 12.47
N ALA B 251 23.80 -15.98 11.61
CA ALA B 251 23.39 -14.56 11.56
C ALA B 251 21.91 -14.43 11.24
N ILE B 252 21.42 -15.12 10.21
CA ILE B 252 19.99 -15.00 9.80
C ILE B 252 19.10 -15.61 10.87
N GLU B 253 19.60 -16.65 11.54
CA GLU B 253 18.82 -17.32 12.61
C GLU B 253 18.63 -16.33 13.77
N ALA B 254 19.66 -15.53 14.07
CA ALA B 254 19.55 -14.52 15.14
C ALA B 254 18.74 -13.33 14.63
N SER B 255 18.77 -13.09 13.32
CA SER B 255 18.03 -11.95 12.71
C SER B 255 16.52 -12.14 12.93
N THR B 256 16.04 -13.38 12.83
CA THR B 256 14.58 -13.62 12.95
C THR B 256 14.13 -13.45 14.42
N ARG B 257 15.06 -13.20 15.34
CA ARG B 257 14.71 -13.13 16.78
C ARG B 257 14.76 -11.68 17.29
N TYR B 258 15.68 -10.87 16.76
CA TYR B 258 15.82 -9.46 17.20
C TYR B 258 14.98 -8.56 16.29
N VAL B 259 14.03 -9.13 15.57
CA VAL B 259 13.10 -8.32 14.72
C VAL B 259 11.88 -7.97 15.57
N ARG B 260 11.31 -6.79 15.35
CA ARG B 260 10.12 -6.35 16.14
C ARG B 260 8.90 -7.15 15.66
N ALA B 261 7.86 -7.24 16.50
CA ALA B 261 6.62 -7.93 16.09
C ALA B 261 6.04 -7.19 14.88
N ASN B 262 5.63 -7.93 13.85
CA ASN B 262 5.04 -7.31 12.63
C ASN B 262 6.15 -6.71 11.75
N GLY B 263 7.39 -7.13 11.96
CA GLY B 263 8.53 -6.59 11.18
C GLY B 263 8.93 -7.47 10.02
N THR B 264 9.88 -7.01 9.19
CA THR B 264 10.28 -7.77 7.99
C THR B 264 11.79 -8.01 7.98
N THR B 265 12.23 -9.22 7.61
CA THR B 265 13.68 -9.52 7.48
C THR B 265 13.96 -9.72 5.99
N VAL B 266 14.89 -8.95 5.42
CA VAL B 266 15.16 -9.02 3.95
C VAL B 266 16.41 -9.85 3.70
N LEU B 267 16.34 -10.82 2.78
CA LEU B 267 17.51 -11.65 2.43
C LEU B 267 18.10 -11.14 1.11
N VAL B 268 19.38 -10.80 1.08
CA VAL B 268 20.01 -10.23 -0.13
C VAL B 268 21.05 -11.22 -0.68
N GLY B 269 21.90 -11.77 0.19
CA GLY B 269 22.94 -12.72 -0.24
C GLY B 269 22.34 -14.04 -0.70
N MET B 270 23.09 -14.79 -1.52
CA MET B 270 22.54 -16.06 -2.08
C MET B 270 23.63 -17.14 -2.08
N PRO B 271 24.08 -17.64 -0.90
CA PRO B 271 25.04 -18.73 -0.85
C PRO B 271 24.33 -20.05 -1.20
N ALA B 272 24.33 -20.44 -2.49
CA ALA B 272 23.61 -21.64 -2.93
C ALA B 272 23.96 -22.84 -2.03
N GLY B 273 22.98 -23.37 -1.30
CA GLY B 273 23.22 -24.50 -0.39
C GLY B 273 22.86 -24.14 1.03
N ALA B 274 22.65 -22.85 1.31
CA ALA B 274 22.32 -22.39 2.68
C ALA B 274 20.83 -22.53 2.93
N LYS B 275 20.41 -22.52 4.20
CA LYS B 275 18.97 -22.69 4.53
C LYS B 275 18.63 -21.85 5.76
N CYS B 276 17.50 -21.13 5.73
CA CYS B 276 17.06 -20.30 6.88
C CYS B 276 16.18 -21.16 7.79
N CYS B 277 16.76 -22.18 8.44
CA CYS B 277 15.97 -23.09 9.30
C CYS B 277 15.60 -22.37 10.60
N SER B 278 14.40 -21.79 10.67
CA SER B 278 13.99 -21.01 11.86
C SER B 278 12.74 -21.63 12.49
N ASP B 279 12.37 -21.18 13.70
CA ASP B 279 11.15 -21.67 14.37
C ASP B 279 9.93 -21.06 13.68
N VAL B 280 8.92 -21.88 13.38
CA VAL B 280 7.69 -21.39 12.70
C VAL B 280 6.77 -20.75 13.75
N PHE B 281 6.74 -21.30 14.96
CA PHE B 281 5.88 -20.76 16.05
C PHE B 281 6.15 -19.27 16.20
N ASN B 282 7.41 -18.88 16.38
CA ASN B 282 7.78 -17.45 16.59
C ASN B 282 7.22 -16.60 15.45
N GLN B 283 7.52 -16.95 14.20
CA GLN B 283 7.08 -16.12 13.04
C GLN B 283 5.55 -16.01 13.01
N VAL B 284 4.83 -17.10 13.30
CA VAL B 284 3.34 -17.06 13.19
C VAL B 284 2.76 -16.21 14.33
N VAL B 285 3.37 -16.25 15.52
CA VAL B 285 2.79 -15.53 16.69
C VAL B 285 3.12 -14.04 16.60
N LYS B 286 4.36 -13.70 16.26
CA LYS B 286 4.78 -12.28 16.21
C LYS B 286 4.46 -11.70 14.83
N SER B 287 3.95 -12.53 13.92
CA SER B 287 3.53 -12.05 12.57
C SER B 287 4.72 -11.46 11.82
N ILE B 288 5.84 -12.19 11.79
CA ILE B 288 7.08 -11.71 11.10
C ILE B 288 7.03 -12.11 9.63
N SER B 289 7.66 -11.33 8.75
CA SER B 289 7.68 -11.64 7.30
C SER B 289 9.13 -11.76 6.82
N ILE B 290 9.47 -12.86 6.15
CA ILE B 290 10.84 -13.03 5.58
C ILE B 290 10.73 -12.82 4.06
N VAL B 291 11.31 -11.74 3.55
CA VAL B 291 11.20 -11.42 2.10
C VAL B 291 12.56 -11.59 1.43
N GLY B 292 12.58 -12.16 0.22
CA GLY B 292 13.83 -12.28 -0.55
C GLY B 292 13.92 -11.17 -1.57
N SER B 293 15.10 -10.57 -1.75
CA SER B 293 15.24 -9.43 -2.69
C SER B 293 16.33 -9.72 -3.73
N TYR B 294 16.06 -9.44 -5.00
CA TYR B 294 17.05 -9.65 -6.08
C TYR B 294 17.45 -8.28 -6.65
N VAL B 295 17.89 -8.25 -7.90
CA VAL B 295 18.32 -6.98 -8.55
C VAL B 295 17.14 -6.02 -8.66
N GLY B 296 17.40 -4.73 -8.79
CA GLY B 296 16.33 -3.71 -8.85
C GLY B 296 15.85 -3.47 -10.28
N ASN B 297 14.75 -2.74 -10.43
CA ASN B 297 14.16 -2.47 -11.78
C ASN B 297 14.71 -1.15 -12.32
N ARG B 298 14.09 -0.62 -13.38
CA ARG B 298 14.57 0.64 -14.01
C ARG B 298 14.28 1.83 -13.09
N ALA B 299 13.07 1.88 -12.52
CA ALA B 299 12.69 2.97 -11.60
C ALA B 299 13.66 2.99 -10.41
N ASP B 300 13.90 1.82 -9.82
CA ASP B 300 14.82 1.73 -8.66
C ASP B 300 16.19 2.26 -9.06
N THR B 301 16.69 1.86 -10.23
CA THR B 301 18.00 2.36 -10.72
C THR B 301 17.99 3.89 -10.69
N ARG B 302 16.98 4.49 -11.33
CA ARG B 302 16.88 5.97 -11.45
C ARG B 302 16.90 6.63 -10.06
N GLU B 303 16.14 6.10 -9.11
CA GLU B 303 16.06 6.68 -7.74
C GLU B 303 17.41 6.57 -7.01
N ALA B 304 18.05 5.40 -7.06
CA ALA B 304 19.34 5.20 -6.35
C ALA B 304 20.41 6.12 -6.93
N LEU B 305 20.46 6.24 -8.26
CA LEU B 305 21.48 7.10 -8.90
C LEU B 305 21.20 8.57 -8.53
N ASP B 306 19.93 8.92 -8.33
CA ASP B 306 19.57 10.30 -7.92
C ASP B 306 20.14 10.58 -6.53
N PHE B 307 20.04 9.62 -5.61
CA PHE B 307 20.68 9.81 -4.28
C PHE B 307 22.18 10.04 -4.46
N PHE B 308 22.82 9.22 -5.29
CA PHE B 308 24.29 9.37 -5.51
C PHE B 308 24.60 10.78 -6.05
N ALA B 309 23.76 11.30 -6.95
CA ALA B 309 23.99 12.64 -7.54
C ALA B 309 23.83 13.72 -6.47
N ARG B 310 22.81 13.61 -5.64
CA ARG B 310 22.61 14.58 -4.53
C ARG B 310 23.86 14.56 -3.64
N GLY B 311 24.52 13.40 -3.53
CA GLY B 311 25.79 13.35 -2.78
C GLY B 311 25.59 12.78 -1.39
N LEU B 312 24.62 11.88 -1.22
CA LEU B 312 24.32 11.33 0.13
C LEU B 312 24.86 9.90 0.22
N VAL B 313 25.28 9.34 -0.91
CA VAL B 313 25.84 7.95 -0.93
C VAL B 313 27.24 7.99 -1.54
N LYS B 314 28.23 7.40 -0.87
CA LYS B 314 29.64 7.43 -1.35
C LYS B 314 30.27 6.05 -1.15
N SER B 315 31.21 5.68 -2.01
CA SER B 315 31.91 4.37 -1.90
C SER B 315 33.42 4.58 -2.08
N PRO B 316 34.26 4.38 -1.04
CA PRO B 316 35.71 4.49 -1.20
C PRO B 316 36.20 3.33 -2.07
N ILE B 317 36.70 3.62 -3.27
CA ILE B 317 37.09 2.52 -4.22
C ILE B 317 38.58 2.56 -4.52
N LYS B 318 39.13 1.46 -5.07
CA LYS B 318 40.56 1.41 -5.47
C LYS B 318 40.62 1.11 -6.97
N VAL B 319 41.26 1.97 -7.76
CA VAL B 319 41.27 1.80 -9.24
C VAL B 319 42.50 0.99 -9.68
N VAL B 320 42.30 -0.01 -10.53
CA VAL B 320 43.43 -0.83 -11.07
C VAL B 320 43.18 -1.02 -12.57
N GLY B 321 44.22 -1.34 -13.33
CA GLY B 321 44.07 -1.50 -14.80
C GLY B 321 43.32 -2.77 -15.16
N LEU B 322 42.92 -2.91 -16.42
CA LEU B 322 42.19 -4.11 -16.89
C LEU B 322 43.22 -5.21 -17.20
N SER B 323 44.48 -4.83 -17.40
CA SER B 323 45.55 -5.81 -17.73
C SER B 323 45.89 -6.63 -16.49
N THR B 324 45.33 -6.26 -15.34
CA THR B 324 45.69 -6.94 -14.07
C THR B 324 44.48 -7.69 -13.51
N LEU B 325 43.36 -7.71 -14.25
CA LEU B 325 42.12 -8.37 -13.77
C LEU B 325 42.35 -9.88 -13.69
N PRO B 326 43.17 -10.47 -14.59
CA PRO B 326 43.47 -11.91 -14.52
C PRO B 326 44.01 -12.33 -13.15
N GLU B 327 44.61 -11.42 -12.39
CA GLU B 327 45.21 -11.76 -11.07
C GLU B 327 44.25 -11.37 -9.95
N ILE B 328 43.45 -10.33 -10.18
CA ILE B 328 42.42 -9.92 -9.17
C ILE B 328 41.44 -11.07 -9.02
N TYR B 329 41.11 -11.76 -10.11
CA TYR B 329 40.18 -12.91 -10.07
C TYR B 329 40.75 -13.98 -9.14
N GLU B 330 42.04 -14.25 -9.24
CA GLU B 330 42.69 -15.29 -8.40
C GLU B 330 42.66 -14.85 -6.93
N LYS B 331 42.93 -13.58 -6.66
CA LYS B 331 42.85 -13.08 -5.26
C LYS B 331 41.41 -13.21 -4.76
N MET B 332 40.43 -12.99 -5.64
CA MET B 332 38.99 -13.06 -5.26
C MET B 332 38.62 -14.52 -4.97
N GLU B 333 39.24 -15.47 -5.69
CA GLU B 333 38.97 -16.91 -5.46
C GLU B 333 39.65 -17.33 -4.16
N LYS B 334 40.79 -16.69 -3.83
CA LYS B 334 41.50 -17.00 -2.56
C LYS B 334 40.76 -16.34 -1.41
N GLY B 335 39.89 -15.37 -1.71
CA GLY B 335 39.12 -14.68 -0.66
C GLY B 335 40.00 -13.76 0.15
N GLN B 336 40.83 -12.95 -0.53
CA GLN B 336 41.75 -12.00 0.16
C GLN B 336 41.34 -10.57 -0.21
N ILE B 337 40.30 -10.43 -1.04
CA ILE B 337 39.79 -9.08 -1.44
C ILE B 337 39.05 -8.49 -0.22
N VAL B 338 39.23 -7.19 0.04
CA VAL B 338 38.57 -6.56 1.22
C VAL B 338 37.63 -5.43 0.77
N GLY B 339 38.17 -4.42 0.08
CA GLY B 339 37.36 -3.27 -0.35
C GLY B 339 36.87 -3.41 -1.77
N ARG B 340 36.06 -2.45 -2.24
CA ARG B 340 35.51 -2.47 -3.62
C ARG B 340 36.66 -2.29 -4.62
N TYR B 341 36.56 -2.94 -5.78
CA TYR B 341 37.61 -2.84 -6.82
C TYR B 341 37.00 -2.34 -8.14
N VAL B 342 37.55 -1.27 -8.70
CA VAL B 342 37.07 -0.74 -10.01
C VAL B 342 38.21 -0.87 -11.02
N VAL B 343 37.93 -1.31 -12.24
CA VAL B 343 39.01 -1.55 -13.24
C VAL B 343 38.95 -0.49 -14.34
N ASP B 344 40.08 0.14 -14.67
CA ASP B 344 40.13 1.11 -15.78
C ASP B 344 40.36 0.35 -17.08
N THR B 345 39.44 0.45 -18.03
CA THR B 345 39.55 -0.32 -19.30
C THR B 345 40.53 0.37 -20.24
N SER B 346 40.90 1.62 -19.96
CA SER B 346 41.84 2.38 -20.83
C SER B 346 43.23 1.76 -20.75
N LYS B 347 43.73 1.55 -19.54
CA LYS B 347 45.08 0.93 -19.34
C LYS B 347 44.92 -0.60 -19.37
N SER C 1 -0.75 -11.94 -50.44
CA SER C 1 -1.52 -12.00 -49.16
C SER C 1 -1.70 -10.59 -48.60
N ILE C 2 -0.62 -9.93 -48.18
CA ILE C 2 -0.73 -8.52 -47.71
C ILE C 2 -0.98 -7.65 -48.94
N PRO C 3 -2.19 -7.06 -49.10
CA PRO C 3 -2.50 -6.28 -50.31
C PRO C 3 -1.74 -4.95 -50.39
N GLU C 4 -1.92 -4.20 -51.48
CA GLU C 4 -1.26 -2.88 -51.63
C GLU C 4 -2.31 -1.79 -51.46
N THR C 5 -3.59 -2.14 -51.60
CA THR C 5 -4.69 -1.15 -51.47
C THR C 5 -5.66 -1.61 -50.37
N GLN C 6 -6.16 -0.67 -49.57
CA GLN C 6 -7.16 -1.00 -48.53
C GLN C 6 -8.26 0.07 -48.57
N LYS C 7 -9.22 0.01 -47.65
CA LYS C 7 -10.30 1.03 -47.58
C LYS C 7 -10.48 1.46 -46.13
N GLY C 8 -10.76 2.75 -45.90
CA GLY C 8 -10.95 3.26 -44.53
C GLY C 8 -11.60 4.63 -44.54
N VAL C 9 -12.03 5.12 -43.37
CA VAL C 9 -12.67 6.45 -43.27
C VAL C 9 -11.59 7.49 -42.95
N ILE C 10 -11.33 8.43 -43.86
CA ILE C 10 -10.25 9.44 -43.65
C ILE C 10 -10.84 10.84 -43.76
N PHE C 11 -10.42 11.77 -42.90
CA PHE C 11 -10.87 13.17 -43.01
C PHE C 11 -9.66 14.06 -43.28
N TYR C 12 -9.62 14.70 -44.46
CA TYR C 12 -8.45 15.54 -44.85
C TYR C 12 -8.43 16.83 -44.02
N GLU C 13 -9.59 17.48 -43.86
CA GLU C 13 -9.68 18.74 -43.09
C GLU C 13 -10.39 18.47 -41.76
N SER C 14 -10.11 19.28 -40.73
CA SER C 14 -10.79 19.12 -39.43
C SER C 14 -12.25 19.58 -39.55
N HIS C 15 -13.19 18.75 -39.12
CA HIS C 15 -14.63 19.09 -39.24
C HIS C 15 -15.05 19.02 -40.70
N GLY C 16 -14.39 18.16 -41.49
CA GLY C 16 -14.72 18.01 -42.91
C GLY C 16 -15.60 16.80 -43.16
N LYS C 17 -15.83 16.46 -44.43
CA LYS C 17 -16.69 15.29 -44.78
C LYS C 17 -15.87 14.01 -44.66
N LEU C 18 -16.24 13.12 -43.74
CA LEU C 18 -15.53 11.83 -43.59
C LEU C 18 -15.77 10.99 -44.84
N GLU C 19 -14.71 10.50 -45.48
CA GLU C 19 -14.87 9.78 -46.77
C GLU C 19 -14.41 8.32 -46.64
N TYR C 20 -15.03 7.42 -47.40
CA TYR C 20 -14.63 5.99 -47.41
C TYR C 20 -13.98 5.70 -48.77
N LYS C 21 -12.68 5.99 -48.91
CA LYS C 21 -11.99 5.83 -50.22
C LYS C 21 -10.82 4.85 -50.06
N ASP C 22 -10.28 4.39 -51.19
CA ASP C 22 -9.14 3.43 -51.18
C ASP C 22 -7.86 4.19 -50.80
N ILE C 23 -7.14 3.72 -49.78
CA ILE C 23 -5.91 4.42 -49.31
C ILE C 23 -4.72 3.45 -49.37
N PRO C 24 -3.47 3.94 -49.48
CA PRO C 24 -2.30 3.06 -49.47
C PRO C 24 -2.21 2.26 -48.16
N VAL C 25 -1.69 1.03 -48.21
CA VAL C 25 -1.59 0.17 -47.01
C VAL C 25 -0.30 0.52 -46.25
N PRO C 26 -0.32 0.62 -44.91
CA PRO C 26 0.86 1.01 -44.14
C PRO C 26 1.94 -0.08 -44.11
N LYS C 27 3.22 0.30 -44.16
CA LYS C 27 4.32 -0.69 -44.06
C LYS C 27 4.84 -0.67 -42.62
N PRO C 28 5.00 -1.83 -41.95
CA PRO C 28 5.41 -1.87 -40.55
C PRO C 28 6.82 -1.31 -40.32
N LYS C 29 7.07 -0.73 -39.14
CA LYS C 29 8.44 -0.26 -38.81
C LYS C 29 9.19 -1.40 -38.12
N ALA C 30 10.29 -1.11 -37.43
CA ALA C 30 11.12 -2.18 -36.84
C ALA C 30 10.45 -2.75 -35.58
N ASN C 31 9.74 -1.92 -34.83
CA ASN C 31 9.13 -2.38 -33.54
C ASN C 31 7.61 -2.38 -33.67
N GLU C 32 7.09 -2.42 -34.90
CA GLU C 32 5.62 -2.31 -35.08
C GLU C 32 5.06 -3.59 -35.72
N LEU C 33 3.80 -3.93 -35.40
CA LEU C 33 3.13 -5.11 -36.00
C LEU C 33 2.11 -4.61 -37.02
N LEU C 34 1.92 -5.32 -38.13
CA LEU C 34 0.86 -4.95 -39.10
C LEU C 34 -0.37 -5.80 -38.80
N ILE C 35 -1.43 -5.18 -38.26
CA ILE C 35 -2.64 -5.96 -37.84
C ILE C 35 -3.74 -5.78 -38.88
N ASN C 36 -4.42 -6.87 -39.24
CA ASN C 36 -5.60 -6.76 -40.15
C ASN C 36 -6.82 -6.56 -39.26
N VAL C 37 -7.23 -5.31 -39.04
CA VAL C 37 -8.38 -5.01 -38.14
C VAL C 37 -9.61 -5.75 -38.69
N LYS C 38 -10.26 -6.56 -37.85
CA LYS C 38 -11.47 -7.29 -38.27
C LYS C 38 -12.69 -6.54 -37.73
N TYR C 39 -12.63 -6.11 -36.47
CA TYR C 39 -13.75 -5.35 -35.86
C TYR C 39 -13.18 -4.14 -35.10
N SER C 40 -13.82 -2.98 -35.22
CA SER C 40 -13.35 -1.76 -34.53
C SER C 40 -14.52 -1.09 -33.80
N GLY C 41 -14.28 -0.62 -32.57
CA GLY C 41 -15.34 0.07 -31.80
C GLY C 41 -15.37 1.55 -32.08
N VAL C 42 -16.55 2.16 -32.06
CA VAL C 42 -16.68 3.62 -32.28
C VAL C 42 -16.91 4.30 -30.92
N CYS C 43 -16.06 5.26 -30.56
CA CYS C 43 -16.17 5.94 -29.25
C CYS C 43 -16.51 7.41 -29.47
N HIS C 44 -16.83 8.14 -28.41
CA HIS C 44 -17.15 9.59 -28.52
C HIS C 44 -15.85 10.38 -28.69
N THR C 45 -14.70 9.73 -28.43
CA THR C 45 -13.38 10.40 -28.56
C THR C 45 -13.08 10.64 -30.04
N ASP C 46 -13.67 9.82 -30.91
CA ASP C 46 -13.45 9.97 -32.38
C ASP C 46 -14.10 11.27 -32.85
N LEU C 47 -15.28 11.60 -32.32
CA LEU C 47 -15.96 12.87 -32.68
C LEU C 47 -15.06 14.04 -32.24
N HIS C 48 -14.39 13.88 -31.11
CA HIS C 48 -13.48 14.96 -30.60
C HIS C 48 -12.27 15.09 -31.54
N ALA C 49 -11.72 13.97 -31.98
CA ALA C 49 -10.58 14.01 -32.93
C ALA C 49 -11.04 14.64 -34.25
N TRP C 50 -12.32 14.53 -34.57
CA TRP C 50 -12.87 15.08 -35.83
C TRP C 50 -13.08 16.60 -35.69
N HIS C 51 -13.50 17.06 -34.51
CA HIS C 51 -13.81 18.50 -34.32
C HIS C 51 -12.53 19.29 -34.03
N GLY C 52 -11.62 18.72 -33.23
CA GLY C 52 -10.39 19.44 -32.84
C GLY C 52 -10.63 20.20 -31.55
N ASP C 53 -11.45 19.65 -30.66
CA ASP C 53 -11.80 20.35 -29.39
C ASP C 53 -10.65 20.22 -28.39
N TRP C 54 -9.99 19.05 -28.35
CA TRP C 54 -8.88 18.83 -27.40
C TRP C 54 -7.69 19.72 -27.77
N PRO C 55 -6.72 19.97 -26.86
CA PRO C 55 -5.63 20.90 -27.15
C PRO C 55 -4.53 20.43 -28.11
N LEU C 56 -4.24 19.13 -28.15
CA LEU C 56 -3.13 18.61 -28.98
C LEU C 56 -3.48 18.71 -30.47
N PRO C 57 -2.53 19.03 -31.37
CA PRO C 57 -2.79 19.11 -32.81
C PRO C 57 -2.96 17.73 -33.45
N VAL C 58 -3.84 17.61 -34.44
CA VAL C 58 -4.13 16.28 -35.08
C VAL C 58 -3.33 16.15 -36.38
N LYS C 59 -2.85 14.94 -36.69
CA LYS C 59 -2.07 14.70 -37.94
C LYS C 59 -3.07 14.46 -39.08
N LEU C 60 -3.05 15.33 -40.10
CA LEU C 60 -4.00 15.20 -41.24
C LEU C 60 -3.20 14.90 -42.51
N PRO C 61 -3.70 14.07 -43.45
CA PRO C 61 -4.99 13.38 -43.28
C PRO C 61 -4.84 12.21 -42.29
N LEU C 62 -5.91 11.84 -41.58
CA LEU C 62 -5.80 10.78 -40.54
C LEU C 62 -7.01 9.86 -40.58
N VAL C 63 -6.81 8.57 -40.28
CA VAL C 63 -7.94 7.60 -40.18
C VAL C 63 -8.18 7.38 -38.68
N GLY C 64 -9.37 7.72 -38.17
CA GLY C 64 -9.63 7.65 -36.72
C GLY C 64 -9.79 6.25 -36.19
N GLY C 65 -10.17 6.12 -34.91
CA GLY C 65 -10.34 4.79 -34.28
C GLY C 65 -9.26 4.53 -33.25
N HIS C 66 -9.64 4.02 -32.08
CA HIS C 66 -8.65 3.72 -31.00
C HIS C 66 -8.97 2.38 -30.34
N GLU C 67 -10.08 1.74 -30.73
CA GLU C 67 -10.41 0.40 -30.17
C GLU C 67 -10.64 -0.58 -31.33
N GLY C 68 -9.59 -1.28 -31.76
CA GLY C 68 -9.69 -2.21 -32.90
C GLY C 68 -9.01 -3.54 -32.62
N ALA C 69 -9.67 -4.64 -32.96
CA ALA C 69 -9.09 -6.00 -32.76
C ALA C 69 -8.90 -6.67 -34.12
N GLY C 70 -7.87 -7.52 -34.25
CA GLY C 70 -7.59 -8.16 -35.54
C GLY C 70 -6.48 -9.17 -35.45
N VAL C 71 -5.99 -9.66 -36.60
CA VAL C 71 -4.92 -10.70 -36.63
C VAL C 71 -3.60 -10.06 -37.05
N VAL C 72 -2.49 -10.48 -36.43
CA VAL C 72 -1.14 -9.97 -36.83
C VAL C 72 -0.76 -10.65 -38.15
N VAL C 73 -0.70 -9.89 -39.24
CA VAL C 73 -0.37 -10.46 -40.57
C VAL C 73 1.09 -10.16 -40.90
N GLY C 74 1.67 -9.15 -40.26
CA GLY C 74 3.09 -8.80 -40.47
C GLY C 74 3.71 -8.19 -39.24
N MET C 75 5.02 -8.40 -39.04
CA MET C 75 5.73 -7.81 -37.87
C MET C 75 7.09 -7.27 -38.34
N GLY C 76 7.70 -6.40 -37.53
CA GLY C 76 9.01 -5.81 -37.87
C GLY C 76 10.15 -6.77 -37.62
N GLU C 77 11.40 -6.29 -37.76
CA GLU C 77 12.58 -7.18 -37.60
C GLU C 77 13.17 -7.02 -36.20
N ASN C 78 12.35 -6.60 -35.24
CA ASN C 78 12.83 -6.42 -33.84
C ASN C 78 11.74 -6.89 -32.88
N VAL C 79 10.52 -7.09 -33.38
CA VAL C 79 9.38 -7.52 -32.50
C VAL C 79 9.78 -8.79 -31.76
N LYS C 80 9.55 -8.82 -30.44
CA LYS C 80 9.96 -9.99 -29.60
C LYS C 80 8.74 -10.49 -28.82
N GLY C 81 8.28 -11.71 -29.08
CA GLY C 81 7.17 -12.26 -28.28
C GLY C 81 5.86 -12.34 -29.04
N TRP C 82 5.88 -11.92 -30.31
CA TRP C 82 4.66 -11.99 -31.16
C TRP C 82 4.85 -13.02 -32.27
N LYS C 83 3.75 -13.59 -32.78
CA LYS C 83 3.82 -14.57 -33.88
C LYS C 83 2.78 -14.21 -34.94
N ILE C 84 2.94 -14.67 -36.18
CA ILE C 84 1.96 -14.39 -37.26
C ILE C 84 0.72 -15.26 -37.03
N GLY C 85 -0.45 -14.63 -36.86
CA GLY C 85 -1.69 -15.38 -36.61
C GLY C 85 -2.24 -15.08 -35.23
N ASP C 86 -1.47 -14.33 -34.42
CA ASP C 86 -1.90 -14.00 -33.04
C ASP C 86 -2.91 -12.87 -33.09
N TYR C 87 -3.83 -12.82 -32.13
CA TYR C 87 -4.87 -11.75 -32.08
C TYR C 87 -4.29 -10.54 -31.34
N ALA C 88 -4.39 -9.35 -31.94
CA ALA C 88 -3.81 -8.13 -31.32
C ALA C 88 -4.89 -7.06 -31.20
N GLY C 89 -4.76 -6.17 -30.22
CA GLY C 89 -5.74 -5.08 -30.01
C GLY C 89 -5.07 -3.72 -29.99
N ILE C 90 -5.54 -2.80 -30.84
CA ILE C 90 -4.98 -1.41 -30.87
C ILE C 90 -5.74 -0.59 -29.83
N LYS C 91 -5.03 0.16 -28.99
CA LYS C 91 -5.68 0.96 -27.92
C LYS C 91 -5.40 2.44 -28.15
N TRP C 92 -5.74 3.29 -27.18
CA TRP C 92 -5.52 4.76 -27.29
C TRP C 92 -4.02 5.05 -27.39
N LEU C 93 -3.24 4.60 -26.40
CA LEU C 93 -1.77 4.77 -26.44
C LEU C 93 -1.18 3.77 -27.44
N ASN C 94 -0.62 4.27 -28.54
CA ASN C 94 -0.01 3.39 -29.59
C ASN C 94 1.44 3.82 -29.83
N GLY C 95 2.23 3.94 -28.75
CA GLY C 95 3.64 4.35 -28.87
C GLY C 95 4.14 5.05 -27.62
N SER C 96 5.43 4.88 -27.30
CA SER C 96 6.05 5.51 -26.11
C SER C 96 7.58 5.44 -26.22
N CYS C 97 8.30 5.98 -25.24
CA CYS C 97 9.78 5.97 -25.26
C CYS C 97 10.30 4.81 -24.39
N MET C 98 9.39 4.88 -23.57
CA MET C 98 9.73 3.77 -22.64
C MET C 98 11.14 3.92 -22.08
N ALA C 99 11.63 5.16 -21.92
CA ALA C 99 12.97 5.38 -21.35
C ALA C 99 12.92 6.80 -20.79
N CYS C 100 11.93 7.09 -19.94
CA CYS C 100 11.77 8.44 -19.33
C CYS C 100 11.39 8.06 -17.89
N GLU C 101 10.90 9.02 -17.12
CA GLU C 101 10.50 8.78 -15.70
C GLU C 101 9.04 8.39 -15.50
N TYR C 102 8.24 8.46 -16.56
CA TYR C 102 6.80 8.11 -16.50
C TYR C 102 6.60 6.80 -17.27
N CYS C 103 7.50 6.55 -18.22
CA CYS C 103 7.47 5.32 -19.04
C CYS C 103 8.16 4.19 -18.25
N GLU C 104 8.88 4.53 -17.18
CA GLU C 104 9.55 3.47 -16.38
C GLU C 104 8.74 3.15 -15.13
N LEU C 105 7.70 3.95 -14.83
CA LEU C 105 6.90 3.67 -13.61
C LEU C 105 5.57 3.02 -14.02
N GLY C 106 5.28 2.96 -15.32
CA GLY C 106 4.04 2.34 -15.80
C GLY C 106 3.09 3.36 -16.40
N ASN C 107 3.22 4.62 -16.00
CA ASN C 107 2.33 5.71 -16.50
C ASN C 107 2.85 6.16 -17.86
N GLU C 108 2.88 5.27 -18.84
CA GLU C 108 3.44 5.59 -20.18
C GLU C 108 2.49 6.51 -20.95
N SER C 109 1.31 6.79 -20.37
CA SER C 109 0.30 7.66 -21.03
C SER C 109 0.63 9.13 -20.74
N ASN C 110 1.56 9.38 -19.80
CA ASN C 110 1.97 10.76 -19.45
C ASN C 110 3.35 11.05 -20.04
N CYS C 111 3.80 10.20 -20.95
CA CYS C 111 5.13 10.36 -21.61
C CYS C 111 5.10 11.60 -22.52
N PRO C 112 6.17 12.43 -22.55
CA PRO C 112 6.20 13.63 -23.39
C PRO C 112 5.96 13.30 -24.86
N HIS C 113 6.57 12.21 -25.35
CA HIS C 113 6.41 11.79 -26.77
C HIS C 113 5.56 10.52 -26.85
N ALA C 114 4.24 10.65 -26.64
CA ALA C 114 3.31 9.51 -26.71
C ALA C 114 2.53 9.54 -28.03
N ASP C 115 2.38 8.38 -28.69
CA ASP C 115 1.59 8.32 -29.94
C ASP C 115 0.17 7.84 -29.59
N LEU C 116 -0.84 8.59 -30.02
CA LEU C 116 -2.25 8.21 -29.74
C LEU C 116 -2.91 7.76 -31.03
N SER C 117 -3.70 6.67 -30.97
CA SER C 117 -4.34 6.12 -32.19
C SER C 117 -5.58 6.94 -32.57
N GLY C 118 -5.70 7.32 -33.84
CA GLY C 118 -6.85 8.11 -34.29
C GLY C 118 -6.67 9.58 -34.00
N TYR C 119 -5.52 9.96 -33.45
CA TYR C 119 -5.22 11.38 -33.13
C TYR C 119 -3.87 11.75 -33.74
N THR C 120 -2.80 11.08 -33.30
CA THR C 120 -1.44 11.37 -33.81
C THR C 120 -0.99 10.27 -34.76
N HIS C 121 -1.52 9.05 -34.59
CA HIS C 121 -1.17 7.91 -35.48
C HIS C 121 -2.43 7.44 -36.20
N ASP C 122 -2.30 6.89 -37.41
CA ASP C 122 -3.47 6.35 -38.13
C ASP C 122 -4.16 5.31 -37.24
N GLY C 123 -5.48 5.37 -37.11
CA GLY C 123 -6.19 4.48 -36.15
C GLY C 123 -6.62 3.14 -36.72
N SER C 124 -7.79 2.66 -36.31
CA SER C 124 -8.26 1.31 -36.71
C SER C 124 -9.53 1.37 -37.54
N PHE C 125 -9.90 2.55 -38.06
CA PHE C 125 -11.09 2.64 -38.94
C PHE C 125 -10.37 2.43 -40.27
N GLN C 126 -9.79 1.24 -40.43
CA GLN C 126 -9.02 0.83 -41.63
C GLN C 126 -8.90 -0.69 -41.61
N GLN C 127 -8.62 -1.31 -42.76
CA GLN C 127 -8.53 -2.78 -42.80
C GLN C 127 -7.18 -3.22 -42.23
N TYR C 128 -6.11 -2.50 -42.58
CA TYR C 128 -4.75 -2.83 -42.08
C TYR C 128 -4.19 -1.64 -41.29
N ALA C 129 -3.80 -1.87 -40.04
CA ALA C 129 -3.27 -0.79 -39.19
C ALA C 129 -1.98 -1.25 -38.50
N THR C 130 -1.02 -0.34 -38.32
CA THR C 130 0.26 -0.67 -37.64
C THR C 130 0.19 -0.22 -36.19
N ALA C 131 0.91 -0.90 -35.29
CA ALA C 131 0.88 -0.55 -33.85
C ALA C 131 2.20 -0.95 -33.20
N ASP C 132 2.61 -0.25 -32.14
CA ASP C 132 3.84 -0.64 -31.39
C ASP C 132 3.59 -2.02 -30.78
N ALA C 133 4.58 -2.93 -30.90
CA ALA C 133 4.39 -4.32 -30.43
C ALA C 133 4.37 -4.37 -28.90
N VAL C 134 4.94 -3.36 -28.23
CA VAL C 134 5.03 -3.38 -26.74
C VAL C 134 3.71 -2.90 -26.14
N GLN C 135 2.96 -2.06 -26.86
CA GLN C 135 1.72 -1.47 -26.29
C GLN C 135 0.49 -2.21 -26.81
N ALA C 136 0.67 -3.11 -27.79
CA ALA C 136 -0.47 -3.86 -28.36
C ALA C 136 -0.97 -4.89 -27.35
N ALA C 137 -2.30 -5.04 -27.25
CA ALA C 137 -2.89 -5.97 -26.26
C ALA C 137 -2.91 -7.39 -26.83
N HIS C 138 -2.55 -8.39 -26.01
CA HIS C 138 -2.58 -9.80 -26.45
C HIS C 138 -3.98 -10.38 -26.18
N ILE C 139 -4.81 -10.48 -27.21
CA ILE C 139 -6.17 -11.07 -27.07
C ILE C 139 -6.07 -12.59 -27.20
N PRO C 140 -6.60 -13.38 -26.24
CA PRO C 140 -6.50 -14.84 -26.29
C PRO C 140 -7.11 -15.43 -27.57
N GLN C 141 -6.68 -16.62 -27.97
CA GLN C 141 -7.17 -17.24 -29.23
C GLN C 141 -8.52 -17.92 -29.00
N GLY C 142 -9.42 -17.84 -29.98
CA GLY C 142 -10.75 -18.47 -29.87
C GLY C 142 -11.78 -17.50 -29.33
N THR C 143 -11.44 -16.22 -29.26
CA THR C 143 -12.36 -15.20 -28.70
C THR C 143 -13.07 -14.47 -29.84
N ASP C 144 -14.34 -14.10 -29.64
CA ASP C 144 -15.05 -13.28 -30.67
C ASP C 144 -14.41 -11.90 -30.67
N LEU C 145 -13.83 -11.49 -31.80
CA LEU C 145 -13.09 -10.21 -31.85
C LEU C 145 -14.07 -9.04 -31.91
N ALA C 146 -15.37 -9.33 -32.02
CA ALA C 146 -16.40 -8.28 -32.11
C ALA C 146 -16.87 -7.90 -30.71
N GLN C 147 -16.72 -8.83 -29.75
CA GLN C 147 -17.20 -8.58 -28.37
C GLN C 147 -16.05 -8.06 -27.50
N VAL C 148 -14.80 -8.23 -27.97
CA VAL C 148 -13.61 -7.80 -27.18
C VAL C 148 -13.20 -6.40 -27.63
N ALA C 149 -13.83 -5.88 -28.69
CA ALA C 149 -13.46 -4.55 -29.23
C ALA C 149 -13.92 -3.45 -28.25
N PRO C 150 -15.16 -3.53 -27.74
CA PRO C 150 -15.65 -2.54 -26.76
C PRO C 150 -14.88 -2.55 -25.44
N ILE C 151 -14.22 -3.66 -25.11
CA ILE C 151 -13.52 -3.78 -23.79
C ILE C 151 -12.08 -3.28 -23.91
N LEU C 152 -11.68 -2.79 -25.09
CA LEU C 152 -10.29 -2.34 -25.32
C LEU C 152 -10.15 -0.88 -24.92
N CYS C 153 -11.26 -0.22 -24.57
CA CYS C 153 -11.22 1.18 -24.06
C CYS C 153 -12.09 1.26 -22.82
N ALA C 154 -13.41 1.19 -22.99
CA ALA C 154 -14.36 1.26 -21.84
C ALA C 154 -13.91 0.31 -20.73
N GLY C 155 -13.75 -0.97 -21.04
CA GLY C 155 -13.36 -1.96 -20.02
C GLY C 155 -12.15 -1.54 -19.22
N ILE C 156 -11.02 -1.32 -19.89
CA ILE C 156 -9.76 -0.98 -19.15
C ILE C 156 -9.99 0.27 -18.32
N THR C 157 -10.65 1.27 -18.88
CA THR C 157 -10.89 2.54 -18.15
C THR C 157 -11.62 2.23 -16.84
N VAL C 158 -12.78 1.58 -16.91
CA VAL C 158 -13.59 1.30 -15.69
C VAL C 158 -12.78 0.47 -14.70
N TYR C 159 -12.01 -0.51 -15.19
CA TYR C 159 -11.23 -1.40 -14.31
C TYR C 159 -10.19 -0.58 -13.52
N LYS C 160 -9.45 0.29 -14.21
CA LYS C 160 -8.40 1.10 -13.54
C LYS C 160 -9.08 2.10 -12.60
N ALA C 161 -10.29 2.55 -12.96
CA ALA C 161 -11.03 3.50 -12.10
C ALA C 161 -11.45 2.81 -10.81
N LEU C 162 -11.80 1.52 -10.89
CA LEU C 162 -12.23 0.75 -9.69
C LEU C 162 -10.98 0.35 -8.90
N LYS C 163 -9.81 0.35 -9.53
CA LYS C 163 -8.55 0.01 -8.82
C LYS C 163 -7.98 1.29 -8.19
N SER C 164 -8.45 2.46 -8.65
CA SER C 164 -7.94 3.75 -8.12
C SER C 164 -8.80 4.19 -6.93
N ALA C 165 -9.89 3.48 -6.66
CA ALA C 165 -10.80 3.84 -5.54
C ALA C 165 -10.28 3.23 -4.24
N ASN C 166 -9.32 2.31 -4.34
CA ASN C 166 -8.71 1.67 -3.14
C ASN C 166 -9.84 1.06 -2.31
N LEU C 167 -10.56 0.09 -2.88
CA LEU C 167 -11.71 -0.54 -2.17
C LEU C 167 -11.33 -1.96 -1.76
N MET C 168 -12.01 -2.52 -0.76
CA MET C 168 -11.77 -3.91 -0.33
C MET C 168 -13.01 -4.74 -0.68
N ALA C 169 -12.89 -6.07 -0.68
CA ALA C 169 -14.04 -6.95 -1.00
C ALA C 169 -15.08 -6.85 0.11
N GLY C 170 -16.34 -6.56 -0.26
CA GLY C 170 -17.40 -6.40 0.75
C GLY C 170 -17.73 -4.94 0.96
N HIS C 171 -16.99 -4.06 0.30
CA HIS C 171 -17.20 -2.59 0.46
C HIS C 171 -18.27 -2.11 -0.54
N TRP C 172 -18.86 -0.95 -0.29
CA TRP C 172 -19.94 -0.42 -1.17
C TRP C 172 -19.34 0.48 -2.23
N VAL C 173 -19.75 0.32 -3.49
CA VAL C 173 -19.28 1.22 -4.59
C VAL C 173 -20.51 1.79 -5.29
N ALA C 174 -20.65 3.12 -5.33
CA ALA C 174 -21.78 3.76 -6.03
C ALA C 174 -21.35 4.13 -7.45
N ILE C 175 -22.09 3.66 -8.45
CA ILE C 175 -21.78 4.00 -9.87
C ILE C 175 -22.90 4.86 -10.44
N SER C 176 -22.61 6.12 -10.75
CA SER C 176 -23.62 7.03 -11.36
C SER C 176 -23.79 6.65 -12.84
N GLY C 177 -25.02 6.50 -13.31
CA GLY C 177 -25.25 6.03 -14.68
C GLY C 177 -24.85 4.57 -14.78
N ALA C 178 -25.47 3.70 -13.98
CA ALA C 178 -25.06 2.28 -13.93
C ALA C 178 -25.70 1.46 -15.06
N ALA C 179 -26.67 2.05 -15.78
CA ALA C 179 -27.36 1.32 -16.86
C ALA C 179 -26.97 1.93 -18.20
N GLY C 180 -25.83 2.61 -18.27
CA GLY C 180 -25.35 3.18 -19.53
C GLY C 180 -24.31 2.28 -20.17
N GLY C 181 -23.50 2.82 -21.09
CA GLY C 181 -22.48 2.02 -21.79
C GLY C 181 -21.24 1.81 -20.95
N LEU C 182 -20.76 2.87 -20.30
CA LEU C 182 -19.53 2.78 -19.47
C LEU C 182 -19.92 2.38 -18.05
N GLY C 183 -21.21 2.51 -17.71
CA GLY C 183 -21.67 2.18 -16.35
C GLY C 183 -21.95 0.69 -16.19
N SER C 184 -22.51 0.06 -17.23
CA SER C 184 -22.84 -1.39 -17.18
C SER C 184 -21.56 -2.21 -16.98
N LEU C 185 -20.52 -1.91 -17.78
CA LEU C 185 -19.23 -2.62 -17.66
C LEU C 185 -18.67 -2.40 -16.25
N ALA C 186 -18.81 -1.18 -15.73
CA ALA C 186 -18.32 -0.87 -14.37
C ALA C 186 -19.02 -1.79 -13.35
N VAL C 187 -20.34 -1.84 -13.41
CA VAL C 187 -21.11 -2.72 -12.48
C VAL C 187 -20.54 -4.14 -12.56
N GLN C 188 -20.42 -4.68 -13.78
CA GLN C 188 -19.96 -6.08 -13.94
C GLN C 188 -18.57 -6.28 -13.33
N TYR C 189 -17.63 -5.38 -13.62
CA TYR C 189 -16.24 -5.52 -13.12
C TYR C 189 -16.23 -5.44 -11.59
N ALA C 190 -17.04 -4.54 -11.02
CA ALA C 190 -17.08 -4.37 -9.55
C ALA C 190 -17.67 -5.62 -8.89
N LYS C 191 -18.65 -6.25 -9.54
CA LYS C 191 -19.26 -7.50 -9.00
C LYS C 191 -18.22 -8.61 -9.06
N ALA C 192 -17.39 -8.62 -10.10
CA ALA C 192 -16.37 -9.68 -10.27
C ALA C 192 -15.18 -9.42 -9.34
N MET C 193 -15.06 -8.20 -8.82
CA MET C 193 -13.93 -7.86 -7.93
C MET C 193 -14.33 -8.06 -6.45
N GLY C 194 -15.60 -8.34 -6.19
CA GLY C 194 -16.05 -8.64 -4.81
C GLY C 194 -16.65 -7.44 -4.10
N TYR C 195 -17.07 -6.42 -4.85
CA TYR C 195 -17.63 -5.19 -4.24
C TYR C 195 -19.16 -5.23 -4.30
N ARG C 196 -19.82 -4.55 -3.38
CA ARG C 196 -21.31 -4.46 -3.39
C ARG C 196 -21.69 -3.26 -4.26
N VAL C 197 -22.44 -3.46 -5.34
CA VAL C 197 -22.71 -2.35 -6.31
C VAL C 197 -24.02 -1.62 -5.99
N LEU C 198 -23.99 -0.28 -6.01
CA LEU C 198 -25.22 0.53 -5.84
C LEU C 198 -25.33 1.41 -7.08
N GLY C 199 -26.40 1.24 -7.87
CA GLY C 199 -26.51 2.00 -9.12
C GLY C 199 -27.47 3.17 -9.04
N ILE C 200 -27.07 4.32 -9.58
CA ILE C 200 -27.96 5.52 -9.60
C ILE C 200 -28.22 5.91 -11.05
N ASP C 201 -29.31 5.40 -11.66
CA ASP C 201 -29.68 5.80 -13.03
C ASP C 201 -31.21 5.92 -13.10
N GLY C 202 -31.72 6.62 -14.11
CA GLY C 202 -33.19 6.81 -14.23
C GLY C 202 -33.65 6.62 -15.67
N GLY C 203 -34.71 5.84 -15.88
CA GLY C 203 -35.23 5.58 -17.24
C GLY C 203 -36.16 4.39 -17.25
N GLU C 204 -36.47 3.87 -18.44
CA GLU C 204 -37.38 2.70 -18.57
C GLU C 204 -36.56 1.45 -18.86
N GLY C 205 -36.75 0.39 -18.06
CA GLY C 205 -36.03 -0.88 -18.29
C GLY C 205 -34.59 -0.79 -17.83
N LYS C 206 -34.26 0.22 -17.05
CA LYS C 206 -32.86 0.40 -16.55
C LYS C 206 -32.69 -0.36 -15.24
N GLU C 207 -33.68 -0.29 -14.35
CA GLU C 207 -33.63 -1.06 -13.07
C GLU C 207 -33.49 -2.54 -13.40
N GLU C 208 -34.28 -3.03 -14.34
CA GLU C 208 -34.25 -4.47 -14.72
C GLU C 208 -32.85 -4.82 -15.25
N LEU C 209 -32.32 -4.01 -16.16
CA LEU C 209 -30.98 -4.29 -16.75
C LEU C 209 -29.94 -4.34 -15.63
N PHE C 210 -30.06 -3.44 -14.65
CA PHE C 210 -29.12 -3.40 -13.51
C PHE C 210 -29.23 -4.71 -12.70
N ARG C 211 -30.42 -5.29 -12.66
CA ARG C 211 -30.58 -6.49 -11.80
C ARG C 211 -30.13 -7.73 -12.57
N SER C 212 -30.01 -7.59 -13.89
CA SER C 212 -29.58 -8.72 -14.76
C SER C 212 -28.07 -8.79 -14.79
N ILE C 213 -27.39 -7.64 -14.75
CA ILE C 213 -25.90 -7.63 -14.82
C ILE C 213 -25.28 -7.93 -13.44
N GLY C 214 -26.08 -7.90 -12.38
CA GLY C 214 -25.56 -8.27 -11.05
C GLY C 214 -25.47 -7.11 -10.08
N GLY C 215 -26.37 -6.13 -10.19
CA GLY C 215 -26.34 -5.00 -9.25
C GLY C 215 -27.15 -5.29 -8.00
N GLU C 216 -26.81 -4.66 -6.88
CA GLU C 216 -27.52 -4.93 -5.60
C GLU C 216 -28.66 -3.93 -5.38
N VAL C 217 -28.34 -2.67 -5.08
CA VAL C 217 -29.39 -1.64 -4.83
C VAL C 217 -29.43 -0.67 -6.01
N PHE C 218 -30.61 -0.24 -6.42
CA PHE C 218 -30.76 0.70 -7.56
C PHE C 218 -31.52 1.94 -7.09
N ILE C 219 -30.97 3.14 -7.31
CA ILE C 219 -31.67 4.40 -6.93
C ILE C 219 -32.16 5.08 -8.20
N ASP C 220 -33.48 5.15 -8.41
CA ASP C 220 -34.05 5.86 -9.58
C ASP C 220 -34.07 7.35 -9.27
N PHE C 221 -33.30 8.15 -10.01
CA PHE C 221 -33.21 9.61 -9.71
C PHE C 221 -34.44 10.34 -10.22
N THR C 222 -35.28 9.66 -11.00
CA THR C 222 -36.52 10.29 -11.54
C THR C 222 -37.66 10.07 -10.55
N LYS C 223 -37.55 9.05 -9.69
CA LYS C 223 -38.63 8.75 -8.71
C LYS C 223 -38.14 9.13 -7.31
N GLU C 224 -36.87 9.51 -7.17
CA GLU C 224 -36.31 9.91 -5.86
C GLU C 224 -35.99 11.42 -5.91
N LYS C 225 -36.41 12.16 -4.89
CA LYS C 225 -36.18 13.63 -4.85
C LYS C 225 -34.86 13.92 -4.13
N ASP C 226 -34.53 13.13 -3.12
CA ASP C 226 -33.23 13.29 -2.41
C ASP C 226 -32.37 12.04 -2.66
N ILE C 227 -31.30 12.18 -3.45
CA ILE C 227 -30.44 11.01 -3.81
C ILE C 227 -29.41 10.80 -2.70
N VAL C 228 -28.88 11.87 -2.12
CA VAL C 228 -27.84 11.76 -1.07
C VAL C 228 -28.40 10.95 0.11
N GLY C 229 -29.58 11.34 0.61
CA GLY C 229 -30.22 10.59 1.71
C GLY C 229 -30.44 9.14 1.33
N ALA C 230 -30.96 8.89 0.14
CA ALA C 230 -31.22 7.51 -0.33
C ALA C 230 -29.94 6.68 -0.25
N VAL C 231 -28.82 7.22 -0.76
CA VAL C 231 -27.54 6.45 -0.79
C VAL C 231 -27.07 6.23 0.65
N LEU C 232 -27.12 7.27 1.49
CA LEU C 232 -26.61 7.16 2.87
C LEU C 232 -27.46 6.17 3.67
N LYS C 233 -28.69 5.90 3.21
CA LYS C 233 -29.60 4.97 3.93
C LYS C 233 -29.45 3.55 3.35
N ALA C 234 -29.20 3.43 2.05
CA ALA C 234 -28.99 2.12 1.42
C ALA C 234 -27.67 1.53 1.95
N THR C 235 -26.67 2.38 2.12
CA THR C 235 -25.37 1.97 2.72
C THR C 235 -25.40 2.31 4.22
N ASP C 236 -24.32 2.04 4.94
CA ASP C 236 -24.30 2.35 6.40
C ASP C 236 -23.62 3.70 6.63
N GLY C 237 -24.07 4.74 5.92
CA GLY C 237 -23.50 6.09 6.05
C GLY C 237 -23.12 6.68 4.70
N GLY C 238 -22.70 5.84 3.76
CA GLY C 238 -22.30 6.28 2.41
C GLY C 238 -21.54 5.18 1.68
N ALA C 239 -21.14 5.44 0.42
CA ALA C 239 -20.41 4.41 -0.36
C ALA C 239 -18.90 4.63 -0.18
N HIS C 240 -18.17 3.56 0.18
CA HIS C 240 -16.71 3.63 0.38
C HIS C 240 -16.06 4.26 -0.86
N GLY C 241 -16.59 3.94 -2.04
CA GLY C 241 -16.07 4.52 -3.30
C GLY C 241 -17.19 4.94 -4.22
N VAL C 242 -16.96 5.98 -5.01
CA VAL C 242 -18.00 6.49 -5.97
C VAL C 242 -17.34 6.66 -7.34
N ILE C 243 -17.76 5.86 -8.32
CA ILE C 243 -17.24 6.01 -9.72
C ILE C 243 -18.17 6.96 -10.47
N ASN C 244 -17.67 8.12 -10.90
CA ASN C 244 -18.52 9.12 -11.58
C ASN C 244 -18.43 8.90 -13.10
N VAL C 245 -19.41 8.22 -13.69
CA VAL C 245 -19.45 8.02 -15.17
C VAL C 245 -20.35 9.11 -15.74
N SER C 246 -21.07 9.83 -14.89
CA SER C 246 -21.92 10.96 -15.35
C SER C 246 -21.05 12.21 -15.42
N VAL C 247 -21.19 13.02 -16.49
CA VAL C 247 -20.30 14.20 -16.68
C VAL C 247 -20.97 15.44 -16.10
N SER C 248 -22.18 15.30 -15.55
CA SER C 248 -22.92 16.47 -15.01
C SER C 248 -22.25 17.01 -13.74
N GLU C 249 -22.26 18.33 -13.56
CA GLU C 249 -21.64 18.96 -12.36
C GLU C 249 -22.49 18.63 -11.13
N ALA C 250 -23.80 18.70 -11.26
CA ALA C 250 -24.72 18.39 -10.14
C ALA C 250 -24.42 16.99 -9.62
N ALA C 251 -24.26 16.03 -10.53
CA ALA C 251 -23.99 14.63 -10.13
C ALA C 251 -22.70 14.56 -9.30
N ILE C 252 -21.61 15.18 -9.76
CA ILE C 252 -20.30 15.08 -9.05
C ILE C 252 -20.39 15.76 -7.68
N GLU C 253 -21.20 16.83 -7.56
CA GLU C 253 -21.40 17.48 -6.24
C GLU C 253 -22.10 16.50 -5.29
N ALA C 254 -23.21 15.94 -5.75
CA ALA C 254 -23.95 14.96 -4.92
C ALA C 254 -23.02 13.78 -4.60
N SER C 255 -22.04 13.53 -5.48
CA SER C 255 -21.10 12.39 -5.28
C SER C 255 -20.18 12.67 -4.10
N THR C 256 -19.60 13.88 -4.04
CA THR C 256 -18.75 14.25 -2.88
C THR C 256 -19.59 14.22 -1.60
N ARG C 257 -20.91 14.42 -1.71
CA ARG C 257 -21.74 14.48 -0.47
C ARG C 257 -22.13 13.09 0.04
N TYR C 258 -22.38 12.12 -0.84
CA TYR C 258 -22.85 10.78 -0.37
C TYR C 258 -21.71 9.77 -0.33
N VAL C 259 -20.47 10.24 -0.17
CA VAL C 259 -19.30 9.34 -0.03
C VAL C 259 -19.07 9.10 1.46
N ARG C 260 -18.58 7.91 1.83
CA ARG C 260 -18.29 7.60 3.26
C ARG C 260 -17.07 8.39 3.70
N ALA C 261 -16.93 8.61 5.01
CA ALA C 261 -15.74 9.32 5.53
C ALA C 261 -14.49 8.48 5.23
N ASN C 262 -13.45 9.11 4.68
CA ASN C 262 -12.20 8.40 4.34
C ASN C 262 -12.39 7.63 3.03
N GLY C 263 -13.37 8.04 2.22
CA GLY C 263 -13.66 7.36 0.94
C GLY C 263 -13.06 8.09 -0.24
N THR C 264 -13.14 7.51 -1.43
CA THR C 264 -12.53 8.12 -2.64
C THR C 264 -13.58 8.28 -3.73
N THR C 265 -13.58 9.44 -4.41
CA THR C 265 -14.49 9.65 -5.57
C THR C 265 -13.62 9.68 -6.83
N VAL C 266 -13.90 8.78 -7.79
CA VAL C 266 -13.04 8.69 -9.01
C VAL C 266 -13.71 9.41 -10.16
N LEU C 267 -12.97 10.27 -10.85
CA LEU C 267 -13.52 11.01 -12.03
C LEU C 267 -12.99 10.35 -13.31
N VAL C 268 -13.90 9.98 -14.23
CA VAL C 268 -13.48 9.25 -15.46
C VAL C 268 -13.78 10.12 -16.69
N GLY C 269 -14.96 10.74 -16.74
CA GLY C 269 -15.36 11.58 -17.89
C GLY C 269 -14.53 12.86 -17.96
N MET C 270 -14.45 13.47 -19.14
CA MET C 270 -13.60 14.67 -19.31
C MET C 270 -14.31 15.71 -20.19
N PRO C 271 -15.41 16.34 -19.75
CA PRO C 271 -16.05 17.41 -20.52
C PRO C 271 -15.28 18.72 -20.34
N ALA C 272 -14.34 19.01 -21.25
CA ALA C 272 -13.48 20.22 -21.13
C ALA C 272 -14.34 21.46 -20.89
N GLY C 273 -14.22 22.07 -19.72
CA GLY C 273 -15.04 23.26 -19.38
C GLY C 273 -15.82 23.03 -18.10
N ALA C 274 -15.94 21.76 -17.68
CA ALA C 274 -16.70 21.42 -16.47
C ALA C 274 -15.82 21.66 -15.24
N LYS C 275 -16.44 21.74 -14.05
CA LYS C 275 -15.68 22.02 -12.81
C LYS C 275 -16.34 21.30 -11.64
N CYS C 276 -15.54 20.80 -10.69
CA CYS C 276 -16.08 20.12 -9.49
C CYS C 276 -16.01 21.08 -8.29
N CYS C 277 -16.72 22.21 -8.36
CA CYS C 277 -16.73 23.19 -7.24
C CYS C 277 -17.44 22.58 -6.04
N SER C 278 -16.67 22.06 -5.07
CA SER C 278 -17.28 21.40 -3.88
C SER C 278 -16.87 22.15 -2.62
N ASP C 279 -17.55 21.89 -1.51
CA ASP C 279 -17.16 22.51 -0.20
C ASP C 279 -15.84 21.87 0.23
N VAL C 280 -14.84 22.70 0.54
CA VAL C 280 -13.51 22.19 0.97
C VAL C 280 -13.62 21.74 2.43
N PHE C 281 -14.43 22.43 3.23
CA PHE C 281 -14.61 22.08 4.66
C PHE C 281 -15.00 20.60 4.78
N ASN C 282 -16.05 20.19 4.05
CA ASN C 282 -16.53 18.79 4.10
C ASN C 282 -15.38 17.83 3.78
N GLN C 283 -14.69 18.04 2.67
CA GLN C 283 -13.61 17.11 2.24
C GLN C 283 -12.52 17.04 3.32
N VAL C 284 -12.17 18.17 3.93
CA VAL C 284 -11.05 18.17 4.92
C VAL C 284 -11.49 17.48 6.21
N VAL C 285 -12.75 17.66 6.60
CA VAL C 285 -13.23 17.09 7.91
C VAL C 285 -13.44 15.58 7.76
N LYS C 286 -14.03 15.14 6.65
CA LYS C 286 -14.35 13.71 6.47
C LYS C 286 -13.17 13.00 5.79
N SER C 287 -12.11 13.75 5.47
CA SER C 287 -10.89 13.14 4.87
C SER C 287 -11.24 12.42 3.56
N ILE C 288 -11.99 13.09 2.68
CA ILE C 288 -12.41 12.48 1.38
C ILE C 288 -11.30 12.74 0.35
N SER C 289 -11.14 11.80 -0.59
CA SER C 289 -10.11 11.96 -1.65
C SER C 289 -10.78 11.96 -3.03
N ILE C 290 -10.49 12.97 -3.85
CA ILE C 290 -11.04 13.01 -5.24
C ILE C 290 -9.91 12.64 -6.20
N VAL C 291 -9.98 11.45 -6.80
CA VAL C 291 -8.89 10.97 -7.70
C VAL C 291 -9.37 11.01 -9.15
N GLY C 292 -8.49 11.41 -10.08
CA GLY C 292 -8.82 11.40 -11.51
C GLY C 292 -8.15 10.22 -12.19
N SER C 293 -8.88 9.52 -13.07
CA SER C 293 -8.32 8.30 -13.71
C SER C 293 -8.36 8.44 -15.24
N TYR C 294 -7.28 8.04 -15.92
CA TYR C 294 -7.23 8.11 -17.41
C TYR C 294 -7.12 6.67 -17.93
N VAL C 295 -6.60 6.51 -19.15
CA VAL C 295 -6.44 5.16 -19.75
C VAL C 295 -5.57 4.26 -18.88
N GLY C 296 -5.73 2.94 -19.00
CA GLY C 296 -4.97 1.99 -18.16
C GLY C 296 -3.63 1.61 -18.78
N ASN C 297 -2.78 0.92 -18.02
CA ASN C 297 -1.43 0.55 -18.52
C ASN C 297 -1.47 -0.85 -19.13
N ARG C 298 -0.32 -1.47 -19.38
CA ARG C 298 -0.26 -2.80 -20.02
C ARG C 298 -0.76 -3.87 -19.05
N ALA C 299 -0.32 -3.80 -17.79
CA ALA C 299 -0.76 -4.78 -16.76
C ALA C 299 -2.28 -4.71 -16.62
N ASP C 300 -2.83 -3.50 -16.51
CA ASP C 300 -4.30 -3.31 -16.37
C ASP C 300 -5.00 -3.95 -17.57
N THR C 301 -4.51 -3.69 -18.78
CA THR C 301 -5.09 -4.30 -20.00
C THR C 301 -5.17 -5.82 -19.81
N ARG C 302 -4.03 -6.46 -19.54
CA ARG C 302 -4.00 -7.93 -19.34
C ARG C 302 -5.07 -8.36 -18.34
N GLU C 303 -5.09 -7.75 -17.15
CA GLU C 303 -6.04 -8.19 -16.08
C GLU C 303 -7.50 -8.06 -16.55
N ALA C 304 -7.87 -6.93 -17.15
CA ALA C 304 -9.25 -6.72 -17.61
C ALA C 304 -9.64 -7.75 -18.67
N LEU C 305 -8.74 -8.00 -19.61
CA LEU C 305 -9.03 -8.99 -20.70
C LEU C 305 -9.17 -10.38 -20.08
N ASP C 306 -8.44 -10.66 -19.00
CA ASP C 306 -8.53 -11.97 -18.31
C ASP C 306 -9.94 -12.13 -17.73
N PHE C 307 -10.47 -11.07 -17.12
CA PHE C 307 -11.87 -11.13 -16.61
C PHE C 307 -12.82 -11.45 -17.78
N PHE C 308 -12.64 -10.76 -18.91
CA PHE C 308 -13.51 -11.00 -20.09
C PHE C 308 -13.42 -12.46 -20.54
N ALA C 309 -12.23 -13.04 -20.50
CA ALA C 309 -12.02 -14.44 -20.94
C ALA C 309 -12.72 -15.40 -19.97
N ARG C 310 -12.58 -15.15 -18.67
CA ARG C 310 -13.28 -15.98 -17.66
C ARG C 310 -14.77 -15.92 -17.93
N GLY C 311 -15.26 -14.80 -18.46
CA GLY C 311 -16.69 -14.72 -18.84
C GLY C 311 -17.52 -14.01 -17.80
N LEU C 312 -16.93 -13.04 -17.10
CA LEU C 312 -17.65 -12.33 -16.01
C LEU C 312 -18.02 -10.93 -16.48
N VAL C 313 -17.51 -10.51 -17.63
CA VAL C 313 -17.81 -9.16 -18.18
C VAL C 313 -18.36 -9.33 -19.61
N LYS C 314 -19.50 -8.70 -19.90
CA LYS C 314 -20.14 -8.85 -21.24
C LYS C 314 -20.67 -7.48 -21.69
N SER C 315 -20.69 -7.25 -23.01
CA SER C 315 -21.21 -5.96 -23.56
C SER C 315 -22.15 -6.25 -24.74
N PRO C 316 -23.46 -5.98 -24.63
CA PRO C 316 -24.38 -6.17 -25.77
C PRO C 316 -24.05 -5.14 -26.85
N ILE C 317 -23.53 -5.58 -28.00
CA ILE C 317 -23.16 -4.63 -29.08
C ILE C 317 -23.54 -5.22 -30.44
N LYS C 318 -23.79 -4.35 -31.44
CA LYS C 318 -24.14 -4.77 -32.81
C LYS C 318 -22.88 -4.77 -33.68
N VAL C 319 -23.04 -4.96 -35.00
CA VAL C 319 -21.89 -4.98 -35.93
C VAL C 319 -22.32 -4.35 -37.28
N VAL C 320 -22.16 -3.04 -37.42
CA VAL C 320 -22.53 -2.35 -38.68
C VAL C 320 -21.28 -2.30 -39.56
N GLY C 321 -21.44 -2.10 -40.88
CA GLY C 321 -20.28 -2.09 -41.80
C GLY C 321 -19.45 -0.83 -41.66
N LEU C 322 -18.26 -0.82 -42.26
CA LEU C 322 -17.37 0.37 -42.20
C LEU C 322 -17.82 1.38 -43.26
N SER C 323 -18.57 0.93 -44.25
CA SER C 323 -19.04 1.82 -45.34
C SER C 323 -20.14 2.75 -44.82
N THR C 324 -20.58 2.54 -43.58
CA THR C 324 -21.70 3.33 -43.01
C THR C 324 -21.21 4.18 -41.85
N LEU C 325 -19.90 4.17 -41.57
CA LEU C 325 -19.34 4.93 -40.43
C LEU C 325 -19.49 6.43 -40.69
N PRO C 326 -19.42 6.88 -41.96
CA PRO C 326 -19.61 8.30 -42.29
C PRO C 326 -20.94 8.85 -41.76
N GLU C 327 -21.94 8.00 -41.56
CA GLU C 327 -23.29 8.45 -41.10
C GLU C 327 -23.42 8.22 -39.60
N ILE C 328 -22.75 7.19 -39.08
CA ILE C 328 -22.76 6.94 -37.60
C ILE C 328 -22.12 8.16 -36.92
N TYR C 329 -21.07 8.74 -37.54
CA TYR C 329 -20.39 9.93 -36.97
C TYR C 329 -21.39 11.07 -36.83
N GLU C 330 -22.25 11.26 -37.84
CA GLU C 330 -23.25 12.36 -37.82
C GLU C 330 -24.30 12.09 -36.74
N LYS C 331 -24.73 10.83 -36.60
CA LYS C 331 -25.68 10.48 -35.52
C LYS C 331 -25.02 10.74 -34.16
N MET C 332 -23.72 10.47 -34.05
CA MET C 332 -22.97 10.66 -32.78
C MET C 332 -22.84 12.15 -32.48
N GLU C 333 -22.71 12.98 -33.52
CA GLU C 333 -22.62 14.45 -33.31
C GLU C 333 -24.00 14.97 -32.93
N LYS C 334 -25.06 14.32 -33.41
CA LYS C 334 -26.44 14.74 -33.06
C LYS C 334 -26.78 14.20 -31.66
N GLY C 335 -26.00 13.25 -31.17
CA GLY C 335 -26.24 12.66 -29.84
C GLY C 335 -27.55 11.89 -29.82
N GLN C 336 -27.74 10.98 -30.78
CA GLN C 336 -29.02 10.23 -30.88
C GLN C 336 -28.74 8.74 -31.01
N ILE C 337 -27.59 8.28 -30.50
CA ILE C 337 -27.20 6.85 -30.66
C ILE C 337 -27.40 6.12 -29.32
N VAL C 338 -27.83 4.86 -29.37
CA VAL C 338 -28.03 4.05 -28.13
C VAL C 338 -27.19 2.76 -28.27
N GLY C 339 -26.57 2.32 -27.17
CA GLY C 339 -25.79 1.06 -27.20
C GLY C 339 -24.37 1.28 -27.71
N ARG C 340 -23.50 0.29 -27.53
CA ARG C 340 -22.11 0.39 -28.02
C ARG C 340 -22.08 -0.07 -29.49
N TYR C 341 -21.42 0.70 -30.36
CA TYR C 341 -21.41 0.37 -31.81
C TYR C 341 -20.06 -0.24 -32.19
N VAL C 342 -20.08 -1.35 -32.94
CA VAL C 342 -18.83 -1.99 -33.43
C VAL C 342 -18.89 -2.05 -34.95
N VAL C 343 -17.80 -1.70 -35.64
CA VAL C 343 -17.84 -1.63 -37.14
C VAL C 343 -17.06 -2.81 -37.73
N ASP C 344 -17.66 -3.51 -38.71
CA ASP C 344 -16.94 -4.61 -39.40
C ASP C 344 -16.14 -4.00 -40.56
N THR C 345 -14.82 -4.16 -40.54
CA THR C 345 -13.95 -3.54 -41.58
C THR C 345 -14.02 -4.36 -42.87
N SER C 346 -14.55 -5.58 -42.80
CA SER C 346 -14.63 -6.47 -43.99
C SER C 346 -15.68 -5.91 -44.97
N LYS C 347 -16.89 -5.64 -44.48
CA LYS C 347 -17.95 -5.06 -45.35
C LYS C 347 -17.67 -3.58 -45.55
N SER D 1 -1.28 18.06 46.96
CA SER D 1 -2.74 17.82 47.16
C SER D 1 -3.52 18.47 46.01
N ILE D 2 -4.57 17.79 45.53
CA ILE D 2 -5.43 18.37 44.47
C ILE D 2 -6.32 19.43 45.11
N PRO D 3 -6.26 20.71 44.68
CA PRO D 3 -7.04 21.78 45.32
C PRO D 3 -8.53 21.64 45.02
N GLU D 4 -9.36 22.52 45.59
CA GLU D 4 -10.82 22.49 45.33
C GLU D 4 -11.18 23.66 44.41
N THR D 5 -10.32 24.67 44.34
CA THR D 5 -10.60 25.85 43.48
C THR D 5 -9.43 26.03 42.49
N GLN D 6 -9.74 26.43 41.25
CA GLN D 6 -8.68 26.70 40.24
C GLN D 6 -9.04 27.99 39.53
N LYS D 7 -8.26 28.37 38.50
CA LYS D 7 -8.58 29.60 37.72
C LYS D 7 -8.46 29.26 36.23
N GLY D 8 -9.33 29.84 35.40
CA GLY D 8 -9.29 29.58 33.94
C GLY D 8 -10.12 30.61 33.18
N VAL D 9 -10.00 30.62 31.85
CA VAL D 9 -10.77 31.58 31.01
C VAL D 9 -12.08 30.90 30.57
N ILE D 10 -13.22 31.41 31.01
CA ILE D 10 -14.53 30.79 30.70
C ILE D 10 -15.43 31.82 30.03
N PHE D 11 -16.18 31.42 28.99
CA PHE D 11 -17.15 32.34 28.35
C PHE D 11 -18.56 31.76 28.52
N TYR D 12 -19.42 32.45 29.28
CA TYR D 12 -20.78 31.94 29.56
C TYR D 12 -21.64 32.02 28.29
N GLU D 13 -21.59 33.17 27.60
CA GLU D 13 -22.39 33.35 26.35
C GLU D 13 -21.46 33.24 25.14
N SER D 14 -22.01 32.85 23.99
CA SER D 14 -21.21 32.75 22.75
C SER D 14 -20.89 34.15 22.23
N HIS D 15 -19.61 34.46 22.01
CA HIS D 15 -19.21 35.81 21.56
C HIS D 15 -19.34 36.80 22.72
N GLY D 16 -19.15 36.32 23.95
CA GLY D 16 -19.25 37.19 25.14
C GLY D 16 -17.88 37.60 25.64
N LYS D 17 -17.82 38.22 26.82
CA LYS D 17 -16.53 38.67 27.40
C LYS D 17 -15.84 37.49 28.08
N LEU D 18 -14.67 37.09 27.57
CA LEU D 18 -13.91 35.98 28.19
C LEU D 18 -13.43 36.43 29.56
N GLU D 19 -13.71 35.65 30.60
CA GLU D 19 -13.38 36.10 31.99
C GLU D 19 -12.37 35.15 32.64
N TYR D 20 -11.51 35.68 33.51
CA TYR D 20 -10.53 34.86 34.26
C TYR D 20 -10.97 34.80 35.72
N LYS D 21 -11.89 33.88 36.06
CA LYS D 21 -12.44 33.82 37.44
C LYS D 21 -12.16 32.44 38.04
N ASP D 22 -12.34 32.30 39.37
CA ASP D 22 -12.11 31.02 40.07
C ASP D 22 -13.26 30.06 39.75
N ILE D 23 -12.94 28.86 39.28
CA ILE D 23 -14.00 27.88 38.89
C ILE D 23 -13.79 26.58 39.68
N PRO D 24 -14.84 25.76 39.90
CA PRO D 24 -14.67 24.48 40.59
C PRO D 24 -13.70 23.55 39.83
N VAL D 25 -12.95 22.72 40.56
CA VAL D 25 -11.95 21.80 39.91
C VAL D 25 -12.68 20.53 39.46
N PRO D 26 -12.39 20.00 38.26
CA PRO D 26 -13.08 18.82 37.74
C PRO D 26 -12.69 17.53 38.47
N LYS D 27 -13.65 16.63 38.70
CA LYS D 27 -13.34 15.32 39.33
C LYS D 27 -13.23 14.26 38.22
N PRO D 28 -12.16 13.43 38.19
CA PRO D 28 -11.97 12.48 37.11
C PRO D 28 -13.06 11.39 37.05
N LYS D 29 -13.33 10.86 35.86
CA LYS D 29 -14.31 9.75 35.73
C LYS D 29 -13.55 8.42 35.81
N ALA D 30 -14.15 7.31 35.40
CA ALA D 30 -13.50 5.98 35.55
C ALA D 30 -12.36 5.81 34.55
N ASN D 31 -12.50 6.37 33.35
CA ASN D 31 -11.48 6.17 32.28
C ASN D 31 -10.77 7.51 32.00
N GLU D 32 -10.80 8.44 32.94
CA GLU D 32 -10.23 9.79 32.68
C GLU D 32 -9.05 10.07 33.62
N LEU D 33 -8.09 10.88 33.16
CA LEU D 33 -6.95 11.28 34.00
C LEU D 33 -7.13 12.75 34.40
N LEU D 34 -6.72 13.14 35.61
CA LEU D 34 -6.78 14.57 36.00
C LEU D 34 -5.40 15.16 35.77
N ILE D 35 -5.24 16.03 34.76
CA ILE D 35 -3.90 16.57 34.41
C ILE D 35 -3.78 18.01 34.93
N ASN D 36 -2.64 18.35 35.55
CA ASN D 36 -2.40 19.75 35.96
C ASN D 36 -1.74 20.47 34.78
N VAL D 37 -2.53 21.12 33.94
CA VAL D 37 -1.97 21.79 32.73
C VAL D 37 -0.91 22.80 33.18
N LYS D 38 0.31 22.68 32.64
CA LYS D 38 1.41 23.62 32.99
C LYS D 38 1.52 24.67 31.88
N TYR D 39 1.46 24.22 30.62
CA TYR D 39 1.54 25.16 29.47
C TYR D 39 0.47 24.77 28.45
N SER D 40 -0.21 25.75 27.86
CA SER D 40 -1.28 25.49 26.87
C SER D 40 -1.08 26.38 25.63
N GLY D 41 -1.26 25.81 24.44
CA GLY D 41 -1.10 26.60 23.20
C GLY D 41 -2.40 27.25 22.79
N VAL D 42 -2.32 28.42 22.14
CA VAL D 42 -3.54 29.13 21.65
C VAL D 42 -3.62 28.95 20.13
N CYS D 43 -4.78 28.51 19.63
CA CYS D 43 -4.96 28.29 18.17
C CYS D 43 -6.11 29.16 17.67
N HIS D 44 -6.34 29.19 16.36
CA HIS D 44 -7.47 29.97 15.78
C HIS D 44 -8.77 29.18 15.98
N THR D 45 -8.66 27.88 16.24
CA THR D 45 -9.86 27.04 16.49
C THR D 45 -10.55 27.55 17.76
N ASP D 46 -9.78 28.13 18.68
CA ASP D 46 -10.35 28.67 19.94
C ASP D 46 -11.23 29.88 19.61
N LEU D 47 -10.76 30.76 18.73
CA LEU D 47 -11.58 31.92 18.29
C LEU D 47 -12.84 31.39 17.61
N HIS D 48 -12.70 30.30 16.85
CA HIS D 48 -13.87 29.70 16.16
C HIS D 48 -14.89 29.22 17.19
N ALA D 49 -14.43 28.54 18.25
CA ALA D 49 -15.34 28.03 19.31
C ALA D 49 -15.98 29.21 20.04
N TRP D 50 -15.28 30.34 20.12
CA TRP D 50 -15.82 31.54 20.81
C TRP D 50 -16.94 32.15 19.95
N HIS D 51 -16.76 32.20 18.63
CA HIS D 51 -17.76 32.86 17.76
C HIS D 51 -18.96 31.94 17.55
N GLY D 52 -18.73 30.65 17.32
CA GLY D 52 -19.83 29.71 17.01
C GLY D 52 -20.02 29.60 15.53
N ASP D 53 -18.94 29.69 14.75
CA ASP D 53 -19.03 29.67 13.27
C ASP D 53 -19.23 28.23 12.78
N TRP D 54 -18.55 27.27 13.41
CA TRP D 54 -18.66 25.85 12.99
C TRP D 54 -20.07 25.33 13.25
N PRO D 55 -20.51 24.22 12.62
CA PRO D 55 -21.90 23.75 12.76
C PRO D 55 -22.28 23.12 14.10
N LEU D 56 -21.36 22.40 14.75
CA LEU D 56 -21.69 21.68 16.00
C LEU D 56 -21.99 22.67 17.13
N PRO D 57 -22.95 22.37 18.04
CA PRO D 57 -23.25 23.25 19.17
C PRO D 57 -22.21 23.15 20.29
N VAL D 58 -21.97 24.25 21.01
CA VAL D 58 -20.91 24.28 22.06
C VAL D 58 -21.55 24.07 23.45
N LYS D 59 -20.81 23.50 24.39
CA LYS D 59 -21.33 23.27 25.77
C LYS D 59 -20.98 24.46 26.64
N LEU D 60 -21.96 25.32 26.96
CA LEU D 60 -21.71 26.54 27.76
C LEU D 60 -22.20 26.32 29.18
N PRO D 61 -21.52 26.85 30.23
CA PRO D 61 -20.28 27.61 30.05
C PRO D 61 -19.10 26.67 29.76
N LEU D 62 -18.07 27.15 29.05
CA LEU D 62 -16.96 26.24 28.65
C LEU D 62 -15.61 26.96 28.73
N VAL D 63 -14.54 26.25 29.08
CA VAL D 63 -13.17 26.82 29.06
C VAL D 63 -12.48 26.24 27.83
N GLY D 64 -12.08 27.08 26.88
CA GLY D 64 -11.51 26.59 25.61
C GLY D 64 -10.11 26.03 25.73
N GLY D 65 -9.47 25.73 24.60
CA GLY D 65 -8.11 25.16 24.60
C GLY D 65 -8.13 23.71 24.14
N HIS D 66 -7.23 23.34 23.23
CA HIS D 66 -7.18 21.94 22.71
C HIS D 66 -5.72 21.46 22.66
N GLU D 67 -4.76 22.32 22.96
CA GLU D 67 -3.33 21.90 22.98
C GLU D 67 -2.71 22.26 24.34
N GLY D 68 -2.77 21.33 25.31
CA GLY D 68 -2.26 21.58 26.66
C GLY D 68 -1.41 20.43 27.18
N ALA D 69 -0.26 20.75 27.78
CA ALA D 69 0.64 19.72 28.34
C ALA D 69 0.75 19.91 29.85
N GLY D 70 0.91 18.81 30.61
CA GLY D 70 0.96 18.92 32.07
C GLY D 70 1.28 17.58 32.74
N VAL D 71 1.13 17.52 34.06
CA VAL D 71 1.47 16.28 34.82
C VAL D 71 0.19 15.59 35.26
N VAL D 72 0.16 14.25 35.23
CA VAL D 72 -1.02 13.49 35.70
C VAL D 72 -1.01 13.50 37.23
N VAL D 73 -1.96 14.19 37.85
CA VAL D 73 -2.01 14.31 39.34
C VAL D 73 -3.06 13.34 39.87
N GLY D 74 -4.00 12.92 39.04
CA GLY D 74 -5.04 11.97 39.45
C GLY D 74 -5.52 11.12 38.28
N MET D 75 -5.92 9.87 38.55
CA MET D 75 -6.45 8.98 37.49
C MET D 75 -7.69 8.24 38.00
N GLY D 76 -8.49 7.68 37.09
CA GLY D 76 -9.72 6.96 37.48
C GLY D 76 -9.43 5.57 38.00
N GLU D 77 -10.47 4.76 38.20
CA GLU D 77 -10.28 3.40 38.77
C GLU D 77 -10.31 2.36 37.66
N ASN D 78 -10.07 2.77 36.41
CA ASN D 78 -10.05 1.83 35.27
C ASN D 78 -8.84 2.14 34.40
N VAL D 79 -8.26 3.33 34.54
CA VAL D 79 -7.08 3.74 33.72
C VAL D 79 -6.06 2.61 33.76
N LYS D 80 -5.53 2.21 32.60
CA LYS D 80 -4.61 1.04 32.55
C LYS D 80 -3.41 1.39 31.67
N GLY D 81 -2.30 1.80 32.30
CA GLY D 81 -1.07 2.10 31.52
C GLY D 81 -0.48 3.44 31.91
N TRP D 82 -1.13 4.16 32.81
CA TRP D 82 -0.64 5.50 33.23
C TRP D 82 -0.18 5.46 34.68
N LYS D 83 0.67 6.42 35.09
CA LYS D 83 1.15 6.49 36.49
C LYS D 83 1.08 7.94 36.96
N ILE D 84 1.06 8.17 38.27
CA ILE D 84 1.02 9.56 38.82
C ILE D 84 2.40 10.19 38.66
N GLY D 85 2.50 11.30 37.94
CA GLY D 85 3.80 11.97 37.71
C GLY D 85 4.18 11.93 36.25
N ASP D 86 3.41 11.20 35.44
CA ASP D 86 3.71 11.08 33.98
C ASP D 86 3.24 12.34 33.26
N TYR D 87 3.92 12.71 32.18
CA TYR D 87 3.54 13.90 31.39
C TYR D 87 2.45 13.53 30.38
N ALA D 88 1.35 14.28 30.35
CA ALA D 88 0.23 13.95 29.44
C ALA D 88 -0.12 15.18 28.58
N GLY D 89 -0.65 14.95 27.39
CA GLY D 89 -1.02 16.05 26.49
C GLY D 89 -2.47 15.96 26.05
N ILE D 90 -3.24 17.04 26.25
CA ILE D 90 -4.67 17.07 25.82
C ILE D 90 -4.71 17.54 24.37
N LYS D 91 -5.44 16.83 23.50
CA LYS D 91 -5.50 17.19 22.07
C LYS D 91 -6.93 17.57 21.69
N TRP D 92 -7.21 17.73 20.40
CA TRP D 92 -8.57 18.11 19.93
C TRP D 92 -9.56 17.02 20.27
N LEU D 93 -9.29 15.78 19.85
CA LEU D 93 -10.19 14.63 20.13
C LEU D 93 -9.86 14.07 21.52
N ASN D 94 -10.71 14.34 22.51
CA ASN D 94 -10.49 13.85 23.91
C ASN D 94 -10.64 12.34 24.10
N GLY D 95 -11.85 11.81 23.85
CA GLY D 95 -12.14 10.38 23.99
C GLY D 95 -13.49 10.04 23.38
N SER D 96 -13.61 8.88 22.72
CA SER D 96 -14.89 8.45 22.09
C SER D 96 -15.10 6.95 22.32
N CYS D 97 -16.33 6.47 22.04
CA CYS D 97 -16.67 5.03 22.22
C CYS D 97 -15.85 4.19 21.24
N MET D 98 -14.96 3.34 21.76
CA MET D 98 -14.07 2.49 20.91
C MET D 98 -14.81 1.23 20.45
N ALA D 99 -16.08 1.81 19.95
CA ALA D 99 -16.86 0.65 19.45
C ALA D 99 -17.61 0.81 18.13
N CYS D 100 -17.21 1.53 17.17
CA CYS D 100 -17.87 1.76 15.86
C CYS D 100 -16.92 1.65 14.67
N GLU D 101 -17.33 2.15 13.50
CA GLU D 101 -16.51 2.05 12.26
C GLU D 101 -15.34 3.05 12.31
N TYR D 102 -15.58 4.26 12.81
CA TYR D 102 -14.52 5.29 12.87
C TYR D 102 -13.43 4.84 13.85
N CYS D 103 -13.60 4.16 15.23
CA CYS D 103 -12.68 3.96 16.38
C CYS D 103 -11.75 2.77 16.07
N GLU D 104 -12.62 1.64 15.60
CA GLU D 104 -11.84 0.42 15.27
C GLU D 104 -10.82 0.48 14.14
N LEU D 105 -10.98 1.39 13.18
CA LEU D 105 -10.03 1.42 12.05
C LEU D 105 -8.97 2.50 12.28
N GLY D 106 -9.13 3.31 13.34
CA GLY D 106 -8.12 4.34 13.68
C GLY D 106 -8.67 5.74 13.47
N ASN D 107 -9.70 5.88 12.64
CA ASN D 107 -10.30 7.21 12.36
C ASN D 107 -11.31 7.54 13.47
N GLU D 108 -10.85 7.62 14.71
CA GLU D 108 -11.75 7.85 15.87
C GLU D 108 -12.24 9.31 15.87
N SER D 109 -11.76 10.12 14.93
CA SER D 109 -12.21 11.53 14.82
C SER D 109 -13.56 11.58 14.11
N ASN D 110 -13.89 10.53 13.36
CA ASN D 110 -15.19 10.50 12.63
C ASN D 110 -16.12 9.57 13.39
N CYS D 111 -16.30 9.81 14.70
CA CYS D 111 -17.19 8.98 15.55
C CYS D 111 -18.47 9.76 15.85
N PRO D 112 -19.66 9.12 15.84
CA PRO D 112 -20.92 9.82 16.12
C PRO D 112 -20.87 10.62 17.43
N HIS D 113 -20.34 10.00 18.49
CA HIS D 113 -20.26 10.68 19.82
C HIS D 113 -18.79 10.94 20.19
N ALA D 114 -18.10 11.80 19.44
CA ALA D 114 -16.69 12.14 19.73
C ALA D 114 -16.65 13.42 20.58
N ASP D 115 -15.84 13.42 21.64
CA ASP D 115 -15.72 14.60 22.53
C ASP D 115 -14.53 15.44 22.07
N LEU D 116 -14.76 16.74 21.85
CA LEU D 116 -13.69 17.66 21.39
C LEU D 116 -13.33 18.60 22.53
N SER D 117 -12.03 18.86 22.73
CA SER D 117 -11.58 19.73 23.85
C SER D 117 -11.77 21.20 23.48
N GLY D 118 -12.38 21.98 24.38
CA GLY D 118 -12.60 23.41 24.12
C GLY D 118 -13.83 23.65 23.26
N TYR D 119 -14.56 22.58 22.95
CA TYR D 119 -15.79 22.69 22.13
C TYR D 119 -16.93 21.96 22.84
N THR D 120 -16.76 20.67 23.11
CA THR D 120 -17.80 19.87 23.79
C THR D 120 -17.35 19.52 25.21
N HIS D 121 -16.04 19.41 25.43
CA HIS D 121 -15.49 19.12 26.78
C HIS D 121 -14.67 20.33 27.25
N ASP D 122 -14.61 20.56 28.56
CA ASP D 122 -13.79 21.67 29.11
C ASP D 122 -12.35 21.49 28.61
N GLY D 123 -11.73 22.56 28.12
CA GLY D 123 -10.39 22.44 27.49
C GLY D 123 -9.21 22.57 28.43
N SER D 124 -8.13 23.20 27.98
CA SER D 124 -6.90 23.27 28.79
C SER D 124 -6.53 24.72 29.14
N PHE D 125 -7.48 25.65 29.00
CA PHE D 125 -7.24 27.06 29.34
C PHE D 125 -7.49 27.27 30.84
N GLN D 126 -7.08 26.30 31.66
CA GLN D 126 -7.29 26.36 33.13
C GLN D 126 -6.07 25.78 33.85
N GLN D 127 -6.23 25.44 35.15
CA GLN D 127 -5.12 24.87 35.96
C GLN D 127 -5.23 23.34 35.95
N TYR D 128 -6.43 22.81 36.17
CA TYR D 128 -6.65 21.34 36.18
C TYR D 128 -7.69 20.97 35.12
N ALA D 129 -7.39 19.95 34.31
CA ALA D 129 -8.31 19.49 33.23
C ALA D 129 -8.34 17.97 33.19
N THR D 130 -9.49 17.39 32.82
CA THR D 130 -9.65 15.92 32.72
C THR D 130 -9.60 15.50 31.26
N ALA D 131 -9.15 14.28 30.97
CA ALA D 131 -9.04 13.80 29.57
C ALA D 131 -9.18 12.28 29.55
N ASP D 132 -9.67 11.72 28.43
CA ASP D 132 -9.75 10.25 28.28
C ASP D 132 -8.32 9.70 28.30
N ALA D 133 -8.08 8.61 29.04
CA ALA D 133 -6.71 8.07 29.18
C ALA D 133 -6.25 7.40 27.88
N VAL D 134 -7.18 6.98 27.03
CA VAL D 134 -6.80 6.25 25.78
C VAL D 134 -6.41 7.26 24.70
N GLN D 135 -6.91 8.48 24.78
CA GLN D 135 -6.67 9.48 23.71
C GLN D 135 -5.57 10.47 24.14
N ALA D 136 -5.19 10.45 25.42
CA ALA D 136 -4.16 11.38 25.93
C ALA D 136 -2.79 11.00 25.37
N ALA D 137 -1.99 12.00 25.00
CA ALA D 137 -0.66 11.75 24.40
C ALA D 137 0.38 11.51 25.51
N HIS D 138 1.23 10.50 25.33
CA HIS D 138 2.30 10.21 26.31
C HIS D 138 3.53 11.05 25.96
N ILE D 139 3.75 12.16 26.68
CA ILE D 139 4.95 13.02 26.43
C ILE D 139 6.12 12.47 27.23
N PRO D 140 7.30 12.24 26.61
CA PRO D 140 8.45 11.66 27.31
C PRO D 140 8.88 12.53 28.50
N GLN D 141 9.58 11.93 29.48
CA GLN D 141 9.99 12.67 30.71
C GLN D 141 11.28 13.46 30.44
N GLY D 142 11.38 14.67 31.01
CA GLY D 142 12.59 15.49 30.84
C GLY D 142 12.43 16.45 29.67
N THR D 143 11.21 16.59 29.15
CA THR D 143 10.98 17.46 27.97
C THR D 143 10.41 18.81 28.44
N ASP D 144 10.78 19.90 27.78
CA ASP D 144 10.17 21.22 28.12
C ASP D 144 8.70 21.16 27.70
N LEU D 145 7.78 21.32 28.64
CA LEU D 145 6.33 21.17 28.33
C LEU D 145 5.83 22.43 27.60
N ALA D 146 6.68 23.45 27.48
CA ALA D 146 6.28 24.70 26.82
C ALA D 146 6.58 24.63 25.33
N GLN D 147 7.52 23.75 24.95
CA GLN D 147 7.92 23.64 23.53
C GLN D 147 7.16 22.48 22.86
N VAL D 148 6.57 21.60 23.67
CA VAL D 148 5.83 20.41 23.13
C VAL D 148 4.35 20.75 23.02
N ALA D 149 3.95 21.92 23.51
CA ALA D 149 2.52 22.31 23.49
C ALA D 149 2.10 22.67 22.07
N PRO D 150 2.90 23.44 21.31
CA PRO D 150 2.57 23.77 19.92
C PRO D 150 2.57 22.56 18.99
N ILE D 151 3.24 21.47 19.37
CA ILE D 151 3.36 20.28 18.49
C ILE D 151 2.22 19.30 18.75
N LEU D 152 1.30 19.64 19.66
CA LEU D 152 0.18 18.73 20.03
C LEU D 152 -0.99 18.96 19.08
N CYS D 153 -0.90 19.96 18.20
CA CYS D 153 -1.95 20.19 17.18
C CYS D 153 -1.26 20.40 15.83
N ALA D 154 -0.61 21.55 15.65
CA ALA D 154 0.10 21.85 14.39
C ALA D 154 0.97 20.68 13.96
N GLY D 155 1.88 20.23 14.83
CA GLY D 155 2.79 19.13 14.48
C GLY D 155 2.06 17.91 13.94
N ILE D 156 1.14 17.35 14.72
CA ILE D 156 0.46 16.10 14.28
C ILE D 156 -0.26 16.35 12.96
N THR D 157 -0.92 17.50 12.82
CA THR D 157 -1.66 17.83 11.58
C THR D 157 -0.69 17.75 10.39
N VAL D 158 0.39 18.53 10.43
CA VAL D 158 1.34 18.58 9.28
C VAL D 158 1.90 17.18 9.01
N TYR D 159 2.20 16.41 10.07
CA TYR D 159 2.81 15.06 9.90
C TYR D 159 1.84 14.15 9.15
N LYS D 160 0.56 14.13 9.58
CA LYS D 160 -0.44 13.26 8.93
C LYS D 160 -0.68 13.76 7.49
N ALA D 161 -0.56 15.06 7.27
CA ALA D 161 -0.77 15.64 5.93
C ALA D 161 0.37 15.18 5.00
N LEU D 162 1.59 15.07 5.54
CA LEU D 162 2.75 14.64 4.74
C LEU D 162 2.70 13.12 4.55
N LYS D 163 1.95 12.42 5.42
CA LYS D 163 1.80 10.94 5.29
C LYS D 163 0.64 10.64 4.35
N SER D 164 -0.23 11.63 4.11
CA SER D 164 -1.41 11.44 3.22
C SER D 164 -1.04 11.77 1.78
N ALA D 165 0.16 12.32 1.57
CA ALA D 165 0.60 12.71 0.20
C ALA D 165 1.19 11.50 -0.50
N ASN D 166 1.44 10.42 0.24
CA ASN D 166 2.01 9.18 -0.36
C ASN D 166 3.28 9.54 -1.11
N LEU D 167 4.27 10.09 -0.40
CA LEU D 167 5.55 10.52 -1.04
C LEU D 167 6.65 9.53 -0.67
N MET D 168 7.72 9.46 -1.48
CA MET D 168 8.88 8.58 -1.17
C MET D 168 10.07 9.47 -0.86
N ALA D 169 11.12 8.91 -0.24
CA ALA D 169 12.32 9.70 0.12
C ALA D 169 13.05 10.13 -1.17
N GLY D 170 13.33 11.43 -1.31
CA GLY D 170 13.98 11.93 -2.53
C GLY D 170 12.98 12.61 -3.43
N HIS D 171 11.70 12.57 -3.06
CA HIS D 171 10.63 13.19 -3.88
C HIS D 171 10.51 14.67 -3.51
N TRP D 172 9.92 15.47 -4.41
CA TRP D 172 9.77 16.93 -4.16
C TRP D 172 8.43 17.21 -3.47
N VAL D 173 8.43 18.05 -2.44
CA VAL D 173 7.16 18.44 -1.77
C VAL D 173 7.10 19.97 -1.74
N ALA D 174 6.05 20.56 -2.30
CA ALA D 174 5.88 22.03 -2.28
C ALA D 174 4.99 22.42 -1.11
N ILE D 175 5.48 23.30 -0.24
CA ILE D 175 4.67 23.78 0.92
C ILE D 175 4.35 25.26 0.72
N SER D 176 3.06 25.59 0.52
CA SER D 176 2.65 27.01 0.39
C SER D 176 2.64 27.65 1.78
N GLY D 177 3.26 28.83 1.92
CA GLY D 177 3.39 29.45 3.26
C GLY D 177 4.38 28.67 4.09
N ALA D 178 5.62 28.51 3.59
CA ALA D 178 6.61 27.67 4.28
C ALA D 178 7.29 28.41 5.44
N ALA D 179 7.10 29.72 5.54
CA ALA D 179 7.75 30.52 6.60
C ALA D 179 6.69 30.99 7.60
N GLY D 180 5.54 30.30 7.65
CA GLY D 180 4.50 30.65 8.63
C GLY D 180 4.55 29.75 9.84
N GLY D 181 3.48 29.69 10.62
CA GLY D 181 3.45 28.87 11.84
C GLY D 181 3.27 27.39 11.53
N LEU D 182 2.30 27.07 10.67
CA LEU D 182 2.02 25.66 10.31
C LEU D 182 2.93 25.23 9.16
N GLY D 183 3.54 26.20 8.47
CA GLY D 183 4.43 25.90 7.34
C GLY D 183 5.83 25.53 7.79
N SER D 184 6.34 26.22 8.80
CA SER D 184 7.71 25.95 9.32
C SER D 184 7.81 24.51 9.82
N LEU D 185 6.85 24.10 10.64
CA LEU D 185 6.84 22.71 11.18
C LEU D 185 6.75 21.73 10.01
N ALA D 186 5.94 22.04 9.01
CA ALA D 186 5.81 21.16 7.81
C ALA D 186 7.18 20.98 7.16
N VAL D 187 7.86 22.09 6.88
CA VAL D 187 9.22 22.02 6.26
C VAL D 187 10.10 21.09 7.10
N GLN D 188 10.16 21.33 8.41
CA GLN D 188 11.06 20.54 9.29
C GLN D 188 10.71 19.04 9.21
N TYR D 189 9.42 18.70 9.32
CA TYR D 189 9.00 17.28 9.32
C TYR D 189 9.33 16.63 7.98
N ALA D 190 9.13 17.37 6.89
CA ALA D 190 9.41 16.82 5.54
C ALA D 190 10.91 16.60 5.34
N LYS D 191 11.74 17.48 5.92
CA LYS D 191 13.21 17.31 5.83
C LYS D 191 13.62 16.09 6.66
N ALA D 192 12.94 15.86 7.78
CA ALA D 192 13.28 14.71 8.65
C ALA D 192 12.74 13.41 8.05
N MET D 193 11.81 13.51 7.10
CA MET D 193 11.20 12.31 6.49
C MET D 193 11.95 11.93 5.20
N GLY D 194 12.89 12.77 4.76
CA GLY D 194 13.72 12.44 3.59
C GLY D 194 13.20 13.05 2.30
N TYR D 195 12.36 14.08 2.39
CA TYR D 195 11.77 14.70 1.17
C TYR D 195 12.53 15.99 0.84
N ARG D 196 12.54 16.37 -0.44
CA ARG D 196 13.18 17.65 -0.86
C ARG D 196 12.14 18.76 -0.74
N VAL D 197 12.39 19.78 0.08
CA VAL D 197 11.34 20.80 0.36
C VAL D 197 11.45 22.00 -0.57
N LEU D 198 10.32 22.44 -1.14
CA LEU D 198 10.30 23.67 -1.98
C LEU D 198 9.30 24.62 -1.32
N GLY D 199 9.74 25.78 -0.85
CA GLY D 199 8.85 26.69 -0.12
C GLY D 199 8.36 27.85 -0.96
N ILE D 200 7.06 28.14 -0.90
CA ILE D 200 6.50 29.30 -1.65
C ILE D 200 5.90 30.29 -0.65
N ASP D 201 6.71 31.24 -0.16
CA ASP D 201 6.19 32.29 0.76
C ASP D 201 6.80 33.63 0.34
N GLY D 202 6.17 34.75 0.71
CA GLY D 202 6.66 36.08 0.35
C GLY D 202 6.65 37.02 1.53
N GLY D 203 7.76 37.71 1.78
CA GLY D 203 7.86 38.63 2.92
C GLY D 203 9.30 39.02 3.20
N GLU D 204 9.55 39.62 4.37
CA GLU D 204 10.93 40.08 4.72
C GLU D 204 11.52 39.12 5.76
N GLY D 205 12.70 38.57 5.48
CA GLY D 205 13.37 37.65 6.42
C GLY D 205 12.75 36.26 6.39
N LYS D 206 11.95 35.97 5.36
CA LYS D 206 11.27 34.66 5.26
C LYS D 206 12.17 33.68 4.51
N GLU D 207 12.83 34.14 3.44
CA GLU D 207 13.77 33.28 2.69
C GLU D 207 14.86 32.78 3.64
N GLU D 208 15.39 33.67 4.48
CA GLU D 208 16.47 33.30 5.44
C GLU D 208 15.95 32.26 6.42
N LEU D 209 14.74 32.49 6.98
CA LEU D 209 14.18 31.55 7.98
C LEU D 209 13.92 30.20 7.31
N PHE D 210 13.65 30.20 6.00
CA PHE D 210 13.38 28.94 5.27
C PHE D 210 14.68 28.18 5.05
N ARG D 211 15.74 28.89 4.72
CA ARG D 211 17.06 28.24 4.46
C ARG D 211 17.67 27.80 5.79
N SER D 212 17.16 28.34 6.90
CA SER D 212 17.67 27.99 8.25
C SER D 212 16.85 26.85 8.84
N ILE D 213 15.67 26.58 8.27
CA ILE D 213 14.78 25.49 8.78
C ILE D 213 15.16 24.18 8.07
N GLY D 214 15.71 24.28 6.86
CA GLY D 214 16.12 23.08 6.09
C GLY D 214 15.48 23.05 4.72
N GLY D 215 15.09 24.23 4.20
CA GLY D 215 14.47 24.33 2.86
C GLY D 215 15.50 24.33 1.75
N GLU D 216 15.23 23.63 0.65
CA GLU D 216 16.16 23.57 -0.50
C GLU D 216 15.92 24.76 -1.42
N VAL D 217 14.74 24.83 -2.04
CA VAL D 217 14.43 25.94 -2.99
C VAL D 217 13.33 26.82 -2.39
N PHE D 218 13.43 28.13 -2.58
CA PHE D 218 12.41 29.07 -2.05
C PHE D 218 11.88 29.94 -3.20
N ILE D 219 10.56 29.98 -3.39
CA ILE D 219 9.95 30.84 -4.44
C ILE D 219 9.29 32.04 -3.76
N ASP D 220 9.82 33.25 -3.97
CA ASP D 220 9.20 34.47 -3.41
C ASP D 220 8.05 34.89 -4.32
N PHE D 221 6.81 34.77 -3.84
CA PHE D 221 5.62 35.08 -4.70
C PHE D 221 5.49 36.60 -4.86
N THR D 222 6.28 37.36 -4.12
CA THR D 222 6.22 38.85 -4.21
C THR D 222 7.16 39.32 -5.32
N LYS D 223 8.20 38.54 -5.62
CA LYS D 223 9.20 38.93 -6.64
C LYS D 223 9.01 38.06 -7.89
N GLU D 224 8.14 37.05 -7.81
CA GLU D 224 7.87 36.16 -8.96
C GLU D 224 6.47 36.43 -9.48
N LYS D 225 6.32 36.59 -10.80
CA LYS D 225 4.99 36.90 -11.40
C LYS D 225 4.31 35.59 -11.80
N ASP D 226 5.08 34.59 -12.23
CA ASP D 226 4.51 33.26 -12.58
C ASP D 226 5.07 32.23 -11.60
N ILE D 227 4.23 31.73 -10.68
CA ILE D 227 4.70 30.76 -9.65
C ILE D 227 4.69 29.36 -10.25
N VAL D 228 3.68 29.05 -11.07
CA VAL D 228 3.56 27.67 -11.67
C VAL D 228 4.83 27.38 -12.47
N GLY D 229 5.23 28.29 -13.36
CA GLY D 229 6.45 28.10 -14.16
C GLY D 229 7.68 27.88 -13.30
N ALA D 230 7.83 28.67 -12.23
CA ALA D 230 8.99 28.56 -11.33
C ALA D 230 9.00 27.17 -10.68
N VAL D 231 7.85 26.71 -10.19
CA VAL D 231 7.79 25.41 -9.48
C VAL D 231 8.01 24.27 -10.49
N LEU D 232 7.66 24.50 -11.75
CA LEU D 232 7.78 23.43 -12.79
C LEU D 232 9.23 23.41 -13.31
N LYS D 233 9.98 24.48 -13.07
CA LYS D 233 11.40 24.55 -13.53
C LYS D 233 12.33 24.07 -12.41
N ALA D 234 11.96 24.29 -11.14
CA ALA D 234 12.84 23.93 -10.01
C ALA D 234 12.70 22.45 -9.68
N THR D 235 11.66 21.79 -10.17
CA THR D 235 11.41 20.37 -9.80
C THR D 235 11.42 19.50 -11.05
N ASP D 236 12.28 19.81 -12.03
CA ASP D 236 12.36 19.03 -13.29
C ASP D 236 10.95 18.60 -13.69
N GLY D 237 9.97 19.49 -13.52
CA GLY D 237 8.58 19.15 -13.80
C GLY D 237 7.70 19.74 -12.72
N GLY D 238 6.91 18.91 -12.03
CA GLY D 238 6.10 19.39 -10.91
C GLY D 238 6.50 18.74 -9.61
N ALA D 239 5.97 19.22 -8.49
CA ALA D 239 6.25 18.60 -7.18
C ALA D 239 5.40 17.34 -7.02
N HIS D 240 6.00 16.25 -6.54
CA HIS D 240 5.25 14.97 -6.38
C HIS D 240 4.08 15.20 -5.42
N GLY D 241 4.28 16.03 -4.40
CA GLY D 241 3.20 16.35 -3.44
C GLY D 241 3.15 17.83 -3.13
N VAL D 242 1.96 18.34 -2.85
CA VAL D 242 1.79 19.79 -2.51
C VAL D 242 0.96 19.90 -1.24
N ILE D 243 1.56 20.41 -0.16
CA ILE D 243 0.80 20.63 1.12
C ILE D 243 0.28 22.07 1.10
N ASN D 244 -1.04 22.24 1.11
CA ASN D 244 -1.65 23.60 1.03
C ASN D 244 -1.92 24.11 2.45
N VAL D 245 -1.01 24.93 2.99
CA VAL D 245 -1.23 25.53 4.34
C VAL D 245 -1.85 26.91 4.13
N SER D 246 -1.87 27.40 2.89
CA SER D 246 -2.52 28.69 2.56
C SER D 246 -4.01 28.44 2.31
N VAL D 247 -4.89 29.30 2.83
CA VAL D 247 -6.36 29.05 2.73
C VAL D 247 -6.91 29.80 1.51
N SER D 248 -6.11 30.59 0.77
CA SER D 248 -6.65 31.39 -0.37
C SER D 248 -7.13 30.51 -1.53
N GLU D 249 -8.08 30.97 -2.38
CA GLU D 249 -8.46 30.00 -3.45
C GLU D 249 -7.42 30.05 -4.57
N ALA D 250 -6.87 31.23 -4.84
CA ALA D 250 -5.86 31.39 -5.90
C ALA D 250 -4.72 30.39 -5.65
N ALA D 251 -4.24 30.33 -4.41
CA ALA D 251 -3.12 29.43 -4.07
C ALA D 251 -3.48 27.97 -4.41
N ILE D 252 -4.65 27.50 -3.98
CA ILE D 252 -5.03 26.07 -4.20
C ILE D 252 -5.18 25.79 -5.70
N GLU D 253 -5.64 26.78 -6.48
CA GLU D 253 -5.74 26.59 -7.96
C GLU D 253 -4.34 26.43 -8.54
N ALA D 254 -3.44 27.35 -8.21
CA ALA D 254 -2.05 27.24 -8.71
C ALA D 254 -1.45 25.93 -8.21
N SER D 255 -1.96 25.40 -7.09
CA SER D 255 -1.44 24.15 -6.50
C SER D 255 -1.80 22.97 -7.40
N THR D 256 -3.06 22.88 -7.81
CA THR D 256 -3.49 21.81 -8.74
C THR D 256 -2.71 21.92 -10.06
N ARG D 257 -2.24 23.14 -10.40
CA ARG D 257 -1.57 23.31 -11.72
C ARG D 257 -0.09 22.91 -11.67
N TYR D 258 0.62 23.15 -10.55
CA TYR D 258 2.08 22.87 -10.51
C TYR D 258 2.37 21.55 -9.80
N VAL D 259 1.40 20.64 -9.78
CA VAL D 259 1.62 19.28 -9.19
C VAL D 259 2.11 18.36 -10.31
N ARG D 260 2.94 17.37 -9.97
CA ARG D 260 3.46 16.42 -10.99
C ARG D 260 2.33 15.49 -11.40
N ALA D 261 2.43 14.87 -12.58
CA ALA D 261 1.42 13.90 -13.03
C ALA D 261 1.42 12.71 -12.07
N ASN D 262 0.24 12.31 -11.60
CA ASN D 262 0.13 11.16 -10.66
C ASN D 262 0.52 11.63 -9.26
N GLY D 263 0.43 12.94 -9.00
CA GLY D 263 0.80 13.49 -7.68
C GLY D 263 -0.41 13.75 -6.82
N THR D 264 -0.20 14.14 -5.56
CA THR D 264 -1.33 14.37 -4.62
C THR D 264 -1.25 15.79 -4.04
N THR D 265 -2.39 16.48 -3.95
CA THR D 265 -2.44 17.81 -3.31
C THR D 265 -3.21 17.65 -1.99
N VAL D 266 -2.59 17.96 -0.86
CA VAL D 266 -3.25 17.75 0.46
C VAL D 266 -3.84 19.07 0.97
N LEU D 267 -5.11 19.06 1.39
CA LEU D 267 -5.75 20.27 1.94
C LEU D 267 -5.79 20.17 3.47
N VAL D 268 -5.25 21.17 4.17
CA VAL D 268 -5.17 21.12 5.66
C VAL D 268 -6.05 22.22 6.25
N GLY D 269 -5.98 23.44 5.71
CA GLY D 269 -6.78 24.57 6.22
C GLY D 269 -8.25 24.36 5.95
N MET D 270 -9.12 24.97 6.77
CA MET D 270 -10.59 24.74 6.63
C MET D 270 -11.34 26.06 6.74
N PRO D 271 -11.24 26.99 5.75
CA PRO D 271 -12.04 28.22 5.77
C PRO D 271 -13.47 27.90 5.33
N ALA D 272 -14.39 27.68 6.28
CA ALA D 272 -15.77 27.29 5.94
C ALA D 272 -16.40 28.30 4.97
N GLY D 273 -16.65 27.87 3.73
CA GLY D 273 -17.24 28.77 2.72
C GLY D 273 -16.41 28.82 1.46
N ALA D 274 -15.21 28.24 1.50
CA ALA D 274 -14.29 28.28 0.33
C ALA D 274 -14.59 27.10 -0.60
N LYS D 275 -14.00 27.09 -1.80
CA LYS D 275 -14.26 26.02 -2.79
C LYS D 275 -13.07 25.87 -3.72
N CYS D 276 -12.70 24.63 -4.06
CA CYS D 276 -11.55 24.37 -4.96
C CYS D 276 -12.03 24.31 -6.41
N CYS D 277 -12.90 25.24 -6.81
CA CYS D 277 -13.39 25.32 -8.21
C CYS D 277 -12.07 25.07 -8.97
N SER D 278 -11.99 23.94 -9.68
CA SER D 278 -10.76 23.61 -10.45
C SER D 278 -11.14 22.90 -11.75
N ASP D 279 -10.20 22.86 -12.71
CA ASP D 279 -10.49 22.19 -14.01
C ASP D 279 -10.47 20.67 -13.80
N VAL D 280 -11.49 19.97 -14.29
CA VAL D 280 -11.58 18.49 -14.09
C VAL D 280 -10.76 17.81 -15.19
N PHE D 281 -10.74 18.37 -16.39
CA PHE D 281 -9.97 17.77 -17.52
C PHE D 281 -8.52 17.55 -17.09
N ASN D 282 -7.87 18.58 -16.56
CA ASN D 282 -6.45 18.48 -16.13
C ASN D 282 -6.30 17.33 -15.13
N GLN D 283 -7.11 17.31 -14.07
CA GLN D 283 -6.97 16.27 -13.02
C GLN D 283 -7.15 14.88 -13.62
N VAL D 284 -8.10 14.71 -14.54
CA VAL D 284 -8.38 13.34 -15.09
C VAL D 284 -7.25 12.93 -16.02
N VAL D 285 -6.67 13.85 -16.79
CA VAL D 285 -5.62 13.49 -17.78
C VAL D 285 -4.30 13.22 -17.06
N LYS D 286 -3.96 14.03 -16.07
CA LYS D 286 -2.65 13.87 -15.37
C LYS D 286 -2.82 12.94 -14.16
N SER D 287 -4.04 12.47 -13.92
CA SER D 287 -4.29 11.50 -12.81
C SER D 287 -3.88 12.11 -11.47
N ILE D 288 -4.31 13.34 -11.19
CA ILE D 288 -3.96 14.04 -9.92
C ILE D 288 -4.97 13.66 -8.84
N SER D 289 -4.55 13.61 -7.59
CA SER D 289 -5.47 13.28 -6.46
C SER D 289 -5.50 14.45 -5.47
N ILE D 290 -6.70 14.93 -5.13
CA ILE D 290 -6.83 16.00 -4.10
C ILE D 290 -7.32 15.34 -2.81
N VAL D 291 -6.46 15.24 -1.80
CA VAL D 291 -6.83 14.54 -0.53
C VAL D 291 -7.03 15.58 0.58
N GLY D 292 -8.03 15.39 1.43
CA GLY D 292 -8.24 16.29 2.58
C GLY D 292 -7.77 15.62 3.85
N SER D 293 -7.07 16.35 4.72
CA SER D 293 -6.51 15.76 5.96
C SER D 293 -7.01 16.50 7.19
N TYR D 294 -7.38 15.77 8.24
CA TYR D 294 -7.87 16.39 9.50
C TYR D 294 -6.86 16.07 10.60
N VAL D 295 -7.33 16.01 11.86
CA VAL D 295 -6.43 15.72 13.01
C VAL D 295 -5.87 14.30 12.88
N GLY D 296 -4.73 14.03 13.55
CA GLY D 296 -4.09 12.70 13.46
C GLY D 296 -4.60 11.73 14.50
N ASN D 297 -4.21 10.46 14.40
CA ASN D 297 -4.70 9.41 15.35
C ASN D 297 -3.67 9.21 16.46
N ARG D 298 -3.84 8.16 17.27
CA ARG D 298 -2.92 7.89 18.41
C ARG D 298 -1.53 7.54 17.87
N ALA D 299 -1.45 6.66 16.88
CA ALA D 299 -0.15 6.24 16.31
C ALA D 299 0.57 7.46 15.75
N ASP D 300 -0.14 8.29 14.98
CA ASP D 300 0.46 9.52 14.39
C ASP D 300 1.01 10.40 15.50
N THR D 301 0.24 10.62 16.56
CA THR D 301 0.71 11.43 17.71
C THR D 301 2.05 10.87 18.19
N ARG D 302 2.09 9.58 18.53
CA ARG D 302 3.34 8.95 19.01
C ARG D 302 4.49 9.28 18.05
N GLU D 303 4.33 8.97 16.77
CA GLU D 303 5.44 9.16 15.78
C GLU D 303 5.92 10.62 15.74
N ALA D 304 5.00 11.57 15.68
CA ALA D 304 5.38 13.01 15.58
C ALA D 304 6.13 13.44 16.85
N LEU D 305 5.66 13.00 18.01
CA LEU D 305 6.32 13.38 19.29
C LEU D 305 7.71 12.74 19.33
N ASP D 306 7.88 11.56 18.72
CA ASP D 306 9.20 10.89 18.67
C ASP D 306 10.17 11.76 17.86
N PHE D 307 9.71 12.30 16.73
CA PHE D 307 10.58 13.22 15.95
C PHE D 307 11.00 14.40 16.85
N PHE D 308 10.03 14.99 17.55
CA PHE D 308 10.34 16.16 18.43
C PHE D 308 11.39 15.76 19.47
N ALA D 309 11.30 14.55 20.02
CA ALA D 309 12.24 14.10 21.06
C ALA D 309 13.64 13.91 20.46
N ARG D 310 13.72 13.31 19.27
CA ARG D 310 15.03 13.16 18.58
C ARG D 310 15.63 14.55 18.39
N GLY D 311 14.80 15.58 18.21
CA GLY D 311 15.31 16.95 18.11
C GLY D 311 15.41 17.44 16.68
N LEU D 312 14.51 16.96 15.82
CA LEU D 312 14.57 17.31 14.38
C LEU D 312 13.46 18.33 14.07
N VAL D 313 12.55 18.55 15.02
CA VAL D 313 11.44 19.52 14.83
C VAL D 313 11.48 20.53 15.98
N LYS D 314 11.44 21.83 15.67
CA LYS D 314 11.52 22.88 16.72
C LYS D 314 10.52 23.99 16.39
N SER D 315 9.98 24.65 17.43
CA SER D 315 9.01 25.76 17.22
C SER D 315 9.41 26.96 18.08
N PRO D 316 9.83 28.10 17.50
CA PRO D 316 10.13 29.30 18.29
C PRO D 316 8.82 29.85 18.87
N ILE D 317 8.64 29.80 20.19
CA ILE D 317 7.33 30.21 20.80
C ILE D 317 7.51 31.43 21.71
N LYS D 318 6.41 32.10 22.06
CA LYS D 318 6.46 33.25 23.01
C LYS D 318 5.54 32.91 24.19
N VAL D 319 6.07 32.91 25.41
CA VAL D 319 5.26 32.49 26.59
C VAL D 319 4.59 33.71 27.23
N VAL D 320 3.30 33.61 27.55
CA VAL D 320 2.58 34.72 28.24
C VAL D 320 1.69 34.08 29.31
N GLY D 321 1.27 34.85 30.32
CA GLY D 321 0.44 34.30 31.41
C GLY D 321 -0.96 33.99 30.97
N LEU D 322 -1.73 33.26 31.80
CA LEU D 322 -3.13 32.90 31.48
C LEU D 322 -4.04 34.09 31.81
N SER D 323 -3.56 34.99 32.67
CA SER D 323 -4.37 36.16 33.09
C SER D 323 -4.46 37.17 31.94
N THR D 324 -3.74 36.92 30.85
CA THR D 324 -3.70 37.88 29.72
C THR D 324 -4.34 37.27 28.47
N LEU D 325 -4.88 36.05 28.60
CA LEU D 325 -5.48 35.35 27.43
C LEU D 325 -6.73 36.13 26.97
N PRO D 326 -7.49 36.76 27.87
CA PRO D 326 -8.65 37.57 27.48
C PRO D 326 -8.31 38.63 26.44
N GLU D 327 -7.06 39.08 26.37
CA GLU D 327 -6.65 40.15 25.43
C GLU D 327 -5.99 39.52 24.19
N ILE D 328 -5.34 38.38 24.38
CA ILE D 328 -4.73 37.65 23.22
C ILE D 328 -5.85 37.25 22.28
N TYR D 329 -7.01 36.87 22.82
CA TYR D 329 -8.18 36.47 21.99
C TYR D 329 -8.59 37.65 21.10
N GLU D 330 -8.60 38.86 21.67
CA GLU D 330 -9.01 40.06 20.90
C GLU D 330 -7.98 40.34 19.82
N LYS D 331 -6.69 40.19 20.13
CA LYS D 331 -5.64 40.39 19.09
C LYS D 331 -5.82 39.34 18.00
N MET D 332 -6.22 38.12 18.37
CA MET D 332 -6.40 37.01 17.40
C MET D 332 -7.61 37.31 16.52
N GLU D 333 -8.64 37.95 17.08
CA GLU D 333 -9.84 38.32 16.29
C GLU D 333 -9.50 39.48 15.36
N LYS D 334 -8.57 40.34 15.79
CA LYS D 334 -8.14 41.49 14.93
C LYS D 334 -7.19 40.96 13.85
N GLY D 335 -6.61 39.77 14.06
CA GLY D 335 -5.71 39.17 13.07
C GLY D 335 -4.35 39.84 13.07
N GLN D 336 -3.83 40.16 14.25
CA GLN D 336 -2.53 40.86 14.36
C GLN D 336 -1.57 39.99 15.20
N ILE D 337 -1.93 38.72 15.41
CA ILE D 337 -1.10 37.82 16.26
C ILE D 337 0.10 37.32 15.46
N VAL D 338 1.31 37.42 16.03
CA VAL D 338 2.54 36.99 15.31
C VAL D 338 3.21 35.85 16.10
N GLY D 339 3.69 34.82 15.42
CA GLY D 339 4.36 33.69 16.09
C GLY D 339 3.37 32.77 16.77
N ARG D 340 3.84 31.62 17.26
CA ARG D 340 2.96 30.68 18.01
C ARG D 340 2.92 31.11 19.47
N TYR D 341 1.72 31.23 20.05
CA TYR D 341 1.59 31.73 21.45
C TYR D 341 1.36 30.55 22.40
N VAL D 342 2.08 30.53 23.53
CA VAL D 342 1.88 29.47 24.55
C VAL D 342 1.56 30.17 25.88
N VAL D 343 0.55 29.69 26.61
CA VAL D 343 0.11 30.40 27.86
C VAL D 343 0.56 29.59 29.08
N ASP D 344 1.16 30.27 30.08
CA ASP D 344 1.54 29.60 31.34
C ASP D 344 0.34 29.65 32.28
N THR D 345 -0.18 28.49 32.69
CA THR D 345 -1.39 28.44 33.54
C THR D 345 -1.02 28.76 34.99
N SER D 346 0.27 28.74 35.33
CA SER D 346 0.73 29.01 36.72
C SER D 346 0.49 30.48 37.06
N LYS D 347 0.95 31.38 36.20
CA LYS D 347 0.74 32.85 36.43
C LYS D 347 -0.62 33.24 35.89
#